data_1FAY
#
_entry.id   1FAY
#
_cell.length_a   134.530
_cell.length_b   125.910
_cell.length_c   138.790
_cell.angle_alpha   90.00
_cell.angle_beta   95.89
_cell.angle_gamma   90.00
#
_symmetry.space_group_name_H-M   'C 1 2 1'
#
loop_
_entity.id
_entity.type
_entity.pdbx_description
1 polymer 'ACIDIC LECTIN'
2 branched 2-acetamido-2-deoxy-beta-D-glucopyranose-(1-4)-2-acetamido-2-deoxy-beta-D-glucopyranose
3 non-polymer 'methyl alpha-D-galactopyranoside'
4 non-polymer 'MANGANESE (II) ION'
5 non-polymer 'CALCIUM ION'
6 water water
#
_entity_poly.entity_id   1
_entity_poly.type   'polypeptide(L)'
_entity_poly.pdbx_seq_one_letter_code
;ETQSFNFDHFEENSKELNLQRQASIKSNGVLELTKLTKNGVPVWKSTGRALYAEPIKIWDSTTGNVASFETRFSFNITQP
YAYPEPADGLTFFMVPPNSPQGEDGGNLGVFKPPEGDNAFAVEFDTFQNTWDPQVPHIGIDVNSIVSSKTLHFQLENGGV
ANVVIKYDSPTKILNVVLAFHSVGTVYTLSNIVDLKQEFPNSEWVNVGLSATTGYQKNAVETHEIISWSFTSSLQETN
;
_entity_poly.pdbx_strand_id   A,B,C,D,E,F,G,H
#
# COMPACT_ATOMS: atom_id res chain seq x y z
N GLU A 1 49.31 45.64 15.92
CA GLU A 1 48.39 45.67 17.10
C GLU A 1 46.97 46.10 16.74
N THR A 2 46.79 46.81 15.63
CA THR A 2 45.43 47.22 15.32
C THR A 2 45.15 47.32 13.83
N GLN A 3 44.01 46.78 13.41
CA GLN A 3 43.59 46.81 12.00
C GLN A 3 42.19 47.40 11.96
N SER A 4 41.97 48.38 11.09
CA SER A 4 40.65 49.01 11.00
C SER A 4 40.28 49.33 9.57
N PHE A 5 39.00 49.60 9.38
CA PHE A 5 38.49 49.99 8.08
C PHE A 5 37.09 50.51 8.27
N ASN A 6 36.72 51.54 7.50
CA ASN A 6 35.41 52.15 7.63
C ASN A 6 34.86 52.60 6.28
N PHE A 7 33.59 52.27 6.05
CA PHE A 7 32.88 52.63 4.82
C PHE A 7 31.61 53.38 5.20
N ASP A 8 31.63 54.71 5.27
CA ASP A 8 30.41 55.42 5.64
C ASP A 8 29.48 55.37 4.44
N HIS A 9 30.04 54.90 3.33
CA HIS A 9 29.32 54.75 2.06
C HIS A 9 30.20 53.84 1.19
N PHE A 10 29.66 53.31 0.09
CA PHE A 10 30.44 52.44 -0.78
C PHE A 10 30.77 53.05 -2.13
N GLU A 11 32.05 53.28 -2.40
CA GLU A 11 32.47 53.87 -3.67
C GLU A 11 32.74 52.73 -4.66
N GLU A 12 32.35 52.93 -5.92
CA GLU A 12 32.55 51.91 -6.96
C GLU A 12 34.03 51.70 -7.24
N ASN A 13 34.40 50.45 -7.49
CA ASN A 13 35.79 50.07 -7.78
C ASN A 13 36.82 50.41 -6.68
N SER A 14 36.44 50.23 -5.42
CA SER A 14 37.35 50.50 -4.30
C SER A 14 38.36 49.35 -4.29
N LYS A 15 39.61 49.65 -3.95
CA LYS A 15 40.64 48.62 -3.91
C LYS A 15 40.68 47.92 -2.55
N GLU A 16 39.65 48.15 -1.72
CA GLU A 16 39.59 47.57 -0.39
C GLU A 16 38.59 46.42 -0.24
N LEU A 17 37.70 46.29 -1.21
CA LEU A 17 36.63 45.30 -1.11
C LEU A 17 36.46 44.30 -2.25
N ASN A 18 37.05 43.13 -2.15
CA ASN A 18 36.89 42.14 -3.21
C ASN A 18 35.46 41.57 -3.34
N LEU A 19 34.61 42.12 -4.23
CA LEU A 19 33.26 41.57 -4.44
C LEU A 19 33.23 40.22 -5.17
N GLN A 20 32.23 39.39 -4.85
CA GLN A 20 32.06 38.06 -5.45
C GLN A 20 30.62 37.79 -5.90
N ARG A 21 30.46 37.05 -6.98
CA ARG A 21 29.16 36.71 -7.54
C ARG A 21 28.19 37.90 -7.67
N GLN A 22 26.89 37.62 -7.60
CA GLN A 22 25.85 38.64 -7.73
C GLN A 22 26.07 40.00 -7.02
N ALA A 23 27.01 40.05 -6.08
CA ALA A 23 27.29 41.27 -5.32
C ALA A 23 27.91 42.38 -6.16
N SER A 24 27.26 43.53 -6.18
CA SER A 24 27.71 44.69 -6.93
C SER A 24 27.53 45.95 -6.09
N ILE A 25 27.88 47.10 -6.65
CA ILE A 25 27.70 48.36 -5.91
C ILE A 25 26.85 49.35 -6.67
N LYS A 26 25.66 49.67 -6.14
CA LYS A 26 24.78 50.62 -6.79
C LYS A 26 25.46 51.99 -6.88
N SER A 27 24.86 52.87 -7.66
CA SER A 27 25.35 54.22 -7.83
C SER A 27 25.04 55.08 -6.61
N ASN A 28 24.04 54.69 -5.83
CA ASN A 28 23.65 55.46 -4.64
C ASN A 28 24.71 55.37 -3.53
N GLY A 29 25.74 54.56 -3.75
CA GLY A 29 26.78 54.42 -2.74
C GLY A 29 26.42 53.35 -1.73
N VAL A 30 25.67 52.35 -2.22
CA VAL A 30 25.21 51.23 -1.41
C VAL A 30 25.73 49.92 -1.97
N LEU A 31 26.00 48.97 -1.09
CA LEU A 31 26.48 47.66 -1.50
C LEU A 31 25.27 46.75 -1.61
N GLU A 32 25.00 46.26 -2.82
CA GLU A 32 23.86 45.37 -3.04
C GLU A 32 24.38 43.94 -3.13
N LEU A 33 24.15 43.17 -2.08
CA LEU A 33 24.63 41.79 -2.06
C LEU A 33 23.93 40.82 -3.00
N THR A 34 22.62 40.94 -3.17
CA THR A 34 21.91 40.03 -4.09
C THR A 34 20.91 40.73 -4.97
N LYS A 35 21.00 40.48 -6.27
CA LYS A 35 20.10 41.09 -7.25
C LYS A 35 18.70 40.45 -7.14
N LEU A 36 17.71 41.27 -7.40
CA LEU A 36 16.31 40.88 -7.34
C LEU A 36 15.78 40.68 -8.76
N THR A 37 16.47 41.32 -9.72
CA THR A 37 16.14 41.26 -11.15
C THR A 37 17.40 41.52 -12.00
N LYS A 38 17.67 40.66 -12.98
CA LYS A 38 18.83 40.90 -13.82
C LYS A 38 18.46 41.33 -15.24
N ASN A 39 18.81 42.55 -15.61
CA ASN A 39 18.55 43.08 -16.96
C ASN A 39 17.10 43.42 -17.30
N GLY A 40 16.19 43.08 -16.40
CA GLY A 40 14.78 43.42 -16.56
C GLY A 40 13.82 42.33 -16.11
N VAL A 41 14.29 41.08 -16.15
CA VAL A 41 13.49 39.92 -15.75
C VAL A 41 13.84 39.47 -14.32
N PRO A 42 12.81 39.14 -13.50
CA PRO A 42 13.03 38.71 -12.11
C PRO A 42 13.78 37.38 -11.94
N VAL A 43 14.66 37.32 -10.93
CA VAL A 43 15.46 36.12 -10.65
C VAL A 43 15.48 35.66 -9.18
N TRP A 44 16.04 34.46 -8.98
CA TRP A 44 16.16 33.85 -7.66
C TRP A 44 17.49 33.09 -7.57
N LYS A 45 17.68 32.32 -6.50
CA LYS A 45 18.92 31.56 -6.25
C LYS A 45 20.12 32.50 -6.42
N SER A 46 19.97 33.73 -5.95
CA SER A 46 21.02 34.74 -6.05
C SER A 46 21.93 34.67 -4.82
N THR A 47 23.23 34.88 -5.04
CA THR A 47 24.19 34.82 -3.95
C THR A 47 25.24 35.90 -4.08
N GLY A 48 25.42 36.70 -3.04
CA GLY A 48 26.42 37.75 -3.11
C GLY A 48 27.27 37.85 -1.86
N ARG A 49 28.58 37.92 -2.06
CA ARG A 49 29.52 38.02 -0.95
C ARG A 49 30.41 39.23 -1.19
N ALA A 50 30.92 39.83 -0.11
CA ALA A 50 31.82 40.99 -0.22
C ALA A 50 32.83 40.91 0.89
N LEU A 51 34.10 40.77 0.54
CA LEU A 51 35.13 40.67 1.56
C LEU A 51 35.99 41.91 1.65
N TYR A 52 36.84 41.95 2.66
CA TYR A 52 37.74 43.08 2.83
C TYR A 52 39.07 42.54 2.38
N ALA A 53 39.67 43.23 1.42
CA ALA A 53 40.95 42.87 0.80
C ALA A 53 42.05 42.30 1.69
N GLU A 54 42.33 42.96 2.80
CA GLU A 54 43.39 42.49 3.69
C GLU A 54 42.91 41.49 4.74
N PRO A 55 43.71 40.44 4.99
CA PRO A 55 43.36 39.43 5.99
C PRO A 55 43.53 40.03 7.39
N ILE A 56 42.56 39.77 8.25
CA ILE A 56 42.60 40.26 9.62
C ILE A 56 43.21 39.18 10.51
N LYS A 57 44.18 39.55 11.35
CA LYS A 57 44.77 38.57 12.25
C LYS A 57 43.92 38.42 13.51
N ILE A 58 43.54 37.19 13.82
CA ILE A 58 42.73 36.98 15.00
C ILE A 58 43.48 36.43 16.21
N TRP A 59 44.61 35.79 15.99
CA TRP A 59 45.40 35.30 17.13
C TRP A 59 46.87 35.09 16.75
N ASP A 60 47.74 35.17 17.73
CA ASP A 60 49.18 35.04 17.52
C ASP A 60 49.71 33.70 18.04
N SER A 61 50.35 32.93 17.17
CA SER A 61 50.89 31.64 17.55
C SER A 61 51.91 31.72 18.68
N THR A 62 52.85 32.65 18.55
CA THR A 62 53.93 32.84 19.50
C THR A 62 53.53 33.34 20.90
N THR A 63 52.86 34.50 20.94
CA THR A 63 52.38 35.10 22.20
C THR A 63 51.26 34.26 22.83
N GLY A 64 50.33 33.84 21.97
CA GLY A 64 49.20 33.02 22.38
C GLY A 64 47.95 33.85 22.59
N ASN A 65 47.99 35.13 22.24
CA ASN A 65 46.83 35.97 22.45
C ASN A 65 45.83 36.04 21.32
N VAL A 66 44.56 36.11 21.70
CA VAL A 66 43.46 36.18 20.76
C VAL A 66 43.04 37.63 20.63
N ALA A 67 42.66 38.03 19.42
CA ALA A 67 42.24 39.40 19.16
C ALA A 67 40.85 39.66 19.70
N SER A 68 40.52 40.94 19.81
CA SER A 68 39.20 41.38 20.27
C SER A 68 38.76 42.33 19.17
N PHE A 69 37.59 42.10 18.60
CA PHE A 69 37.18 42.97 17.51
C PHE A 69 35.77 43.42 17.68
N GLU A 70 35.40 44.46 16.94
CA GLU A 70 34.06 44.98 16.99
C GLU A 70 33.76 45.45 15.59
N THR A 71 32.59 45.09 15.08
CA THR A 71 32.22 45.51 13.75
C THR A 71 30.77 45.95 13.74
N ARG A 72 30.48 47.02 13.00
CA ARG A 72 29.14 47.57 12.91
C ARG A 72 28.78 47.74 11.45
N PHE A 73 27.49 47.66 11.14
CA PHE A 73 27.03 47.85 9.78
C PHE A 73 25.53 48.02 9.77
N SER A 74 25.03 48.74 8.77
CA SER A 74 23.60 48.98 8.61
C SER A 74 23.15 48.22 7.39
N PHE A 75 21.99 47.59 7.45
CA PHE A 75 21.50 46.86 6.31
C PHE A 75 20.02 47.12 6.14
N ASN A 76 19.55 46.89 4.92
CA ASN A 76 18.15 47.11 4.62
C ASN A 76 17.62 45.92 3.85
N ILE A 77 16.66 45.23 4.46
CA ILE A 77 16.05 44.06 3.86
C ILE A 77 14.58 44.37 3.58
N THR A 78 14.18 44.30 2.31
CA THR A 78 12.79 44.53 1.95
C THR A 78 12.29 43.25 1.31
N GLN A 79 11.16 42.76 1.83
CA GLN A 79 10.52 41.54 1.35
C GLN A 79 9.22 41.99 0.67
N PRO A 80 9.21 42.06 -0.68
CA PRO A 80 8.09 42.47 -1.51
C PRO A 80 6.81 41.66 -1.41
N TYR A 81 6.93 40.34 -1.50
CA TYR A 81 5.75 39.47 -1.49
C TYR A 81 5.51 38.71 -0.18
N ALA A 82 4.31 38.14 -0.04
CA ALA A 82 3.92 37.38 1.15
C ALA A 82 3.87 35.87 0.86
N TYR A 83 3.71 35.53 -0.42
CA TYR A 83 3.67 34.14 -0.89
C TYR A 83 4.32 34.10 -2.27
N PRO A 84 5.28 33.20 -2.51
CA PRO A 84 5.72 32.26 -1.51
C PRO A 84 6.51 32.98 -0.44
N GLU A 85 6.76 32.32 0.70
CA GLU A 85 7.52 32.91 1.80
C GLU A 85 8.92 33.29 1.30
N PRO A 86 9.49 34.42 1.78
CA PRO A 86 10.79 34.98 1.43
C PRO A 86 12.02 34.23 1.94
N ALA A 87 13.16 34.43 1.30
CA ALA A 87 14.40 33.77 1.69
C ALA A 87 15.62 34.45 1.06
N ASP A 88 16.83 34.19 1.56
CA ASP A 88 17.12 33.30 2.67
C ASP A 88 17.67 34.02 3.91
N GLY A 89 18.55 34.98 3.68
CA GLY A 89 19.13 35.69 4.80
C GLY A 89 20.38 36.46 4.44
N LEU A 90 20.93 37.13 5.44
CA LEU A 90 22.11 37.96 5.29
C LEU A 90 23.06 37.58 6.42
N THR A 91 24.37 37.69 6.20
CA THR A 91 25.28 37.30 7.26
C THR A 91 26.70 37.83 7.22
N PHE A 92 27.25 38.09 8.40
CA PHE A 92 28.62 38.54 8.55
C PHE A 92 29.38 37.23 8.77
N PHE A 93 30.60 37.14 8.28
CA PHE A 93 31.33 35.88 8.44
C PHE A 93 32.83 36.01 8.36
N MET A 94 33.52 35.02 8.91
CA MET A 94 34.97 35.01 8.89
C MET A 94 35.41 33.64 8.45
N VAL A 95 36.25 33.58 7.43
CA VAL A 95 36.76 32.30 6.94
C VAL A 95 38.27 32.42 6.79
N PRO A 96 38.97 31.28 6.67
CA PRO A 96 40.42 31.36 6.51
C PRO A 96 40.70 31.83 5.07
N PRO A 97 41.91 32.34 4.81
CA PRO A 97 42.23 32.81 3.46
C PRO A 97 42.27 31.66 2.46
N ASN A 98 41.94 31.95 1.21
CA ASN A 98 41.94 30.93 0.15
C ASN A 98 41.10 29.71 0.56
N SER A 99 39.83 29.97 0.88
CA SER A 99 38.89 28.93 1.26
C SER A 99 37.73 28.94 0.28
N PRO A 100 37.12 27.78 0.04
CA PRO A 100 35.99 27.63 -0.89
C PRO A 100 34.75 28.44 -0.50
N GLN A 101 33.87 28.67 -1.46
CA GLN A 101 32.64 29.41 -1.23
C GLN A 101 31.53 28.47 -0.75
N GLY A 102 30.66 28.95 0.13
CA GLY A 102 29.56 28.13 0.64
C GLY A 102 28.44 27.98 -0.37
N GLU A 103 27.45 27.12 -0.08
CA GLU A 103 26.34 26.93 -1.03
C GLU A 103 25.27 28.01 -0.96
N ASP A 104 24.56 28.17 -2.07
CA ASP A 104 23.50 29.17 -2.21
C ASP A 104 22.37 28.95 -1.22
N GLY A 105 21.40 29.85 -1.27
CA GLY A 105 20.21 29.78 -0.42
C GLY A 105 20.48 29.62 1.05
N GLY A 106 19.89 28.57 1.63
CA GLY A 106 20.02 28.30 3.06
C GLY A 106 21.38 28.40 3.73
N ASN A 107 22.45 28.04 3.04
CA ASN A 107 23.76 28.11 3.66
C ASN A 107 24.31 29.53 3.59
N LEU A 108 23.48 30.46 3.11
CA LEU A 108 23.83 31.86 3.02
C LEU A 108 25.14 32.12 2.28
N GLY A 109 25.51 31.19 1.41
CA GLY A 109 26.75 31.36 0.68
C GLY A 109 27.96 31.35 1.58
N VAL A 110 27.89 30.59 2.67
CA VAL A 110 29.00 30.52 3.61
C VAL A 110 29.40 29.10 3.94
N PHE A 111 28.42 28.28 4.32
CA PHE A 111 28.71 26.88 4.67
C PHE A 111 28.34 25.87 3.59
N LYS A 112 28.94 24.67 3.68
CA LYS A 112 28.67 23.58 2.75
C LYS A 112 28.27 22.38 3.61
N PRO A 113 27.45 21.46 3.05
CA PRO A 113 26.98 20.27 3.75
C PRO A 113 28.04 19.35 4.36
N PRO A 114 28.88 18.73 3.54
CA PRO A 114 29.90 17.86 4.12
C PRO A 114 30.70 18.72 5.09
N GLU A 115 30.95 18.22 6.30
CA GLU A 115 31.68 19.00 7.29
C GLU A 115 33.09 19.41 6.91
N GLY A 116 33.26 20.07 5.78
CA GLY A 116 34.58 20.48 5.35
C GLY A 116 34.99 21.91 5.60
N ASP A 117 34.10 22.87 5.32
CA ASP A 117 34.41 24.29 5.51
C ASP A 117 34.56 24.69 6.98
N ASN A 118 35.53 25.55 7.24
CA ASN A 118 35.82 26.07 8.57
C ASN A 118 35.43 27.55 8.55
N ALA A 119 34.35 27.89 9.26
CA ALA A 119 33.89 29.27 9.27
C ALA A 119 33.05 29.66 10.47
N PHE A 120 32.92 30.97 10.65
CA PHE A 120 32.15 31.54 11.74
C PHE A 120 31.29 32.61 11.10
N ALA A 121 30.09 32.82 11.62
CA ALA A 121 29.23 33.83 11.02
C ALA A 121 28.08 34.20 11.91
N VAL A 122 27.69 35.46 11.87
CA VAL A 122 26.55 35.94 12.64
C VAL A 122 25.52 36.09 11.55
N GLU A 123 24.43 35.34 11.66
CA GLU A 123 23.41 35.37 10.63
C GLU A 123 22.10 36.05 11.00
N PHE A 124 21.43 36.55 9.96
CA PHE A 124 20.12 37.17 10.12
C PHE A 124 19.27 36.38 9.14
N ASP A 125 18.90 35.18 9.59
CA ASP A 125 18.11 34.19 8.86
C ASP A 125 16.68 34.66 8.64
N THR A 126 16.23 34.73 7.39
CA THR A 126 14.84 35.15 7.14
C THR A 126 13.98 33.97 6.69
N PHE A 127 14.59 32.81 6.56
CA PHE A 127 13.86 31.62 6.14
C PHE A 127 14.10 30.40 7.01
N GLN A 128 13.01 29.73 7.40
CA GLN A 128 13.12 28.57 8.26
C GLN A 128 13.35 27.20 7.59
N ASN A 129 14.60 26.78 7.52
CA ASN A 129 14.90 25.48 6.92
C ASN A 129 14.59 24.41 7.95
N THR A 130 15.04 23.18 7.69
CA THR A 130 14.78 22.08 8.61
C THR A 130 15.52 22.20 9.93
N TRP A 131 16.62 22.94 9.94
CA TRP A 131 17.44 23.10 11.16
C TRP A 131 17.19 24.44 11.86
N ASP A 132 16.32 25.27 11.32
CA ASP A 132 16.02 26.58 11.89
C ASP A 132 14.81 26.64 12.81
N PRO A 133 14.81 27.63 13.72
CA PRO A 133 13.73 27.89 14.69
C PRO A 133 12.87 28.93 13.95
N GLN A 134 11.76 29.39 14.52
CA GLN A 134 10.91 30.35 13.79
C GLN A 134 11.76 31.54 13.34
N VAL A 135 11.42 32.14 12.20
CA VAL A 135 12.19 33.24 11.62
C VAL A 135 11.38 34.52 11.59
N PRO A 136 12.04 35.65 11.39
CA PRO A 136 13.50 35.72 11.19
C PRO A 136 14.20 35.64 12.54
N HIS A 137 15.48 35.29 12.54
CA HIS A 137 16.22 35.21 13.78
C HIS A 137 17.69 35.61 13.64
N ILE A 138 18.32 35.89 14.76
CA ILE A 138 19.73 36.24 14.76
C ILE A 138 20.38 34.94 15.16
N GLY A 139 21.45 34.57 14.50
CA GLY A 139 22.08 33.32 14.87
C GLY A 139 23.58 33.44 14.94
N ILE A 140 24.19 32.67 15.83
CA ILE A 140 25.64 32.68 15.95
C ILE A 140 26.11 31.36 15.42
N ASP A 141 26.64 31.36 14.20
CA ASP A 141 27.10 30.13 13.59
C ASP A 141 28.56 29.87 13.77
N VAL A 142 28.86 28.80 14.50
CA VAL A 142 30.25 28.44 14.74
C VAL A 142 30.54 27.12 14.04
N ASN A 143 31.05 27.22 12.83
CA ASN A 143 31.40 26.05 12.01
C ASN A 143 30.21 25.18 11.58
N SER A 144 29.03 25.80 11.47
CA SER A 144 27.83 25.09 11.05
C SER A 144 26.71 26.07 10.83
N ILE A 145 25.80 25.75 9.91
CA ILE A 145 24.67 26.65 9.65
C ILE A 145 23.67 26.51 10.75
N VAL A 146 23.91 25.55 11.66
CA VAL A 146 23.05 25.36 12.81
C VAL A 146 23.62 26.23 13.91
N SER A 147 22.93 27.34 14.21
CA SER A 147 23.40 28.30 15.20
C SER A 147 23.50 27.71 16.60
N SER A 148 24.55 28.07 17.32
CA SER A 148 24.71 27.55 18.66
C SER A 148 23.82 28.34 19.60
N LYS A 149 23.37 29.51 19.16
CA LYS A 149 22.48 30.36 19.95
C LYS A 149 21.67 31.19 18.97
N THR A 150 20.37 31.37 19.20
CA THR A 150 19.55 32.14 18.27
C THR A 150 18.55 33.04 18.98
N LEU A 151 18.09 34.06 18.27
CA LEU A 151 17.12 34.99 18.83
C LEU A 151 16.13 35.50 17.80
N HIS A 152 14.85 35.28 18.06
CA HIS A 152 13.84 35.72 17.13
C HIS A 152 13.66 37.23 17.24
N PHE A 153 13.60 37.88 16.08
CA PHE A 153 13.41 39.33 16.05
C PHE A 153 12.43 39.68 14.96
N GLN A 154 11.63 40.71 15.20
CA GLN A 154 10.67 41.13 14.20
C GLN A 154 11.37 42.09 13.24
N LEU A 155 11.38 41.71 11.98
CA LEU A 155 12.02 42.53 10.96
C LEU A 155 11.14 43.68 10.53
N GLU A 156 11.74 44.84 10.34
CA GLU A 156 11.00 45.99 9.86
C GLU A 156 11.25 45.97 8.37
N ASN A 157 10.20 45.66 7.62
CA ASN A 157 10.30 45.57 6.16
C ASN A 157 10.75 46.91 5.57
N GLY A 158 11.86 46.90 4.81
CA GLY A 158 12.36 48.10 4.18
C GLY A 158 12.95 49.15 5.11
N GLY A 159 13.16 48.80 6.37
CA GLY A 159 13.73 49.73 7.32
C GLY A 159 15.23 49.55 7.47
N VAL A 160 15.91 50.55 8.01
CA VAL A 160 17.36 50.47 8.19
C VAL A 160 17.72 49.84 9.53
N ALA A 161 18.45 48.74 9.47
CA ALA A 161 18.88 48.03 10.65
C ALA A 161 20.30 48.43 11.03
N ASN A 162 20.57 48.50 12.33
CA ASN A 162 21.90 48.84 12.84
C ASN A 162 22.40 47.64 13.62
N VAL A 163 23.50 47.06 13.15
CA VAL A 163 24.05 45.88 13.79
C VAL A 163 25.37 46.16 14.48
N VAL A 164 25.61 45.48 15.58
CA VAL A 164 26.85 45.61 16.32
C VAL A 164 27.27 44.20 16.72
N ILE A 165 28.49 43.82 16.37
CA ILE A 165 28.97 42.50 16.74
C ILE A 165 30.27 42.75 17.47
N LYS A 166 30.28 42.50 18.77
CA LYS A 166 31.46 42.78 19.60
C LYS A 166 31.98 41.50 20.22
N TYR A 167 33.28 41.26 20.12
CA TYR A 167 33.88 40.07 20.71
C TYR A 167 35.04 40.44 21.62
N ASP A 168 34.98 40.01 22.89
CA ASP A 168 36.04 40.31 23.87
C ASP A 168 36.98 39.12 24.14
N SER A 169 38.17 39.14 23.54
CA SER A 169 39.15 38.05 23.72
C SER A 169 39.26 37.52 25.14
N PRO A 170 39.42 38.40 26.15
CA PRO A 170 39.55 37.97 27.54
C PRO A 170 38.40 37.18 28.14
N THR A 171 37.16 37.56 27.82
CA THR A 171 36.01 36.81 28.34
C THR A 171 35.42 35.84 27.32
N LYS A 172 35.94 35.90 26.09
CA LYS A 172 35.49 35.06 24.99
C LYS A 172 34.00 35.22 24.79
N ILE A 173 33.51 36.43 25.01
CA ILE A 173 32.10 36.73 24.87
C ILE A 173 31.75 37.38 23.54
N LEU A 174 30.99 36.69 22.71
CA LEU A 174 30.58 37.23 21.43
C LEU A 174 29.18 37.82 21.63
N ASN A 175 29.02 39.08 21.25
CA ASN A 175 27.75 39.75 21.42
C ASN A 175 27.23 40.33 20.13
N VAL A 176 25.92 40.29 19.95
CA VAL A 176 25.30 40.82 18.76
C VAL A 176 24.13 41.69 19.14
N VAL A 177 24.16 42.94 18.69
CA VAL A 177 23.07 43.85 18.98
C VAL A 177 22.49 44.26 17.66
N LEU A 178 21.18 44.05 17.52
CA LEU A 178 20.45 44.44 16.33
C LEU A 178 19.44 45.45 16.79
N ALA A 179 19.45 46.62 16.18
CA ALA A 179 18.50 47.63 16.58
C ALA A 179 17.91 48.35 15.38
N PHE A 180 16.61 48.59 15.44
CA PHE A 180 15.90 49.30 14.40
C PHE A 180 15.53 50.60 15.07
N HIS A 181 16.30 51.64 14.81
CA HIS A 181 16.05 52.92 15.46
C HIS A 181 14.74 53.59 15.10
N SER A 182 14.41 53.60 13.81
CA SER A 182 13.17 54.24 13.35
C SER A 182 11.91 53.72 14.04
N VAL A 183 12.03 52.68 14.85
CA VAL A 183 10.88 52.09 15.55
C VAL A 183 11.06 51.94 17.05
N GLY A 184 12.32 51.98 17.50
CA GLY A 184 12.60 51.85 18.92
C GLY A 184 12.73 50.44 19.43
N THR A 185 13.30 49.56 18.63
CA THR A 185 13.48 48.17 19.02
C THR A 185 14.95 47.79 19.09
N VAL A 186 15.29 46.97 20.09
CA VAL A 186 16.66 46.53 20.28
C VAL A 186 16.68 45.05 20.58
N TYR A 187 17.60 44.34 19.94
CA TYR A 187 17.73 42.92 20.14
C TYR A 187 19.16 42.62 20.51
N THR A 188 19.35 41.85 21.58
CA THR A 188 20.70 41.50 22.00
C THR A 188 20.84 40.02 22.25
N LEU A 189 21.82 39.43 21.61
CA LEU A 189 22.09 38.00 21.74
C LEU A 189 23.58 37.82 21.95
N SER A 190 23.96 37.03 22.95
CA SER A 190 25.37 36.80 23.23
C SER A 190 25.66 35.39 23.70
N ASN A 191 26.76 34.83 23.21
CA ASN A 191 27.16 33.48 23.59
C ASN A 191 28.68 33.41 23.64
N ILE A 192 29.21 32.39 24.30
CA ILE A 192 30.66 32.23 24.42
C ILE A 192 31.29 31.54 23.21
N VAL A 193 32.36 32.11 22.68
CA VAL A 193 33.03 31.56 21.51
C VAL A 193 34.53 31.64 21.66
N ASP A 194 35.22 30.51 21.52
CA ASP A 194 36.67 30.51 21.66
C ASP A 194 37.39 30.62 20.31
N LEU A 195 37.45 31.82 19.76
CA LEU A 195 38.09 32.03 18.46
C LEU A 195 39.37 31.24 18.17
N LYS A 196 40.32 31.22 19.12
CA LYS A 196 41.59 30.53 18.91
C LYS A 196 41.46 29.03 18.75
N GLN A 197 40.44 28.47 19.40
CA GLN A 197 40.15 27.05 19.32
C GLN A 197 39.29 26.68 18.10
N GLU A 198 38.55 27.66 17.57
CA GLU A 198 37.66 27.43 16.43
C GLU A 198 38.26 27.73 15.05
N PHE A 199 39.46 28.30 15.02
CA PHE A 199 40.16 28.61 13.76
C PHE A 199 41.63 28.25 13.95
N PRO A 200 41.91 27.03 14.38
CA PRO A 200 43.28 26.55 14.63
C PRO A 200 44.19 26.35 13.42
N ASN A 201 43.69 26.56 12.22
CA ASN A 201 44.54 26.35 11.06
C ASN A 201 45.05 27.64 10.44
N SER A 202 44.49 28.77 10.86
CA SER A 202 44.92 30.06 10.32
C SER A 202 44.80 31.16 11.35
N GLU A 203 45.93 31.81 11.65
CA GLU A 203 45.96 32.91 12.61
C GLU A 203 45.28 34.10 11.92
N TRP A 204 45.08 33.94 10.61
CA TRP A 204 44.46 34.97 9.79
C TRP A 204 43.13 34.52 9.24
N VAL A 205 42.21 35.47 9.05
CA VAL A 205 40.90 35.17 8.50
C VAL A 205 40.40 36.33 7.63
N ASN A 206 39.59 36.00 6.63
CA ASN A 206 39.03 37.03 5.76
C ASN A 206 37.70 37.42 6.39
N VAL A 207 37.37 38.69 6.35
CA VAL A 207 36.14 39.15 6.94
C VAL A 207 35.20 39.63 5.84
N GLY A 208 33.92 39.31 5.93
CA GLY A 208 33.03 39.77 4.89
C GLY A 208 31.55 39.64 5.19
N LEU A 209 30.73 40.22 4.31
CA LEU A 209 29.28 40.15 4.43
C LEU A 209 28.78 39.27 3.28
N SER A 210 27.62 38.65 3.48
CA SER A 210 27.05 37.78 2.48
C SER A 210 25.51 37.67 2.59
N ALA A 211 24.86 37.40 1.46
CA ALA A 211 23.42 37.26 1.46
C ALA A 211 23.01 36.32 0.34
N THR A 212 21.77 35.83 0.36
CA THR A 212 21.26 34.91 -0.65
C THR A 212 19.73 34.96 -0.75
N THR A 213 19.18 34.72 -1.95
CA THR A 213 17.74 34.69 -2.14
C THR A 213 17.28 33.26 -2.41
N GLY A 214 15.98 33.01 -2.24
CA GLY A 214 15.41 31.68 -2.40
C GLY A 214 15.78 30.75 -3.54
N TYR A 215 15.27 29.53 -3.46
CA TYR A 215 15.49 28.48 -4.45
C TYR A 215 14.31 28.36 -5.42
N GLN A 216 13.27 29.11 -5.13
CA GLN A 216 12.00 29.07 -5.85
C GLN A 216 11.65 30.49 -6.35
N LYS A 217 10.85 30.60 -7.40
CA LYS A 217 10.48 31.92 -7.90
C LYS A 217 9.80 32.77 -6.85
N ASN A 218 10.20 34.03 -6.72
CA ASN A 218 9.60 34.97 -5.76
C ASN A 218 9.94 34.76 -4.28
N ALA A 219 10.76 33.75 -4.00
CA ALA A 219 11.19 33.52 -2.63
C ALA A 219 12.46 34.34 -2.58
N VAL A 220 12.32 35.64 -2.79
CA VAL A 220 13.48 36.53 -2.81
C VAL A 220 13.23 37.82 -2.02
N GLU A 221 14.31 38.50 -1.64
CA GLU A 221 14.26 39.76 -0.89
C GLU A 221 15.53 40.55 -1.22
N THR A 222 15.51 41.83 -0.90
CA THR A 222 16.65 42.68 -1.16
C THR A 222 17.63 42.60 -0.01
N HIS A 223 18.92 42.67 -0.34
CA HIS A 223 19.96 42.62 0.68
C HIS A 223 20.97 43.73 0.41
N GLU A 224 20.71 44.89 1.00
CA GLU A 224 21.56 46.06 0.84
C GLU A 224 22.30 46.44 2.12
N ILE A 225 23.60 46.70 1.97
CA ILE A 225 24.42 47.12 3.10
C ILE A 225 24.66 48.61 2.87
N ILE A 226 24.36 49.43 3.87
CA ILE A 226 24.55 50.87 3.74
C ILE A 226 25.90 51.37 4.22
N SER A 227 26.39 50.82 5.33
CA SER A 227 27.69 51.21 5.89
C SER A 227 28.32 49.99 6.57
N TRP A 228 29.60 50.07 6.91
CA TRP A 228 30.24 48.93 7.54
C TRP A 228 31.65 49.18 8.06
N SER A 229 31.80 49.29 9.39
CA SER A 229 33.11 49.50 9.98
C SER A 229 33.57 48.28 10.76
N PHE A 230 34.89 48.10 10.87
CA PHE A 230 35.44 46.96 11.59
C PHE A 230 36.69 47.41 12.32
N THR A 231 37.11 46.64 13.30
CA THR A 231 38.30 46.95 14.06
C THR A 231 38.70 45.86 15.04
N SER A 232 39.82 45.22 14.77
CA SER A 232 40.35 44.18 15.64
C SER A 232 41.44 44.89 16.46
N SER A 233 41.91 44.30 17.55
CA SER A 233 42.96 44.94 18.37
C SER A 233 43.58 43.83 19.17
N LEU A 234 44.66 43.27 18.62
CA LEU A 234 45.39 42.14 19.18
C LEU A 234 46.56 42.59 20.04
N GLN A 235 46.44 42.36 21.36
CA GLN A 235 47.49 42.75 22.30
C GLN A 235 48.71 41.82 22.32
N GLU A 236 49.81 42.31 22.88
CA GLU A 236 51.03 41.53 22.98
C GLU A 236 52.15 41.88 22.02
N GLU B 1 7.93 29.40 38.47
CA GLU B 1 9.11 29.35 37.55
C GLU B 1 9.43 30.69 36.87
N THR B 2 8.41 31.54 36.69
CA THR B 2 8.59 32.84 36.02
C THR B 2 7.96 33.99 36.80
N GLN B 3 8.71 35.09 36.90
CA GLN B 3 8.24 36.29 37.60
C GLN B 3 8.40 37.45 36.65
N SER B 4 7.36 38.26 36.48
CA SER B 4 7.42 39.41 35.58
C SER B 4 6.70 40.61 36.14
N PHE B 5 6.98 41.75 35.53
CA PHE B 5 6.34 43.00 35.89
C PHE B 5 6.65 44.01 34.82
N ASN B 6 5.67 44.87 34.52
CA ASN B 6 5.84 45.87 33.47
C ASN B 6 5.14 47.18 33.82
N PHE B 7 5.86 48.27 33.59
CA PHE B 7 5.36 49.62 33.86
C PHE B 7 5.52 50.45 32.59
N ASP B 8 4.47 50.50 31.77
CA ASP B 8 4.48 51.25 30.52
C ASP B 8 4.52 52.72 30.87
N HIS B 9 4.09 53.01 32.11
CA HIS B 9 4.05 54.35 32.70
C HIS B 9 3.97 54.11 34.22
N PHE B 10 4.19 55.14 35.05
CA PHE B 10 4.12 54.99 36.51
C PHE B 10 2.90 55.64 37.15
N GLU B 11 2.02 54.83 37.74
CA GLU B 11 0.83 55.35 38.38
C GLU B 11 1.15 55.65 39.84
N GLU B 12 0.61 56.76 40.36
CA GLU B 12 0.84 57.16 41.75
C GLU B 12 0.21 56.15 42.71
N ASN B 13 0.90 55.92 43.83
CA ASN B 13 0.44 54.98 44.85
C ASN B 13 0.21 53.53 44.39
N SER B 14 1.08 53.02 43.52
CA SER B 14 0.95 51.64 43.04
C SER B 14 1.40 50.74 44.19
N LYS B 15 0.76 49.58 44.33
CA LYS B 15 1.10 48.67 45.42
C LYS B 15 2.23 47.73 44.99
N GLU B 16 2.84 48.06 43.84
CA GLU B 16 3.93 47.26 43.27
C GLU B 16 5.32 47.87 43.47
N LEU B 17 5.50 49.15 43.12
CA LEU B 17 6.79 49.81 43.29
C LEU B 17 6.80 50.52 44.67
N ASN B 18 7.77 50.12 45.49
CA ASN B 18 8.03 50.58 46.87
C ASN B 18 9.14 51.70 46.88
N LEU B 19 8.72 52.96 46.99
CA LEU B 19 9.65 54.07 46.90
C LEU B 19 10.40 54.42 48.19
N GLN B 20 11.63 54.92 48.06
CA GLN B 20 12.46 55.30 49.22
C GLN B 20 13.13 56.68 49.03
N ARG B 21 13.29 57.40 50.13
CA ARG B 21 13.90 58.74 50.12
C ARG B 21 13.34 59.68 49.03
N GLN B 22 14.18 60.62 48.58
CA GLN B 22 13.80 61.61 47.56
C GLN B 22 12.96 61.12 46.36
N ALA B 23 12.92 59.81 46.13
CA ALA B 23 12.18 59.23 45.00
C ALA B 23 10.67 59.38 45.14
N SER B 24 10.07 60.00 44.12
CA SER B 24 8.62 60.23 44.10
C SER B 24 8.11 59.96 42.69
N ILE B 25 6.80 60.14 42.48
CA ILE B 25 6.23 59.93 41.14
C ILE B 25 5.51 61.17 40.63
N LYS B 26 6.03 61.72 39.51
CA LYS B 26 5.48 62.91 38.82
C LYS B 26 4.11 62.65 38.18
N SER B 27 3.24 63.66 38.21
CA SER B 27 1.88 63.51 37.68
C SER B 27 1.91 63.06 36.23
N ASN B 28 3.06 63.31 35.62
CA ASN B 28 3.33 62.98 34.23
C ASN B 28 3.31 61.49 33.97
N GLY B 29 3.28 60.69 35.03
CA GLY B 29 3.34 59.25 34.90
C GLY B 29 4.80 58.79 34.78
N VAL B 30 5.69 59.58 35.38
CA VAL B 30 7.12 59.34 35.36
C VAL B 30 7.66 59.16 36.77
N LEU B 31 8.67 58.31 36.91
CA LEU B 31 9.29 58.07 38.21
C LEU B 31 10.48 59.00 38.32
N GLU B 32 10.45 59.91 39.28
CA GLU B 32 11.54 60.85 39.47
C GLU B 32 12.39 60.38 40.64
N LEU B 33 13.56 59.82 40.36
CA LEU B 33 14.41 59.31 41.40
C LEU B 33 15.06 60.36 42.31
N THR B 34 15.48 61.49 41.77
CA THR B 34 16.11 62.51 42.62
C THR B 34 15.62 63.91 42.30
N LYS B 35 15.24 64.63 43.36
CA LYS B 35 14.76 65.98 43.23
C LYS B 35 15.90 66.92 42.84
N LEU B 36 15.55 67.98 42.14
CA LEU B 36 16.52 68.98 41.70
C LEU B 36 16.28 70.26 42.51
N THR B 37 15.05 70.38 43.05
CA THR B 37 14.60 71.52 43.85
C THR B 37 13.48 71.08 44.79
N LYS B 38 13.66 71.25 46.09
CA LYS B 38 12.60 70.85 46.98
C LYS B 38 12.09 72.09 47.70
N ASN B 39 10.83 72.46 47.44
CA ASN B 39 10.18 73.63 48.05
C ASN B 39 10.50 74.96 47.40
N GLY B 40 10.82 74.92 46.11
CA GLY B 40 11.13 76.14 45.38
C GLY B 40 12.61 76.51 45.35
N VAL B 41 13.36 76.06 46.36
CA VAL B 41 14.79 76.32 46.48
C VAL B 41 15.62 75.12 45.98
N PRO B 42 16.70 75.37 45.22
CA PRO B 42 17.55 74.30 44.68
C PRO B 42 18.32 73.47 45.73
N VAL B 43 18.42 72.16 45.51
CA VAL B 43 19.12 71.26 46.44
C VAL B 43 20.11 70.29 45.79
N TRP B 44 20.88 69.62 46.66
CA TRP B 44 21.89 68.64 46.25
C TRP B 44 21.93 67.48 47.24
N LYS B 45 22.92 66.60 47.11
CA LYS B 45 23.05 65.42 47.96
C LYS B 45 21.68 64.73 48.05
N SER B 46 21.04 64.60 46.89
CA SER B 46 19.74 63.95 46.79
C SER B 46 19.93 62.47 46.45
N THR B 47 19.09 61.61 47.03
CA THR B 47 19.19 60.18 46.79
C THR B 47 17.80 59.54 46.67
N GLY B 48 17.57 58.83 45.59
CA GLY B 48 16.27 58.21 45.40
C GLY B 48 16.38 56.78 44.93
N ARG B 49 15.65 55.89 45.58
CA ARG B 49 15.63 54.48 45.22
C ARG B 49 14.19 54.04 45.01
N ALA B 50 13.97 53.03 44.17
CA ALA B 50 12.62 52.52 43.90
C ALA B 50 12.73 51.02 43.69
N LEU B 51 12.10 50.24 44.55
CA LEU B 51 12.18 48.79 44.42
C LEU B 51 10.87 48.18 43.96
N TYR B 52 10.91 46.90 43.66
CA TYR B 52 9.71 46.20 43.25
C TYR B 52 9.32 45.39 44.47
N ALA B 53 8.09 45.60 44.92
CA ALA B 53 7.53 44.96 46.11
C ALA B 53 7.87 43.49 46.38
N GLU B 54 7.73 42.64 45.37
CA GLU B 54 8.00 41.23 45.57
C GLU B 54 9.46 40.85 45.30
N PRO B 55 10.02 39.97 46.14
CA PRO B 55 11.41 39.52 45.97
C PRO B 55 11.49 38.59 44.79
N ILE B 56 12.51 38.77 43.95
CA ILE B 56 12.71 37.95 42.79
C ILE B 56 13.68 36.81 43.15
N LYS B 57 13.31 35.59 42.82
CA LYS B 57 14.18 34.46 43.15
C LYS B 57 15.25 34.30 42.06
N ILE B 58 16.53 34.32 42.43
CA ILE B 58 17.60 34.18 41.44
C ILE B 58 18.22 32.80 41.33
N TRP B 59 18.12 31.99 42.37
CA TRP B 59 18.64 30.63 42.28
C TRP B 59 17.99 29.71 43.32
N ASP B 60 17.95 28.41 43.01
CA ASP B 60 17.32 27.42 43.87
C ASP B 60 18.34 26.55 44.60
N SER B 61 18.16 26.51 45.92
CA SER B 61 18.99 25.74 46.86
C SER B 61 18.93 24.26 46.59
N THR B 62 17.68 23.76 46.50
CA THR B 62 17.41 22.35 46.24
C THR B 62 17.87 21.97 44.83
N THR B 63 17.26 22.56 43.81
CA THR B 63 17.59 22.31 42.41
C THR B 63 19.04 22.64 42.08
N GLY B 64 19.47 23.83 42.51
CA GLY B 64 20.84 24.28 42.26
C GLY B 64 20.97 25.07 40.97
N ASN B 65 19.84 25.53 40.44
CA ASN B 65 19.80 26.27 39.20
C ASN B 65 19.75 27.79 39.38
N VAL B 66 20.42 28.50 38.48
CA VAL B 66 20.45 29.95 38.54
C VAL B 66 19.45 30.50 37.53
N ALA B 67 18.77 31.58 37.90
CA ALA B 67 17.78 32.20 37.03
C ALA B 67 18.44 32.96 35.90
N SER B 68 17.63 33.31 34.93
CA SER B 68 18.12 34.07 33.79
C SER B 68 17.11 35.19 33.81
N PHE B 69 17.53 36.41 33.63
CA PHE B 69 16.55 37.48 33.63
C PHE B 69 16.92 38.52 32.60
N GLU B 70 15.95 39.35 32.27
CA GLU B 70 16.16 40.42 31.31
C GLU B 70 15.31 41.56 31.79
N THR B 71 15.89 42.75 31.84
CA THR B 71 15.13 43.91 32.27
C THR B 71 15.45 45.09 31.34
N ARG B 72 14.42 45.86 31.03
CA ARG B 72 14.56 47.02 30.16
C ARG B 72 13.94 48.24 30.83
N PHE B 73 14.45 49.41 30.52
CA PHE B 73 13.89 50.64 31.07
C PHE B 73 14.44 51.82 30.30
N SER B 74 13.66 52.90 30.28
CA SER B 74 14.04 54.13 29.59
C SER B 74 14.30 55.18 30.66
N PHE B 75 15.33 55.98 30.49
CA PHE B 75 15.61 57.00 31.48
C PHE B 75 15.99 58.28 30.77
N ASN B 76 15.85 59.39 31.48
CA ASN B 76 16.17 60.68 30.92
C ASN B 76 16.99 61.45 31.94
N ILE B 77 18.22 61.76 31.54
CA ILE B 77 19.14 62.50 32.39
C ILE B 77 19.43 63.83 31.73
N THR B 78 19.11 64.88 32.47
CA THR B 78 19.38 66.24 32.05
C THR B 78 20.40 66.90 32.96
N GLN B 79 21.45 67.45 32.36
CA GLN B 79 22.46 68.12 33.14
C GLN B 79 22.39 69.61 32.73
N PRO B 80 21.75 70.44 33.56
CA PRO B 80 21.56 71.88 33.32
C PRO B 80 22.81 72.74 33.20
N TYR B 81 23.74 72.58 34.15
CA TYR B 81 24.96 73.40 34.15
C TYR B 81 26.23 72.70 33.68
N ALA B 82 27.26 73.50 33.41
CA ALA B 82 28.56 72.98 32.95
C ALA B 82 29.63 73.07 34.06
N TYR B 83 29.40 73.96 35.02
CA TYR B 83 30.29 74.15 36.17
C TYR B 83 29.41 74.52 37.36
N PRO B 84 29.57 73.78 38.47
CA PRO B 84 30.53 72.68 38.59
C PRO B 84 30.09 71.38 37.86
N GLU B 85 31.03 70.44 37.73
CA GLU B 85 30.78 69.18 37.05
C GLU B 85 29.58 68.47 37.69
N PRO B 86 28.65 67.98 36.86
CA PRO B 86 27.45 67.26 37.31
C PRO B 86 27.72 65.91 37.98
N ALA B 87 26.76 65.45 38.79
CA ALA B 87 26.90 64.17 39.49
C ALA B 87 25.54 63.69 40.01
N ASP B 88 25.41 62.41 40.38
CA ASP B 88 26.48 61.40 40.36
C ASP B 88 26.23 60.28 39.35
N GLY B 89 24.98 59.82 39.29
CA GLY B 89 24.67 58.74 38.38
C GLY B 89 23.34 58.07 38.68
N LEU B 90 23.03 57.07 37.86
CA LEU B 90 21.79 56.33 37.96
C LEU B 90 22.15 54.87 37.89
N THR B 91 21.39 53.99 38.53
CA THR B 91 21.74 52.58 38.49
C THR B 91 20.68 51.56 38.83
N PHE B 92 20.76 50.41 38.15
CA PHE B 92 19.86 49.29 38.38
C PHE B 92 20.63 48.44 39.38
N PHE B 93 19.94 47.80 40.30
CA PHE B 93 20.66 47.03 41.30
C PHE B 93 19.84 45.92 41.94
N MET B 94 20.54 44.94 42.50
CA MET B 94 19.89 43.82 43.16
C MET B 94 20.56 43.63 44.49
N VAL B 95 19.77 43.60 45.56
CA VAL B 95 20.32 43.40 46.89
C VAL B 95 19.49 42.34 47.60
N PRO B 96 20.00 41.76 48.69
CA PRO B 96 19.22 40.74 49.38
C PRO B 96 18.09 41.47 50.13
N PRO B 97 17.03 40.74 50.53
CA PRO B 97 15.92 41.36 51.24
C PRO B 97 16.36 41.85 52.62
N ASN B 98 15.72 42.91 53.11
CA ASN B 98 16.05 43.48 54.42
C ASN B 98 17.56 43.76 54.54
N SER B 99 18.11 44.54 53.58
CA SER B 99 19.54 44.93 53.51
C SER B 99 19.65 46.45 53.57
N PRO B 100 20.60 46.99 54.34
CA PRO B 100 20.82 48.43 54.51
C PRO B 100 20.92 49.23 53.22
N GLN B 101 20.74 50.54 53.30
CA GLN B 101 20.83 51.35 52.10
C GLN B 101 22.28 51.80 51.94
N GLY B 102 22.65 52.08 50.69
CA GLY B 102 23.99 52.53 50.39
C GLY B 102 24.17 54.01 50.65
N GLU B 103 25.42 54.44 50.62
CA GLU B 103 25.77 55.83 50.83
C GLU B 103 25.21 56.67 49.68
N ASP B 104 25.30 57.99 49.82
CA ASP B 104 24.82 58.96 48.84
C ASP B 104 25.87 59.28 47.80
N GLY B 105 25.50 60.21 46.94
CA GLY B 105 26.44 60.61 45.90
C GLY B 105 27.10 59.46 45.16
N GLY B 106 28.43 59.46 45.19
CA GLY B 106 29.22 58.45 44.51
C GLY B 106 28.83 56.98 44.62
N ASN B 107 28.31 56.55 45.75
CA ASN B 107 27.94 55.16 45.89
C ASN B 107 26.56 54.90 45.30
N LEU B 108 26.02 55.93 44.65
CA LEU B 108 24.73 55.85 43.98
C LEU B 108 23.62 55.31 44.88
N GLY B 109 23.78 55.47 46.18
CA GLY B 109 22.77 54.98 47.10
C GLY B 109 22.63 53.48 47.07
N VAL B 110 23.74 52.79 46.80
CA VAL B 110 23.71 51.33 46.74
C VAL B 110 24.78 50.69 47.59
N PHE B 111 26.02 51.12 47.43
CA PHE B 111 27.12 50.56 48.19
C PHE B 111 27.61 51.43 49.36
N LYS B 112 28.31 50.80 50.30
CA LYS B 112 28.86 51.49 51.47
C LYS B 112 30.35 51.17 51.49
N PRO B 113 31.18 52.04 52.06
CA PRO B 113 32.63 51.87 52.15
C PRO B 113 33.13 50.59 52.80
N PRO B 114 32.88 50.37 54.09
CA PRO B 114 33.35 49.14 54.71
C PRO B 114 32.76 47.99 53.90
N GLU B 115 33.57 47.01 53.54
CA GLU B 115 33.07 45.90 52.74
C GLU B 115 31.95 45.07 53.35
N GLY B 116 30.86 45.71 53.74
CA GLY B 116 29.77 44.98 54.35
C GLY B 116 28.57 44.64 53.47
N ASP B 117 28.12 45.60 52.65
CA ASP B 117 26.96 45.37 51.79
C ASP B 117 27.24 44.38 50.67
N ASN B 118 26.24 43.53 50.39
CA ASN B 118 26.30 42.54 49.33
C ASN B 118 25.32 42.99 48.25
N ALA B 119 25.85 43.42 47.11
CA ALA B 119 24.99 43.91 46.04
C ALA B 119 25.59 43.83 44.64
N PHE B 120 24.73 43.94 43.64
CA PHE B 120 25.11 43.92 42.25
C PHE B 120 24.39 45.09 41.61
N ALA B 121 25.00 45.72 40.62
CA ALA B 121 24.32 46.85 39.99
C ALA B 121 24.95 47.22 38.68
N VAL B 122 24.13 47.66 37.75
CA VAL B 122 24.62 48.11 36.45
C VAL B 122 24.47 49.61 36.60
N GLU B 123 25.59 50.32 36.52
CA GLU B 123 25.57 51.77 36.71
C GLU B 123 25.79 52.61 35.48
N PHE B 124 25.25 53.82 35.53
CA PHE B 124 25.43 54.80 34.47
C PHE B 124 25.98 56.00 35.21
N ASP B 125 27.28 55.89 35.50
CA ASP B 125 28.08 56.87 36.25
C ASP B 125 28.27 58.16 35.46
N THR B 126 27.85 59.30 36.01
CA THR B 126 28.05 60.57 35.32
C THR B 126 29.15 61.41 35.95
N PHE B 127 29.72 60.91 37.04
CA PHE B 127 30.78 61.63 37.73
C PHE B 127 32.01 60.78 38.04
N GLN B 128 33.18 61.31 37.73
CA GLN B 128 34.42 60.59 37.95
C GLN B 128 35.07 60.71 39.32
N ASN B 129 34.81 59.75 40.20
CA ASN B 129 35.42 59.76 41.52
C ASN B 129 36.84 59.25 41.39
N THR B 130 37.48 58.96 42.52
CA THR B 130 38.85 58.49 42.50
C THR B 130 39.02 57.09 41.89
N TRP B 131 37.96 56.30 41.92
CA TRP B 131 38.00 54.93 41.39
C TRP B 131 37.39 54.80 40.00
N ASP B 132 36.88 55.90 39.45
CA ASP B 132 36.27 55.89 38.12
C ASP B 132 37.17 56.26 36.96
N PRO B 133 36.82 55.79 35.75
CA PRO B 133 37.53 56.05 34.51
C PRO B 133 36.77 57.27 33.94
N GLN B 134 37.14 57.76 32.75
CA GLN B 134 36.48 58.92 32.14
C GLN B 134 34.96 58.70 32.19
N VAL B 135 34.17 59.77 32.41
CA VAL B 135 32.71 59.66 32.45
C VAL B 135 32.06 60.43 31.30
N PRO B 136 30.79 60.14 31.02
CA PRO B 136 30.01 59.13 31.74
C PRO B 136 30.36 57.75 31.24
N HIS B 137 30.04 56.73 32.03
CA HIS B 137 30.32 55.36 31.61
C HIS B 137 29.29 54.35 32.10
N ILE B 138 29.29 53.18 31.48
CA ILE B 138 28.39 52.12 31.89
C ILE B 138 29.28 51.25 32.73
N GLY B 139 28.80 50.80 33.86
CA GLY B 139 29.64 49.95 34.68
C GLY B 139 28.91 48.76 35.22
N ILE B 140 29.62 47.66 35.40
CA ILE B 140 29.02 46.46 35.95
C ILE B 140 29.60 46.32 37.33
N ASP B 141 28.81 46.65 38.34
CA ASP B 141 29.30 46.56 39.71
C ASP B 141 28.92 45.28 40.41
N VAL B 142 29.93 44.49 40.73
CA VAL B 142 29.71 43.24 41.41
C VAL B 142 30.28 43.32 42.81
N ASN B 143 29.44 43.71 43.76
CA ASN B 143 29.82 43.83 45.17
C ASN B 143 30.85 44.93 45.46
N SER B 144 30.84 45.99 44.64
CA SER B 144 31.75 47.11 44.81
C SER B 144 31.40 48.21 43.84
N ILE B 145 31.68 49.45 44.21
CA ILE B 145 31.37 50.56 43.32
C ILE B 145 32.34 50.52 42.18
N VAL B 146 33.44 49.81 42.40
CA VAL B 146 34.47 49.73 41.39
C VAL B 146 34.03 48.70 40.40
N SER B 147 33.61 49.15 39.22
CA SER B 147 33.10 48.27 38.17
C SER B 147 34.13 47.26 37.69
N SER B 148 33.70 46.02 37.47
CA SER B 148 34.62 45.01 37.00
C SER B 148 34.83 45.19 35.50
N LYS B 149 33.93 45.93 34.86
CA LYS B 149 34.03 46.21 33.42
C LYS B 149 33.31 47.53 33.19
N THR B 150 33.85 48.40 32.36
CA THR B 150 33.20 49.69 32.10
C THR B 150 33.27 50.11 30.65
N LEU B 151 32.38 51.01 30.26
CA LEU B 151 32.34 51.49 28.88
C LEU B 151 31.92 52.95 28.80
N HIS B 152 32.79 53.76 28.20
CA HIS B 152 32.49 55.18 28.07
C HIS B 152 31.45 55.38 26.99
N PHE B 153 30.46 56.23 27.29
CA PHE B 153 29.39 56.51 26.33
C PHE B 153 29.08 57.99 26.37
N GLN B 154 28.71 58.55 25.22
CA GLN B 154 28.40 59.97 25.14
C GLN B 154 26.93 60.17 25.48
N LEU B 155 26.67 60.86 26.57
CA LEU B 155 25.29 61.07 26.99
C LEU B 155 24.60 62.13 26.17
N GLU B 156 23.34 61.88 25.82
CA GLU B 156 22.56 62.86 25.09
C GLU B 156 21.80 63.60 26.17
N ASN B 157 22.12 64.90 26.34
CA ASN B 157 21.51 65.70 27.39
C ASN B 157 20.03 65.91 27.18
N GLY B 158 19.24 65.42 28.14
CA GLY B 158 17.80 65.55 28.04
C GLY B 158 17.13 64.61 27.04
N GLY B 159 17.87 63.62 26.53
CA GLY B 159 17.32 62.67 25.58
C GLY B 159 16.86 61.40 26.28
N VAL B 160 16.00 60.63 25.60
CA VAL B 160 15.50 59.39 26.17
C VAL B 160 16.43 58.21 25.87
N ALA B 161 16.91 57.57 26.93
CA ALA B 161 17.81 56.43 26.79
C ALA B 161 17.04 55.13 26.93
N ASN B 162 17.44 54.12 26.16
CA ASN B 162 16.80 52.80 26.21
C ASN B 162 17.84 51.81 26.67
N VAL B 163 17.58 51.21 27.82
CA VAL B 163 18.53 50.27 28.39
C VAL B 163 18.02 48.84 28.36
N VAL B 164 18.94 47.91 28.18
CA VAL B 164 18.61 46.49 28.18
C VAL B 164 19.70 45.78 28.98
N ILE B 165 19.30 45.02 29.99
CA ILE B 165 20.26 44.29 30.78
C ILE B 165 19.80 42.86 30.73
N LYS B 166 20.57 42.01 30.05
CA LYS B 166 20.20 40.61 29.86
C LYS B 166 21.24 39.70 30.48
N TYR B 167 20.79 38.73 31.28
CA TYR B 167 21.70 37.78 31.92
C TYR B 167 21.30 36.34 31.60
N ASP B 168 22.21 35.56 31.03
CA ASP B 168 21.94 34.16 30.68
C ASP B 168 22.57 33.15 31.66
N SER B 169 21.75 32.60 32.57
CA SER B 169 22.23 31.62 33.56
C SER B 169 23.24 30.60 33.03
N PRO B 170 22.92 29.93 31.90
CA PRO B 170 23.82 28.93 31.34
C PRO B 170 25.21 29.39 30.94
N THR B 171 25.34 30.58 30.36
CA THR B 171 26.66 31.08 29.98
C THR B 171 27.21 32.09 30.98
N LYS B 172 26.39 32.44 31.95
CA LYS B 172 26.78 33.40 32.99
C LYS B 172 27.23 34.70 32.36
N ILE B 173 26.61 35.04 31.24
CA ILE B 173 26.94 36.26 30.53
C ILE B 173 26.00 37.42 30.83
N LEU B 174 26.52 38.46 31.47
CA LEU B 174 25.70 39.64 31.75
C LEU B 174 25.96 40.65 30.64
N ASN B 175 24.89 41.12 30.03
CA ASN B 175 25.02 42.06 28.94
C ASN B 175 24.24 43.33 29.19
N VAL B 176 24.79 44.46 28.75
CA VAL B 176 24.12 45.74 28.91
C VAL B 176 24.13 46.48 27.60
N VAL B 177 22.95 46.85 27.11
CA VAL B 177 22.86 47.61 25.88
C VAL B 177 22.20 48.92 26.21
N LEU B 178 22.89 50.00 25.85
CA LEU B 178 22.40 51.34 26.08
C LEU B 178 22.28 51.93 24.69
N ALA B 179 21.10 52.42 24.35
CA ALA B 179 20.91 53.01 23.05
C ALA B 179 20.09 54.28 23.12
N PHE B 180 20.52 55.27 22.35
CA PHE B 180 19.81 56.54 22.27
C PHE B 180 19.27 56.52 20.86
N HIS B 181 18.00 56.19 20.71
CA HIS B 181 17.42 56.09 19.39
C HIS B 181 17.32 57.40 18.62
N SER B 182 16.89 58.47 19.29
CA SER B 182 16.75 59.77 18.65
C SER B 182 18.02 60.27 17.96
N VAL B 183 19.13 59.57 18.15
CA VAL B 183 20.41 59.98 17.56
C VAL B 183 21.11 58.88 16.78
N GLY B 184 20.72 57.63 17.02
CA GLY B 184 21.33 56.53 16.30
C GLY B 184 22.60 55.97 16.91
N THR B 185 22.67 55.95 18.24
CA THR B 185 23.83 55.43 18.94
C THR B 185 23.50 54.20 19.77
N VAL B 186 24.42 53.25 19.79
CA VAL B 186 24.24 52.02 20.54
C VAL B 186 25.51 51.69 21.29
N TYR B 187 25.36 51.31 22.54
CA TYR B 187 26.50 50.95 23.36
C TYR B 187 26.24 49.57 23.93
N THR B 188 27.23 48.69 23.81
CA THR B 188 27.08 47.34 24.34
C THR B 188 28.30 46.95 25.18
N LEU B 189 28.03 46.52 26.41
CA LEU B 189 29.06 46.10 27.33
C LEU B 189 28.63 44.79 27.97
N SER B 190 29.52 43.81 27.97
CA SER B 190 29.17 42.52 28.58
C SER B 190 30.35 41.86 29.28
N ASN B 191 30.08 41.26 30.42
CA ASN B 191 31.10 40.59 31.21
C ASN B 191 30.51 39.37 31.89
N ILE B 192 31.35 38.46 32.34
CA ILE B 192 30.88 37.24 32.99
C ILE B 192 30.59 37.44 34.49
N VAL B 193 29.43 37.00 34.94
CA VAL B 193 29.05 37.15 36.33
C VAL B 193 28.37 35.91 36.85
N ASP B 194 28.88 35.36 37.95
CA ASP B 194 28.29 34.13 38.51
C ASP B 194 27.28 34.43 39.61
N LEU B 195 26.08 34.84 39.25
CA LEU B 195 25.05 35.15 40.23
C LEU B 195 24.96 34.29 41.49
N LYS B 196 24.98 32.95 41.33
CA LYS B 196 24.86 32.05 42.48
C LYS B 196 25.97 32.29 43.44
N GLN B 197 27.18 32.41 42.91
CA GLN B 197 28.37 32.58 43.70
C GLN B 197 28.50 33.97 44.34
N GLU B 198 27.84 34.96 43.74
CA GLU B 198 27.91 36.34 44.23
C GLU B 198 26.80 36.75 45.20
N PHE B 199 25.80 35.89 45.40
CA PHE B 199 24.68 36.17 46.32
C PHE B 199 24.39 34.88 47.07
N PRO B 200 25.40 34.27 47.68
CA PRO B 200 25.28 33.02 48.42
C PRO B 200 24.48 33.04 49.73
N ASN B 201 24.01 34.20 50.15
CA ASN B 201 23.28 34.24 51.40
C ASN B 201 21.77 34.34 51.22
N SER B 202 21.32 34.63 50.00
CA SER B 202 19.90 34.75 49.73
C SER B 202 19.55 34.29 48.33
N GLU B 203 18.68 33.31 48.23
CA GLU B 203 18.24 32.78 46.94
C GLU B 203 17.32 33.85 46.35
N TRP B 204 16.94 34.80 47.19
CA TRP B 204 16.06 35.89 46.81
C TRP B 204 16.76 37.24 46.85
N VAL B 205 16.35 38.15 45.98
CA VAL B 205 16.93 39.50 45.94
C VAL B 205 15.87 40.53 45.57
N ASN B 206 16.04 41.74 46.04
CA ASN B 206 15.11 42.82 45.72
C ASN B 206 15.69 43.49 44.48
N VAL B 207 14.83 43.89 43.57
CA VAL B 207 15.30 44.53 42.35
C VAL B 207 14.86 45.97 42.34
N GLY B 208 15.72 46.89 41.92
CA GLY B 208 15.30 48.27 41.90
C GLY B 208 16.19 49.23 41.15
N LEU B 209 15.72 50.46 41.00
CA LEU B 209 16.47 51.50 40.32
C LEU B 209 16.87 52.53 41.37
N SER B 210 17.96 53.25 41.12
CA SER B 210 18.46 54.24 42.07
C SER B 210 19.28 55.34 41.39
N ALA B 211 19.28 56.52 41.99
CA ALA B 211 20.04 57.64 41.44
C ALA B 211 20.45 58.57 42.58
N THR B 212 21.41 59.46 42.31
CA THR B 212 21.89 60.41 43.31
C THR B 212 22.49 61.66 42.68
N THR B 213 22.38 62.82 43.35
CA THR B 213 22.97 64.06 42.86
C THR B 213 24.18 64.44 43.72
N GLY B 214 25.02 65.32 43.18
CA GLY B 214 26.24 65.74 43.86
C GLY B 214 26.30 66.09 45.35
N TYR B 215 27.51 66.31 45.84
CA TYR B 215 27.79 66.66 47.22
C TYR B 215 27.98 68.17 47.41
N GLN B 216 28.20 68.84 46.29
CA GLN B 216 28.46 70.27 46.25
C GLN B 216 27.17 70.94 45.77
N LYS B 217 27.18 72.23 45.51
CA LYS B 217 25.96 72.89 45.02
C LYS B 217 26.00 72.88 43.50
N ASN B 218 24.85 72.68 42.87
CA ASN B 218 24.81 72.66 41.41
C ASN B 218 25.47 71.45 40.76
N ALA B 219 26.02 70.55 41.56
CA ALA B 219 26.61 69.34 41.01
C ALA B 219 25.44 68.38 41.03
N VAL B 220 24.46 68.68 40.19
CA VAL B 220 23.25 67.88 40.11
C VAL B 220 22.76 67.64 38.71
N GLU B 221 21.78 66.77 38.61
CA GLU B 221 21.16 66.44 37.35
C GLU B 221 19.83 65.74 37.63
N THR B 222 19.00 65.67 36.60
CA THR B 222 17.71 65.03 36.76
C THR B 222 17.84 63.55 36.50
N HIS B 223 17.07 62.76 37.23
CA HIS B 223 17.08 61.31 37.07
C HIS B 223 15.66 60.80 37.00
N GLU B 224 15.13 60.72 35.77
CA GLU B 224 13.78 60.28 35.53
C GLU B 224 13.71 58.94 34.80
N ILE B 225 12.85 58.06 35.30
CA ILE B 225 12.67 56.76 34.66
C ILE B 225 11.31 56.85 34.00
N ILE B 226 11.25 56.53 32.71
CA ILE B 226 9.98 56.61 31.98
C ILE B 226 9.20 55.30 31.95
N SER B 227 9.89 54.18 31.79
CA SER B 227 9.27 52.86 31.75
C SER B 227 10.23 51.83 32.35
N TRP B 228 9.74 50.63 32.67
CA TRP B 228 10.63 49.63 33.25
C TRP B 228 10.04 48.24 33.37
N SER B 229 10.47 47.31 32.53
CA SER B 229 9.98 45.94 32.60
C SER B 229 11.06 44.98 33.06
N PHE B 230 10.66 43.88 33.67
CA PHE B 230 11.61 42.90 34.17
C PHE B 230 11.02 41.51 33.97
N THR B 231 11.88 40.50 34.00
CA THR B 231 11.42 39.13 33.85
C THR B 231 12.54 38.11 34.07
N SER B 232 12.41 37.34 35.15
CA SER B 232 13.36 36.30 35.47
C SER B 232 12.70 35.02 34.96
N SER B 233 13.50 33.96 34.76
CA SER B 233 13.05 32.65 34.29
C SER B 233 13.95 31.62 34.94
N LEU B 234 13.47 31.00 36.01
CA LEU B 234 14.24 29.99 36.70
C LEU B 234 13.76 28.59 36.37
N GLN B 235 14.58 27.84 35.61
CA GLN B 235 14.22 26.47 35.22
C GLN B 235 14.41 25.43 36.33
N GLU B 236 13.78 24.27 36.15
CA GLU B 236 13.88 23.18 37.12
C GLU B 236 12.68 22.96 38.02
N GLU C 1 24.44 -5.81 -0.22
CA GLU C 1 22.94 -5.88 -0.20
C GLU C 1 22.38 -5.47 1.19
N THR C 2 22.66 -6.31 2.19
CA THR C 2 22.26 -6.17 3.59
C THR C 2 23.41 -6.50 4.55
N GLN C 3 23.58 -5.66 5.57
CA GLN C 3 24.62 -5.84 6.59
C GLN C 3 23.93 -5.81 7.95
N SER C 4 24.22 -6.78 8.81
CA SER C 4 23.60 -6.83 10.12
C SER C 4 24.56 -7.29 11.19
N PHE C 5 24.17 -7.06 12.43
CA PHE C 5 24.95 -7.51 13.58
C PHE C 5 24.08 -7.35 14.80
N ASN C 6 24.22 -8.29 15.73
CA ASN C 6 23.41 -8.27 16.94
C ASN C 6 24.20 -8.76 18.15
N PHE C 7 24.07 -8.01 19.25
CA PHE C 7 24.73 -8.33 20.51
C PHE C 7 23.68 -8.39 21.63
N ASP C 8 23.17 -9.58 21.96
CA ASP C 8 22.15 -9.71 23.03
C ASP C 8 22.81 -9.50 24.39
N HIS C 9 24.15 -9.54 24.36
CA HIS C 9 25.03 -9.36 25.52
C HIS C 9 26.38 -9.10 24.85
N PHE C 10 27.38 -8.71 25.64
CA PHE C 10 28.73 -8.46 25.13
C PHE C 10 29.76 -9.45 25.66
N GLU C 11 30.36 -10.23 24.76
CA GLU C 11 31.37 -11.21 25.15
C GLU C 11 32.74 -10.55 25.08
N GLU C 12 33.59 -10.86 26.06
CA GLU C 12 34.95 -10.28 26.11
C GLU C 12 35.78 -10.76 24.93
N ASN C 13 36.62 -9.86 24.41
CA ASN C 13 37.50 -10.16 23.27
C ASN C 13 36.79 -10.63 21.98
N SER C 14 35.65 -10.02 21.66
CA SER C 14 34.92 -10.36 20.44
C SER C 14 35.70 -9.75 19.28
N LYS C 15 35.72 -10.45 18.15
CA LYS C 15 36.45 -9.95 16.99
C LYS C 15 35.58 -9.01 16.14
N GLU C 16 34.47 -8.55 16.73
CA GLU C 16 33.56 -7.63 16.06
C GLU C 16 33.54 -6.19 16.66
N LEU C 17 33.45 -6.05 17.99
CA LEU C 17 33.44 -4.72 18.66
C LEU C 17 34.87 -4.26 19.03
N ASN C 18 35.40 -3.39 18.18
CA ASN C 18 36.74 -2.79 18.24
C ASN C 18 36.80 -1.58 19.24
N LEU C 19 37.07 -1.84 20.52
CA LEU C 19 37.04 -0.84 21.61
C LEU C 19 38.15 0.19 21.61
N GLN C 20 37.85 1.41 22.09
CA GLN C 20 38.82 2.51 22.16
C GLN C 20 38.79 3.22 23.51
N ARG C 21 39.96 3.70 23.96
CA ARG C 21 40.10 4.39 25.24
C ARG C 21 39.41 3.70 26.42
N GLN C 22 39.00 4.49 27.41
CA GLN C 22 38.36 3.98 28.63
C GLN C 22 37.31 2.86 28.46
N ALA C 23 36.81 2.66 27.24
CA ALA C 23 35.79 1.63 26.98
C ALA C 23 36.30 0.21 27.15
N SER C 24 35.64 -0.55 28.01
CA SER C 24 36.00 -1.94 28.28
C SER C 24 34.74 -2.78 28.37
N ILE C 25 34.88 -4.07 28.64
CA ILE C 25 33.71 -4.94 28.77
C ILE C 25 33.67 -5.65 30.12
N LYS C 26 32.70 -5.30 30.96
CA LYS C 26 32.60 -5.92 32.27
C LYS C 26 32.31 -7.42 32.11
N SER C 27 32.47 -8.18 33.18
CA SER C 27 32.26 -9.63 33.21
C SER C 27 30.79 -9.97 33.12
N ASN C 28 29.97 -8.98 33.46
CA ASN C 28 28.52 -9.04 33.48
C ASN C 28 27.93 -9.14 32.07
N GLY C 29 28.79 -9.13 31.06
CA GLY C 29 28.34 -9.20 29.67
C GLY C 29 27.77 -7.86 29.22
N VAL C 30 28.31 -6.80 29.82
CA VAL C 30 27.90 -5.43 29.54
C VAL C 30 29.06 -4.60 29.01
N LEU C 31 28.76 -3.67 28.12
CA LEU C 31 29.79 -2.80 27.56
C LEU C 31 29.81 -1.54 28.40
N GLU C 32 30.94 -1.27 29.06
CA GLU C 32 31.06 -0.08 29.89
C GLU C 32 31.87 0.96 29.12
N LEU C 33 31.19 1.98 28.61
CA LEU C 33 31.87 3.00 27.83
C LEU C 33 32.80 3.93 28.62
N THR C 34 32.45 4.31 29.84
CA THR C 34 33.32 5.20 30.62
C THR C 34 33.46 4.78 32.06
N LYS C 35 34.70 4.73 32.52
CA LYS C 35 35.01 4.33 33.88
C LYS C 35 34.57 5.42 34.81
N LEU C 36 34.21 5.04 36.04
CA LEU C 36 33.80 5.95 37.09
C LEU C 36 34.91 6.01 38.15
N THR C 37 35.73 4.96 38.18
CA THR C 37 36.85 4.80 39.11
C THR C 37 37.90 3.89 38.49
N LYS C 38 39.11 4.43 38.35
CA LYS C 38 40.21 3.69 37.75
C LYS C 38 41.33 3.50 38.76
N ASN C 39 41.38 2.31 39.34
CA ASN C 39 42.40 1.99 40.32
C ASN C 39 41.94 2.23 41.73
N GLY C 40 40.66 1.95 42.00
CA GLY C 40 40.15 2.17 43.34
C GLY C 40 39.85 3.63 43.66
N VAL C 41 40.54 4.54 42.96
CA VAL C 41 40.36 6.00 43.14
C VAL C 41 39.43 6.58 42.07
N PRO C 42 38.50 7.48 42.46
CA PRO C 42 37.56 8.10 41.51
C PRO C 42 38.18 9.01 40.45
N VAL C 43 37.65 8.93 39.22
CA VAL C 43 38.17 9.74 38.10
C VAL C 43 37.10 10.47 37.28
N TRP C 44 37.57 11.36 36.39
CA TRP C 44 36.73 12.16 35.51
C TRP C 44 37.41 12.31 34.14
N LYS C 45 36.79 13.14 33.29
CA LYS C 45 37.25 13.41 31.92
C LYS C 45 37.50 12.10 31.18
N SER C 46 36.65 11.12 31.47
CA SER C 46 36.71 9.78 30.89
C SER C 46 36.02 9.76 29.52
N THR C 47 36.57 9.00 28.59
CA THR C 47 36.01 8.92 27.25
C THR C 47 36.08 7.50 26.72
N GLY C 48 34.95 6.96 26.29
CA GLY C 48 34.95 5.60 25.76
C GLY C 48 34.16 5.47 24.47
N ARG C 49 34.76 4.83 23.48
CA ARG C 49 34.11 4.62 22.21
C ARG C 49 34.16 3.13 21.88
N ALA C 50 33.18 2.65 21.11
CA ALA C 50 33.15 1.23 20.71
C ALA C 50 32.58 1.16 19.31
N LEU C 51 33.38 0.68 18.37
CA LEU C 51 32.91 0.60 16.99
C LEU C 51 32.65 -0.84 16.55
N TYR C 52 32.07 -0.98 15.37
CA TYR C 52 31.81 -2.29 14.83
C TYR C 52 32.88 -2.47 13.77
N ALA C 53 33.64 -3.55 13.90
CA ALA C 53 34.75 -3.88 13.02
C ALA C 53 34.61 -3.62 11.51
N GLU C 54 33.50 -4.06 10.93
CA GLU C 54 33.31 -3.86 9.50
C GLU C 54 32.62 -2.55 9.15
N PRO C 55 33.08 -1.89 8.08
CA PRO C 55 32.50 -0.62 7.64
C PRO C 55 31.14 -0.89 7.01
N ILE C 56 30.16 -0.07 7.36
CA ILE C 56 28.82 -0.21 6.82
C ILE C 56 28.68 0.73 5.59
N LYS C 57 28.16 0.22 4.47
CA LYS C 57 28.00 1.03 3.25
C LYS C 57 26.68 1.78 3.29
N ILE C 58 26.75 3.10 3.27
CA ILE C 58 25.54 3.91 3.33
C ILE C 58 24.99 4.37 2.00
N TRP C 59 25.81 4.43 0.96
CA TRP C 59 25.30 4.80 -0.35
C TRP C 59 26.23 4.32 -1.48
N ASP C 60 25.66 4.09 -2.65
CA ASP C 60 26.40 3.59 -3.82
C ASP C 60 26.65 4.69 -4.84
N SER C 61 27.93 4.91 -5.15
CA SER C 61 28.37 5.96 -6.09
C SER C 61 27.79 5.89 -7.51
N THR C 62 27.81 4.69 -8.08
CA THR C 62 27.32 4.47 -9.44
C THR C 62 25.80 4.35 -9.42
N THR C 63 25.31 3.51 -8.51
CA THR C 63 23.88 3.25 -8.34
C THR C 63 23.06 4.50 -7.98
N GLY C 64 23.68 5.44 -7.27
CA GLY C 64 22.99 6.66 -6.89
C GLY C 64 21.95 6.46 -5.80
N ASN C 65 22.06 5.37 -5.06
CA ASN C 65 21.10 5.05 -3.99
C ASN C 65 21.67 5.15 -2.55
N VAL C 66 20.80 5.48 -1.59
CA VAL C 66 21.19 5.64 -0.19
C VAL C 66 20.58 4.50 0.62
N ALA C 67 21.34 4.03 1.60
CA ALA C 67 20.89 2.92 2.43
C ALA C 67 19.83 3.38 3.42
N SER C 68 19.13 2.43 3.99
CA SER C 68 18.16 2.76 5.02
C SER C 68 18.70 1.85 6.10
N PHE C 69 18.67 2.28 7.35
CA PHE C 69 19.15 1.42 8.42
C PHE C 69 18.32 1.65 9.65
N GLU C 70 18.42 0.71 10.58
CA GLU C 70 17.71 0.80 11.83
C GLU C 70 18.61 0.17 12.86
N THR C 71 18.78 0.84 13.98
CA THR C 71 19.62 0.31 15.03
C THR C 71 18.94 0.51 16.38
N ARG C 72 19.07 -0.49 17.24
CA ARG C 72 18.46 -0.46 18.56
C ARG C 72 19.53 -0.80 19.60
N PHE C 73 19.36 -0.27 20.82
CA PHE C 73 20.28 -0.57 21.89
C PHE C 73 19.69 -0.12 23.20
N SER C 74 20.11 -0.78 24.28
CA SER C 74 19.64 -0.46 25.62
C SER C 74 20.81 0.12 26.37
N PHE C 75 20.59 1.16 27.16
CA PHE C 75 21.68 1.74 27.90
C PHE C 75 21.21 2.06 29.30
N ASN C 76 22.17 2.18 30.22
CA ASN C 76 21.85 2.48 31.60
C ASN C 76 22.78 3.57 32.08
N ILE C 77 22.19 4.70 32.43
CA ILE C 77 22.93 5.84 32.92
C ILE C 77 22.54 6.10 34.37
N THR C 78 23.53 6.07 35.25
CA THR C 78 23.28 6.32 36.66
C THR C 78 24.13 7.53 37.06
N GLN C 79 23.46 8.51 37.64
CA GLN C 79 24.10 9.74 38.09
C GLN C 79 24.05 9.70 39.63
N PRO C 80 25.18 9.33 40.26
CA PRO C 80 25.32 9.23 41.72
C PRO C 80 25.11 10.49 42.55
N TYR C 81 25.74 11.59 42.14
CA TYR C 81 25.65 12.83 42.89
C TYR C 81 24.73 13.91 42.29
N ALA C 82 24.41 14.93 43.09
CA ALA C 82 23.55 16.04 42.66
C ALA C 82 24.37 17.32 42.44
N TYR C 83 25.53 17.39 43.09
CA TYR C 83 26.44 18.53 42.98
C TYR C 83 27.86 17.97 43.07
N PRO C 84 28.73 18.31 42.11
CA PRO C 84 28.38 19.19 40.98
C PRO C 84 27.46 18.47 40.00
N GLU C 85 26.80 19.24 39.16
CA GLU C 85 25.93 18.65 38.18
C GLU C 85 26.76 17.58 37.44
N PRO C 86 26.11 16.56 36.87
CA PRO C 86 26.66 15.43 36.10
C PRO C 86 26.93 15.72 34.63
N ALA C 87 27.82 14.94 34.02
CA ALA C 87 28.17 15.12 32.60
C ALA C 87 28.87 13.88 32.06
N ASP C 88 28.97 13.72 30.73
CA ASP C 88 28.47 14.66 29.73
C ASP C 88 27.33 14.09 28.88
N GLY C 89 27.46 12.83 28.49
CA GLY C 89 26.44 12.23 27.67
C GLY C 89 26.88 10.96 26.99
N LEU C 90 25.96 10.37 26.23
CA LEU C 90 26.19 9.12 25.52
C LEU C 90 25.71 9.34 24.10
N THR C 91 26.31 8.66 23.13
CA THR C 91 25.87 8.88 21.76
C THR C 91 26.20 7.82 20.71
N PHE C 92 25.29 7.65 19.77
CA PHE C 92 25.47 6.73 18.66
C PHE C 92 26.05 7.63 17.57
N PHE C 93 26.94 7.12 16.74
CA PHE C 93 27.54 7.97 15.72
C PHE C 93 28.09 7.22 14.53
N MET C 94 28.25 7.94 13.43
CA MET C 94 28.78 7.36 12.21
C MET C 94 29.83 8.29 11.68
N VAL C 95 31.02 7.77 11.42
CA VAL C 95 32.11 8.57 10.90
C VAL C 95 32.73 7.83 9.73
N PRO C 96 33.51 8.52 8.89
CA PRO C 96 34.13 7.83 7.76
C PRO C 96 35.27 6.97 8.32
N PRO C 97 35.74 5.97 7.55
CA PRO C 97 36.81 5.11 8.04
C PRO C 97 38.12 5.88 8.16
N ASN C 98 38.96 5.46 9.10
CA ASN C 98 40.25 6.12 9.32
C ASN C 98 40.08 7.64 9.52
N SER C 99 39.24 8.02 10.51
CA SER C 99 38.99 9.42 10.84
C SER C 99 39.40 9.62 12.29
N PRO C 100 39.87 10.83 12.62
CA PRO C 100 40.31 11.21 13.97
C PRO C 100 39.25 11.09 15.05
N GLN C 101 39.68 11.04 16.30
CA GLN C 101 38.76 10.93 17.42
C GLN C 101 38.30 12.33 17.85
N GLY C 102 37.07 12.44 18.35
CA GLY C 102 36.56 13.72 18.81
C GLY C 102 37.10 14.08 20.19
N GLU C 103 36.88 15.32 20.65
CA GLU C 103 37.37 15.77 21.96
C GLU C 103 36.54 15.13 23.05
N ASP C 104 37.06 15.02 24.26
CA ASP C 104 36.25 14.43 25.32
C ASP C 104 35.15 15.37 25.85
N GLY C 105 34.65 15.06 27.05
CA GLY C 105 33.55 15.81 27.64
C GLY C 105 32.44 16.19 26.68
N GLY C 106 32.14 17.47 26.64
CA GLY C 106 31.08 17.99 25.79
C GLY C 106 30.95 17.51 24.35
N ASN C 107 32.06 17.22 23.68
CA ASN C 107 31.96 16.78 22.30
C ASN C 107 31.68 15.27 22.25
N LEU C 108 31.43 14.70 23.41
CA LEU C 108 31.08 13.29 23.52
C LEU C 108 32.07 12.37 22.84
N GLY C 109 33.30 12.83 22.68
CA GLY C 109 34.30 12.01 22.02
C GLY C 109 33.96 11.75 20.57
N VAL C 110 33.28 12.69 19.93
CA VAL C 110 32.92 12.53 18.53
C VAL C 110 33.32 13.70 17.67
N PHE C 111 32.97 14.90 18.10
CA PHE C 111 33.30 16.11 17.32
C PHE C 111 34.49 16.90 17.87
N LYS C 112 35.07 17.74 17.01
CA LYS C 112 36.20 18.59 17.39
C LYS C 112 35.79 20.02 17.01
N PRO C 113 36.33 21.03 17.71
CA PRO C 113 36.02 22.43 17.46
C PRO C 113 36.24 22.96 16.05
N PRO C 114 37.46 22.98 15.56
CA PRO C 114 37.66 23.47 14.19
C PRO C 114 36.78 22.62 13.29
N GLU C 115 36.03 23.24 12.40
CA GLU C 115 35.15 22.48 11.52
C GLU C 115 35.81 21.46 10.61
N GLY C 116 36.58 20.54 11.18
CA GLY C 116 37.26 19.55 10.37
C GLY C 116 36.62 18.17 10.28
N ASP C 117 36.18 17.63 11.40
CA ASP C 117 35.58 16.29 11.44
C ASP C 117 34.23 16.23 10.73
N ASN C 118 34.02 15.12 10.01
CA ASN C 118 32.80 14.85 9.28
C ASN C 118 32.11 13.70 10.02
N ALA C 119 30.99 14.00 10.69
CA ALA C 119 30.29 12.97 11.44
C ALA C 119 28.82 13.23 11.68
N PHE C 120 28.11 12.17 12.05
CA PHE C 120 26.69 12.23 12.34
C PHE C 120 26.52 11.49 13.66
N ALA C 121 25.57 11.91 14.49
CA ALA C 121 25.39 11.21 15.75
C ALA C 121 24.09 11.57 16.40
N VAL C 122 23.49 10.60 17.07
CA VAL C 122 22.26 10.82 17.81
C VAL C 122 22.77 10.85 19.23
N GLU C 123 22.58 11.98 19.91
CA GLU C 123 23.08 12.12 21.26
C GLU C 123 22.06 12.14 22.36
N PHE C 124 22.51 11.73 23.55
CA PHE C 124 21.68 11.75 24.75
C PHE C 124 22.52 12.56 25.71
N ASP C 125 22.46 13.87 25.50
CA ASP C 125 23.19 14.89 26.25
C ASP C 125 22.69 15.01 27.68
N THR C 126 23.58 14.84 28.67
CA THR C 126 23.15 14.99 30.06
C THR C 126 23.66 16.26 30.69
N PHE C 127 24.45 17.01 29.92
CA PHE C 127 25.01 18.27 30.43
C PHE C 127 24.83 19.46 29.49
N GLN C 128 24.36 20.57 30.05
CA GLN C 128 24.11 21.77 29.25
C GLN C 128 25.29 22.71 29.02
N ASN C 129 25.97 22.56 27.89
CA ASN C 129 27.07 23.45 27.56
C ASN C 129 26.50 24.76 27.05
N THR C 130 27.34 25.61 26.48
CA THR C 130 26.89 26.91 25.98
C THR C 130 25.97 26.81 24.77
N TRP C 131 26.08 25.71 24.02
CA TRP C 131 25.26 25.51 22.82
C TRP C 131 24.06 24.60 23.04
N ASP C 132 23.90 24.07 24.26
CA ASP C 132 22.80 23.18 24.58
C ASP C 132 21.56 23.82 25.19
N PRO C 133 20.41 23.17 25.03
CA PRO C 133 19.11 23.61 25.56
C PRO C 133 19.03 22.85 26.89
N GLN C 134 17.93 22.95 27.61
CA GLN C 134 17.84 22.23 28.88
C GLN C 134 18.28 20.77 28.71
N VAL C 135 18.76 20.18 29.78
CA VAL C 135 19.12 18.77 29.70
C VAL C 135 18.36 17.96 30.74
N PRO C 136 18.33 16.64 30.57
CA PRO C 136 18.98 15.96 29.45
C PRO C 136 18.11 16.05 28.21
N HIS C 137 18.70 15.84 27.05
CA HIS C 137 17.94 15.91 25.80
C HIS C 137 18.41 14.93 24.75
N ILE C 138 17.57 14.69 23.76
CA ILE C 138 17.94 13.81 22.66
C ILE C 138 18.33 14.78 21.58
N GLY C 139 19.41 14.53 20.89
CA GLY C 139 19.79 15.46 19.85
C GLY C 139 20.21 14.77 18.59
N ILE C 140 19.97 15.40 17.46
CA ILE C 140 20.37 14.83 16.18
C ILE C 140 21.50 15.69 15.68
N ASP C 141 22.72 15.19 15.80
CA ASP C 141 23.87 15.96 15.38
C ASP C 141 24.34 15.64 13.99
N VAL C 142 24.23 16.63 13.11
CA VAL C 142 24.64 16.45 11.73
C VAL C 142 25.85 17.32 11.46
N ASN C 143 27.05 16.75 11.64
CA ASN C 143 28.31 17.45 11.42
C ASN C 143 28.59 18.60 12.38
N SER C 144 28.04 18.50 13.59
CA SER C 144 28.25 19.52 14.62
C SER C 144 27.65 19.05 15.93
N ILE C 145 28.20 19.46 17.06
CA ILE C 145 27.63 19.02 18.31
C ILE C 145 26.35 19.79 18.54
N VAL C 146 26.16 20.86 17.76
CA VAL C 146 24.95 21.63 17.90
C VAL C 146 23.88 20.88 17.13
N SER C 147 22.96 20.25 17.86
CA SER C 147 21.90 19.44 17.27
C SER C 147 20.98 20.26 16.37
N SER C 148 20.59 19.68 15.24
CA SER C 148 19.70 20.38 14.33
C SER C 148 18.27 20.26 14.86
N LYS C 149 18.05 19.31 15.75
CA LYS C 149 16.73 19.11 16.38
C LYS C 149 16.98 18.47 17.73
N THR C 150 16.24 18.90 18.75
CA THR C 150 16.45 18.32 20.10
C THR C 150 15.15 18.09 20.84
N LEU C 151 15.20 17.21 21.84
CA LEU C 151 14.02 16.91 22.63
C LEU C 151 14.36 16.63 24.08
N HIS C 152 13.77 17.40 24.97
CA HIS C 152 14.03 17.20 26.40
C HIS C 152 13.31 15.96 26.89
N PHE C 153 14.02 15.14 27.65
CA PHE C 153 13.43 13.93 28.20
C PHE C 153 13.87 13.76 29.63
N GLN C 154 12.97 13.23 30.47
CA GLN C 154 13.32 13.02 31.86
C GLN C 154 14.03 11.70 31.91
N LEU C 155 15.25 11.70 32.46
CA LEU C 155 16.05 10.48 32.60
C LEU C 155 15.67 9.72 33.85
N GLU C 156 15.59 8.40 33.74
CA GLU C 156 15.29 7.57 34.89
C GLU C 156 16.66 7.14 35.37
N ASN C 157 17.05 7.65 36.54
CA ASN C 157 18.37 7.36 37.13
C ASN C 157 18.57 5.88 37.41
N GLY C 158 19.55 5.25 36.76
CA GLY C 158 19.82 3.84 36.95
C GLY C 158 18.82 2.88 36.29
N GLY C 159 17.95 3.40 35.43
CA GLY C 159 16.97 2.57 34.75
C GLY C 159 17.45 2.16 33.37
N VAL C 160 16.84 1.12 32.81
CA VAL C 160 17.23 0.65 31.48
C VAL C 160 16.45 1.38 30.39
N ALA C 161 17.19 2.03 29.49
CA ALA C 161 16.60 2.77 28.40
C ALA C 161 16.62 1.93 27.13
N ASN C 162 15.57 2.06 26.32
CA ASN C 162 15.48 1.33 25.05
C ASN C 162 15.46 2.38 23.95
N VAL C 163 16.47 2.33 23.09
CA VAL C 163 16.57 3.29 22.01
C VAL C 163 16.35 2.67 20.64
N VAL C 164 15.74 3.44 19.75
CA VAL C 164 15.51 2.99 18.39
C VAL C 164 15.85 4.16 17.49
N ILE C 165 16.72 3.93 16.52
CA ILE C 165 17.09 4.98 15.58
C ILE C 165 16.82 4.40 14.21
N LYS C 166 15.81 4.92 13.54
CA LYS C 166 15.41 4.39 12.23
C LYS C 166 15.55 5.46 11.16
N TYR C 167 16.18 5.12 10.04
CA TYR C 167 16.37 6.07 8.95
C TYR C 167 15.85 5.48 7.64
N ASP C 168 14.92 6.18 6.98
CA ASP C 168 14.34 5.71 5.71
C ASP C 168 14.89 6.44 4.49
N SER C 169 15.81 5.81 3.76
CA SER C 169 16.42 6.42 2.57
C SER C 169 15.45 7.18 1.66
N PRO C 170 14.32 6.56 1.29
CA PRO C 170 13.34 7.22 0.41
C PRO C 170 12.73 8.54 0.90
N THR C 171 12.42 8.63 2.20
CA THR C 171 11.86 9.87 2.73
C THR C 171 12.90 10.72 3.45
N LYS C 172 14.10 10.18 3.60
CA LYS C 172 15.20 10.85 4.27
C LYS C 172 14.79 11.26 5.66
N ILE C 173 13.96 10.44 6.29
CA ILE C 173 13.46 10.71 7.63
C ILE C 173 14.24 9.97 8.71
N LEU C 174 14.94 10.71 9.56
CA LEU C 174 15.66 10.09 10.65
C LEU C 174 14.78 10.18 11.89
N ASN C 175 14.56 9.05 12.54
CA ASN C 175 13.72 9.01 13.70
C ASN C 175 14.42 8.40 14.89
N VAL C 176 14.13 8.94 16.08
CA VAL C 176 14.72 8.43 17.31
C VAL C 176 13.64 8.22 18.35
N VAL C 177 13.55 6.99 18.85
CA VAL C 177 12.58 6.71 19.88
C VAL C 177 13.33 6.26 21.10
N LEU C 178 13.07 6.94 22.20
CA LEU C 178 13.69 6.62 23.48
C LEU C 178 12.56 6.25 24.38
N ALA C 179 12.63 5.07 24.97
CA ALA C 179 11.57 4.65 25.85
C ALA C 179 12.11 3.98 27.10
N PHE C 180 11.50 4.29 28.24
CA PHE C 180 11.87 3.70 29.51
C PHE C 180 10.66 2.87 29.84
N HIS C 181 10.76 1.58 29.59
CA HIS C 181 9.62 0.70 29.83
C HIS C 181 9.21 0.55 31.30
N SER C 182 10.18 0.38 32.17
CA SER C 182 9.90 0.20 33.60
C SER C 182 9.06 1.34 34.21
N VAL C 183 8.82 2.40 33.45
CA VAL C 183 8.05 3.54 33.95
C VAL C 183 6.89 3.96 33.04
N GLY C 184 6.93 3.52 31.79
CA GLY C 184 5.87 3.84 30.86
C GLY C 184 6.02 5.16 30.13
N THR C 185 7.25 5.53 29.80
CA THR C 185 7.51 6.77 29.09
C THR C 185 8.12 6.53 27.71
N VAL C 186 7.71 7.35 26.75
CA VAL C 186 8.19 7.23 25.39
C VAL C 186 8.51 8.60 24.84
N TYR C 187 9.64 8.70 24.18
CA TYR C 187 10.07 9.96 23.60
C TYR C 187 10.36 9.72 22.14
N THR C 188 9.82 10.58 21.28
CA THR C 188 10.06 10.43 19.86
C THR C 188 10.47 11.76 19.23
N LEU C 189 11.60 11.74 18.54
CA LEU C 189 12.14 12.92 17.88
C LEU C 189 12.54 12.52 16.46
N SER C 190 12.12 13.31 15.47
CA SER C 190 12.48 12.99 14.10
C SER C 190 12.72 14.24 13.25
N ASN C 191 13.73 14.18 12.41
CA ASN C 191 14.08 15.29 11.54
C ASN C 191 14.59 14.75 10.21
N ILE C 192 14.60 15.58 9.18
CA ILE C 192 15.08 15.17 7.86
C ILE C 192 16.60 15.24 7.72
N VAL C 193 17.20 14.18 7.21
CA VAL C 193 18.65 14.13 7.06
C VAL C 193 19.03 13.48 5.74
N ASP C 194 19.82 14.18 4.92
CA ASP C 194 20.21 13.62 3.63
C ASP C 194 21.57 12.92 3.68
N LEU C 195 21.60 11.70 4.21
CA LEU C 195 22.85 10.96 4.32
C LEU C 195 23.85 11.07 3.19
N LYS C 196 23.39 10.93 1.94
CA LYS C 196 24.30 10.99 0.79
C LYS C 196 25.00 12.32 0.71
N GLN C 197 24.25 13.38 0.95
CA GLN C 197 24.76 14.74 0.88
C GLN C 197 25.63 15.12 2.07
N GLU C 198 25.45 14.44 3.20
CA GLU C 198 26.21 14.72 4.42
C GLU C 198 27.47 13.90 4.64
N PHE C 199 27.71 12.90 3.79
CA PHE C 199 28.92 12.05 3.87
C PHE C 199 29.40 11.82 2.45
N PRO C 200 29.61 12.89 1.69
CA PRO C 200 30.06 12.82 0.29
C PRO C 200 31.48 12.34 0.02
N ASN C 201 32.25 12.08 1.07
CA ASN C 201 33.62 11.65 0.84
C ASN C 201 33.83 10.16 1.03
N SER C 202 32.85 9.48 1.62
CA SER C 202 32.96 8.05 1.84
C SER C 202 31.61 7.36 1.75
N GLU C 203 31.50 6.40 0.83
CA GLU C 203 30.27 5.64 0.65
C GLU C 203 30.17 4.71 1.85
N TRP C 204 31.27 4.62 2.58
CA TRP C 204 31.37 3.77 3.77
C TRP C 204 31.53 4.57 5.04
N VAL C 205 31.01 4.06 6.15
CA VAL C 205 31.13 4.73 7.44
C VAL C 205 31.27 3.71 8.56
N ASN C 206 31.95 4.09 9.63
CA ASN C 206 32.10 3.22 10.77
C ASN C 206 30.95 3.55 11.70
N VAL C 207 30.37 2.55 12.33
CA VAL C 207 29.26 2.77 13.23
C VAL C 207 29.68 2.47 14.65
N GLY C 208 29.27 3.29 15.62
CA GLY C 208 29.67 3.01 16.98
C GLY C 208 28.95 3.80 18.06
N LEU C 209 29.19 3.41 19.30
CA LEU C 209 28.61 4.08 20.45
C LEU C 209 29.75 4.79 21.18
N SER C 210 29.40 5.85 21.90
CA SER C 210 30.39 6.63 22.63
C SER C 210 29.80 7.37 23.83
N ALA C 211 30.63 7.61 24.83
CA ALA C 211 30.19 8.32 26.02
C ALA C 211 31.37 9.06 26.64
N THR C 212 31.09 10.00 27.55
CA THR C 212 32.14 10.78 28.22
C THR C 212 31.67 11.33 29.57
N THR C 213 32.59 11.48 30.52
CA THR C 213 32.25 12.04 31.83
C THR C 213 32.88 13.44 31.96
N GLY C 214 32.37 14.23 32.91
CA GLY C 214 32.81 15.60 33.12
C GLY C 214 34.27 16.01 33.09
N TYR C 215 34.49 17.33 33.16
CA TYR C 215 35.82 17.93 33.16
C TYR C 215 36.26 18.28 34.59
N GLN C 216 35.34 18.12 35.52
CA GLN C 216 35.51 18.46 36.94
C GLN C 216 35.35 17.23 37.86
N LYS C 217 35.83 17.27 39.10
CA LYS C 217 35.68 16.09 39.98
C LYS C 217 34.22 15.86 40.34
N ASN C 218 33.75 14.63 40.15
CA ASN C 218 32.37 14.27 40.46
C ASN C 218 31.32 14.65 39.41
N ALA C 219 31.76 15.28 38.33
CA ALA C 219 30.82 15.63 37.28
C ALA C 219 30.91 14.41 36.39
N VAL C 220 30.43 13.30 36.91
CA VAL C 220 30.48 12.05 36.17
C VAL C 220 29.20 11.27 36.26
N GLU C 221 29.15 10.18 35.49
CA GLU C 221 28.01 9.26 35.51
C GLU C 221 28.43 7.98 34.80
N THR C 222 27.66 6.93 35.00
CA THR C 222 27.97 5.66 34.39
C THR C 222 27.36 5.60 33.00
N HIS C 223 28.05 4.95 32.09
CA HIS C 223 27.58 4.80 30.73
C HIS C 223 27.73 3.35 30.28
N GLU C 224 26.69 2.56 30.53
CA GLU C 224 26.69 1.14 30.20
C GLU C 224 25.71 0.80 29.08
N ILE C 225 26.18 0.02 28.12
CA ILE C 225 25.34 -0.42 27.02
C ILE C 225 25.06 -1.89 27.31
N ILE C 226 23.79 -2.26 27.31
CA ILE C 226 23.41 -3.64 27.59
C ILE C 226 23.28 -4.53 26.35
N SER C 227 22.72 -3.98 25.28
CA SER C 227 22.54 -4.72 24.03
C SER C 227 22.64 -3.74 22.87
N TRP C 228 22.78 -4.25 21.65
CA TRP C 228 22.91 -3.35 20.51
C TRP C 228 22.86 -4.01 19.13
N SER C 229 21.75 -3.87 18.42
CA SER C 229 21.61 -4.44 17.09
C SER C 229 21.59 -3.37 16.01
N PHE C 230 22.01 -3.73 14.81
CA PHE C 230 22.04 -2.78 13.70
C PHE C 230 21.69 -3.52 12.44
N THR C 231 21.29 -2.76 11.42
CA THR C 231 20.94 -3.35 10.14
C THR C 231 20.66 -2.31 9.06
N SER C 232 21.54 -2.27 8.06
CA SER C 232 21.38 -1.36 6.93
C SER C 232 20.78 -2.22 5.84
N SER C 233 20.20 -1.56 4.85
CA SER C 233 19.55 -2.21 3.73
C SER C 233 19.71 -1.30 2.50
N LEU C 234 20.68 -1.60 1.67
CA LEU C 234 20.93 -0.79 0.49
C LEU C 234 20.41 -1.44 -0.78
N GLN C 235 19.34 -0.89 -1.35
CA GLN C 235 18.75 -1.44 -2.57
C GLN C 235 19.52 -1.10 -3.85
N GLU C 236 19.24 -1.85 -4.92
CA GLU C 236 19.89 -1.62 -6.21
C GLU C 236 20.97 -2.62 -6.60
N GLU D 1 -3.81 30.07 19.74
CA GLU D 1 -2.74 29.33 18.99
C GLU D 1 -2.54 27.89 19.51
N THR D 2 -3.48 27.38 20.31
CA THR D 2 -3.33 26.03 20.87
C THR D 2 -4.65 25.43 21.34
N GLN D 3 -4.87 24.16 20.98
CA GLN D 3 -6.07 23.43 21.39
C GLN D 3 -5.62 22.13 22.05
N SER D 4 -6.16 21.82 23.22
CA SER D 4 -5.77 20.61 23.92
C SER D 4 -6.94 19.95 24.59
N PHE D 5 -6.75 18.70 24.97
CA PHE D 5 -7.74 17.94 25.71
C PHE D 5 -7.07 16.68 26.24
N ASN D 6 -7.48 16.28 27.44
CA ASN D 6 -6.88 15.12 28.07
C ASN D 6 -7.91 14.32 28.87
N PHE D 7 -7.87 12.99 28.68
CA PHE D 7 -8.76 12.07 29.37
C PHE D 7 -7.93 11.02 30.07
N ASP D 8 -7.69 11.18 31.38
CA ASP D 8 -6.91 10.20 32.14
C ASP D 8 -7.78 9.01 32.60
N HIS D 9 -9.05 9.07 32.19
CA HIS D 9 -10.07 8.07 32.46
C HIS D 9 -11.31 8.71 31.82
N PHE D 10 -12.23 7.89 31.36
CA PHE D 10 -13.45 8.36 30.68
C PHE D 10 -14.67 8.43 31.59
N GLU D 11 -15.20 9.63 31.80
CA GLU D 11 -16.37 9.80 32.66
C GLU D 11 -17.62 9.69 31.79
N GLU D 12 -18.65 9.03 32.30
CA GLU D 12 -19.92 8.86 31.57
C GLU D 12 -20.61 10.21 31.34
N ASN D 13 -21.22 10.36 30.18
CA ASN D 13 -21.93 11.58 29.81
C ASN D 13 -21.09 12.88 29.81
N SER D 14 -19.84 12.79 29.35
CA SER D 14 -18.98 13.97 29.28
C SER D 14 -19.48 14.81 28.12
N LYS D 15 -19.40 16.13 28.25
CA LYS D 15 -19.87 17.01 27.19
C LYS D 15 -18.75 17.30 26.19
N GLU D 16 -17.60 16.65 26.39
CA GLU D 16 -16.42 16.91 25.56
C GLU D 16 -16.26 15.94 24.40
N LEU D 17 -16.91 14.78 24.52
CA LEU D 17 -16.78 13.75 23.51
C LEU D 17 -18.10 13.10 23.09
N ASN D 18 -18.52 13.31 21.84
CA ASN D 18 -19.77 12.72 21.39
C ASN D 18 -19.61 11.39 20.64
N LEU D 19 -20.05 10.36 21.32
CA LEU D 19 -20.03 8.95 20.91
C LEU D 19 -21.01 8.60 19.78
N GLN D 20 -20.64 7.61 18.95
CA GLN D 20 -21.46 7.16 17.82
C GLN D 20 -21.56 5.63 17.74
N ARG D 21 -22.70 5.13 17.29
CA ARG D 21 -22.97 3.69 17.18
C ARG D 21 -22.58 2.88 18.42
N GLN D 22 -22.23 1.61 18.21
CA GLN D 22 -21.87 0.69 19.29
C GLN D 22 -20.96 1.23 20.41
N ALA D 23 -20.30 2.37 20.17
CA ALA D 23 -19.39 2.95 21.16
C ALA D 23 -20.10 3.47 22.41
N SER D 24 -19.68 2.97 23.56
CA SER D 24 -20.26 3.37 24.85
C SER D 24 -19.13 3.54 25.87
N ILE D 25 -19.49 3.88 27.10
CA ILE D 25 -18.48 4.03 28.14
C ILE D 25 -18.74 3.14 29.34
N LYS D 26 -17.86 2.19 29.58
CA LYS D 26 -18.02 1.27 30.69
C LYS D 26 -17.99 2.05 32.01
N SER D 27 -18.38 1.39 33.10
CA SER D 27 -18.38 1.99 34.42
C SER D 27 -16.95 2.07 34.97
N ASN D 28 -16.08 1.23 34.43
CA ASN D 28 -14.69 1.18 34.85
C ASN D 28 -13.90 2.42 34.42
N GLY D 29 -14.56 3.36 33.73
CA GLY D 29 -13.90 4.59 33.29
C GLY D 29 -13.11 4.35 32.02
N VAL D 30 -13.59 3.41 31.22
CA VAL D 30 -12.96 3.02 29.96
C VAL D 30 -13.92 3.24 28.80
N LEU D 31 -13.36 3.61 27.64
CA LEU D 31 -14.17 3.82 26.45
C LEU D 31 -14.17 2.52 25.68
N GLU D 32 -15.34 1.92 25.51
CA GLU D 32 -15.44 0.67 24.76
C GLU D 32 -15.98 0.97 23.37
N LEU D 33 -15.11 0.92 22.37
CA LEU D 33 -15.51 1.22 21.02
C LEU D 33 -16.44 0.21 20.35
N THR D 34 -16.24 -1.08 20.58
CA THR D 34 -17.12 -2.09 19.95
C THR D 34 -17.54 -3.18 20.90
N LYS D 35 -18.84 -3.47 20.91
CA LYS D 35 -19.43 -4.48 21.79
C LYS D 35 -19.16 -5.88 21.26
N LEU D 36 -18.88 -6.78 22.20
CA LEU D 36 -18.55 -8.17 21.88
C LEU D 36 -19.80 -9.03 22.08
N THR D 37 -20.74 -8.53 22.87
CA THR D 37 -22.01 -9.20 23.20
C THR D 37 -23.05 -8.14 23.54
N LYS D 38 -24.08 -8.06 22.69
CA LYS D 38 -25.15 -7.10 22.85
C LYS D 38 -26.44 -7.79 23.23
N ASN D 39 -26.73 -7.81 24.53
CA ASN D 39 -27.91 -8.44 25.10
C ASN D 39 -27.63 -9.92 25.46
N GLY D 40 -26.58 -10.17 26.24
CA GLY D 40 -26.25 -11.52 26.68
C GLY D 40 -25.84 -12.47 25.58
N VAL D 41 -26.26 -12.18 24.35
CA VAL D 41 -25.95 -12.98 23.16
C VAL D 41 -24.78 -12.37 22.37
N PRO D 42 -23.83 -13.20 21.90
CA PRO D 42 -22.68 -12.71 21.13
C PRO D 42 -23.00 -12.08 19.76
N VAL D 43 -22.29 -11.01 19.40
CA VAL D 43 -22.50 -10.32 18.13
C VAL D 43 -21.23 -10.00 17.33
N TRP D 44 -21.45 -9.55 16.09
CA TRP D 44 -20.38 -9.19 15.17
C TRP D 44 -20.79 -7.96 14.33
N LYS D 45 -19.97 -7.62 13.34
CA LYS D 45 -20.17 -6.46 12.45
C LYS D 45 -20.44 -5.21 13.28
N SER D 46 -19.78 -5.12 14.42
CA SER D 46 -19.91 -4.01 15.36
C SER D 46 -19.01 -2.85 14.94
N THR D 47 -19.50 -1.64 15.13
CA THR D 47 -18.75 -0.45 14.75
C THR D 47 -18.90 0.65 15.78
N GLY D 48 -17.79 1.18 16.28
CA GLY D 48 -17.87 2.24 17.27
C GLY D 48 -16.90 3.36 17.01
N ARG D 49 -17.41 4.59 17.05
CA ARG D 49 -16.59 5.77 16.83
C ARG D 49 -16.77 6.71 18.01
N ALA D 50 -15.76 7.52 18.31
CA ALA D 50 -15.83 8.50 19.40
C ALA D 50 -15.06 9.73 18.98
N LEU D 51 -15.75 10.86 18.86
CA LEU D 51 -15.08 12.09 18.46
C LEU D 51 -14.93 13.07 19.60
N TYR D 52 -14.19 14.15 19.34
CA TYR D 52 -14.01 15.17 20.33
C TYR D 52 -14.90 16.29 19.84
N ALA D 53 -15.81 16.72 20.72
CA ALA D 53 -16.80 17.76 20.45
C ALA D 53 -16.38 18.98 19.62
N GLU D 54 -15.25 19.59 19.97
CA GLU D 54 -14.80 20.77 19.24
C GLU D 54 -13.91 20.43 18.04
N PRO D 55 -14.10 21.15 16.93
CA PRO D 55 -13.30 20.93 15.71
C PRO D 55 -11.91 21.48 15.94
N ILE D 56 -10.90 20.73 15.54
CA ILE D 56 -9.52 21.15 15.68
C ILE D 56 -9.06 21.83 14.38
N LYS D 57 -8.42 22.99 14.50
CA LYS D 57 -7.95 23.73 13.33
C LYS D 57 -6.60 23.20 12.86
N ILE D 58 -6.51 22.69 11.63
CA ILE D 58 -5.22 22.17 11.18
C ILE D 58 -4.40 23.11 10.31
N TRP D 59 -5.04 24.09 9.67
CA TRP D 59 -4.28 25.05 8.88
C TRP D 59 -5.06 26.35 8.68
N ASP D 60 -4.33 27.45 8.49
CA ASP D 60 -4.95 28.78 8.32
C ASP D 60 -4.88 29.23 6.86
N SER D 61 -6.02 29.45 6.22
CA SER D 61 -6.01 29.81 4.80
C SER D 61 -5.26 31.09 4.48
N THR D 62 -5.46 32.09 5.33
CA THR D 62 -4.86 33.40 5.19
C THR D 62 -3.35 33.48 5.35
N THR D 63 -2.83 32.81 6.38
CA THR D 63 -1.40 32.80 6.66
C THR D 63 -0.67 31.73 5.84
N GLY D 64 -1.34 30.59 5.65
CA GLY D 64 -0.77 29.49 4.90
C GLY D 64 -0.02 28.47 5.74
N ASN D 65 -0.12 28.60 7.05
CA ASN D 65 0.56 27.73 8.00
C ASN D 65 -0.28 26.51 8.30
N VAL D 66 0.41 25.43 8.60
CA VAL D 66 -0.17 24.15 8.95
C VAL D 66 0.15 23.87 10.41
N ALA D 67 -0.81 23.26 11.11
CA ALA D 67 -0.65 22.96 12.53
C ALA D 67 0.28 21.78 12.72
N SER D 68 0.76 21.60 13.94
CA SER D 68 1.58 20.46 14.26
C SER D 68 0.81 19.97 15.45
N PHE D 69 0.64 18.65 15.56
CA PHE D 69 -0.10 18.11 16.68
C PHE D 69 0.54 16.83 17.14
N GLU D 70 0.15 16.43 18.34
CA GLU D 70 0.66 15.21 18.93
C GLU D 70 -0.47 14.64 19.74
N THR D 71 -0.73 13.35 19.58
CA THR D 71 -1.79 12.72 20.34
C THR D 71 -1.32 11.37 20.84
N ARG D 72 -1.71 11.05 22.07
CA ARG D 72 -1.32 9.79 22.69
C ARG D 72 -2.56 9.11 23.24
N PHE D 73 -2.55 7.78 23.30
CA PHE D 73 -3.67 7.04 23.86
C PHE D 73 -3.24 5.61 24.10
N SER D 74 -3.90 4.97 25.06
CA SER D 74 -3.63 3.58 25.43
C SER D 74 -4.83 2.77 25.00
N PHE D 75 -4.60 1.60 24.45
CA PHE D 75 -5.72 0.77 24.04
C PHE D 75 -5.45 -0.66 24.42
N ASN D 76 -6.52 -1.44 24.53
CA ASN D 76 -6.40 -2.83 24.89
C ASN D 76 -7.25 -3.66 23.95
N ILE D 77 -6.58 -4.53 23.20
CA ILE D 77 -7.25 -5.40 22.25
C ILE D 77 -7.06 -6.83 22.70
N THR D 78 -8.15 -7.51 23.04
CA THR D 78 -8.09 -8.92 23.43
C THR D 78 -8.83 -9.74 22.35
N GLN D 79 -8.18 -10.74 21.75
CA GLN D 79 -8.74 -11.61 20.72
C GLN D 79 -8.94 -12.97 21.40
N PRO D 80 -10.20 -13.28 21.78
CA PRO D 80 -10.59 -14.52 22.45
C PRO D 80 -10.35 -15.83 21.72
N TYR D 81 -10.77 -15.90 20.45
CA TYR D 81 -10.64 -17.12 19.67
C TYR D 81 -9.51 -17.13 18.63
N ALA D 82 -9.20 -18.32 18.12
CA ALA D 82 -8.16 -18.50 17.11
C ALA D 82 -8.75 -18.79 15.72
N TYR D 83 -9.99 -19.30 15.71
CA TYR D 83 -10.72 -19.61 14.48
C TYR D 83 -12.20 -19.30 14.76
N PRO D 84 -12.87 -18.44 13.97
CA PRO D 84 -12.28 -17.76 12.84
C PRO D 84 -11.13 -16.83 13.19
N GLU D 85 -10.50 -16.25 12.15
CA GLU D 85 -9.39 -15.31 12.31
C GLU D 85 -10.09 -14.00 12.68
N PRO D 86 -9.66 -13.32 13.77
CA PRO D 86 -10.19 -12.07 14.34
C PRO D 86 -10.19 -10.86 13.42
N ALA D 87 -11.06 -9.89 13.70
CA ALA D 87 -11.15 -8.68 12.89
C ALA D 87 -11.91 -7.58 13.64
N ASP D 88 -11.81 -6.32 13.22
CA ASP D 88 -11.03 -5.88 12.04
C ASP D 88 -9.85 -4.97 12.41
N GLY D 89 -10.07 -4.06 13.35
CA GLY D 89 -9.02 -3.16 13.73
C GLY D 89 -9.50 -1.95 14.50
N LEU D 90 -8.56 -1.10 14.87
CA LEU D 90 -8.81 0.10 15.65
C LEU D 90 -8.08 1.23 14.95
N THR D 91 -8.60 2.45 15.05
CA THR D 91 -7.92 3.54 14.35
C THR D 91 -8.21 4.96 14.80
N PHE D 92 -7.19 5.80 14.72
CA PHE D 92 -7.29 7.21 15.05
C PHE D 92 -7.58 7.84 13.68
N PHE D 93 -8.37 8.89 13.64
CA PHE D 93 -8.68 9.48 12.35
C PHE D 93 -9.13 10.94 12.42
N MET D 94 -9.01 11.62 11.29
CA MET D 94 -9.40 13.02 11.20
C MET D 94 -10.23 13.18 9.95
N VAL D 95 -11.42 13.75 10.09
CA VAL D 95 -12.30 13.97 8.95
C VAL D 95 -12.80 15.39 9.02
N PRO D 96 -13.35 15.91 7.91
CA PRO D 96 -13.86 17.28 7.95
C PRO D 96 -15.17 17.26 8.74
N PRO D 97 -15.63 18.43 9.23
CA PRO D 97 -16.87 18.48 9.99
C PRO D 97 -18.07 18.14 9.12
N ASN D 98 -19.10 17.56 9.72
CA ASN D 98 -20.32 17.19 8.99
C ASN D 98 -20.00 16.35 7.77
N SER D 99 -19.35 15.22 7.99
CA SER D 99 -19.04 14.35 6.88
C SER D 99 -19.68 13.02 7.24
N PRO D 100 -19.89 12.15 6.24
CA PRO D 100 -20.50 10.82 6.38
C PRO D 100 -19.64 9.81 7.14
N GLN D 101 -20.31 8.73 7.56
CA GLN D 101 -19.66 7.64 8.29
C GLN D 101 -19.07 6.59 7.35
N GLY D 102 -17.89 6.07 7.70
CA GLY D 102 -17.30 5.04 6.86
C GLY D 102 -18.00 3.71 7.01
N GLU D 103 -17.73 2.75 6.13
CA GLU D 103 -18.39 1.44 6.17
C GLU D 103 -17.77 0.48 7.17
N ASP D 104 -18.62 -0.29 7.87
CA ASP D 104 -18.21 -1.29 8.89
C ASP D 104 -17.05 -2.25 8.50
N GLY D 105 -16.62 -3.09 9.44
CA GLY D 105 -15.53 -4.03 9.23
C GLY D 105 -14.23 -3.45 8.70
N GLY D 106 -13.77 -4.00 7.59
CA GLY D 106 -12.53 -3.57 6.96
C GLY D 106 -12.23 -2.09 6.81
N ASN D 107 -13.24 -1.27 6.59
CA ASN D 107 -12.97 0.16 6.43
C ASN D 107 -12.87 0.85 7.79
N LEU D 108 -12.89 0.03 8.85
CA LEU D 108 -12.75 0.51 10.21
C LEU D 108 -13.72 1.63 10.56
N GLY D 109 -14.84 1.69 9.86
CA GLY D 109 -15.82 2.71 10.13
C GLY D 109 -15.29 4.10 9.82
N VAL D 110 -14.41 4.19 8.84
CA VAL D 110 -13.83 5.48 8.47
C VAL D 110 -13.95 5.78 6.99
N PHE D 111 -13.52 4.84 6.16
CA PHE D 111 -13.57 5.04 4.72
C PHE D 111 -14.72 4.30 4.01
N LYS D 112 -15.05 4.76 2.80
CA LYS D 112 -16.10 4.15 1.99
C LYS D 112 -15.45 3.82 0.65
N PRO D 113 -15.97 2.82 -0.06
CA PRO D 113 -15.46 2.39 -1.37
C PRO D 113 -15.36 3.45 -2.47
N PRO D 114 -16.49 3.99 -2.92
CA PRO D 114 -16.40 5.01 -3.96
C PRO D 114 -15.49 6.11 -3.40
N GLU D 115 -14.53 6.57 -4.20
CA GLU D 115 -13.63 7.60 -3.72
C GLU D 115 -14.25 8.93 -3.31
N GLY D 116 -15.21 8.89 -2.40
CA GLY D 116 -15.87 10.12 -1.98
C GLY D 116 -15.41 10.74 -0.67
N ASP D 117 -15.22 9.93 0.36
CA ASP D 117 -14.82 10.43 1.67
C ASP D 117 -13.39 10.97 1.69
N ASN D 118 -13.21 12.07 2.41
CA ASN D 118 -11.91 12.72 2.58
C ASN D 118 -11.50 12.51 4.03
N ALA D 119 -10.49 11.69 4.25
CA ALA D 119 -10.05 11.39 5.61
C ALA D 119 -8.62 10.92 5.74
N PHE D 120 -8.11 10.99 6.97
CA PHE D 120 -6.77 10.56 7.30
C PHE D 120 -6.91 9.70 8.54
N ALA D 121 -6.08 8.69 8.68
CA ALA D 121 -6.17 7.84 9.86
C ALA D 121 -4.96 6.99 10.06
N VAL D 122 -4.62 6.75 11.32
CA VAL D 122 -3.50 5.89 11.64
C VAL D 122 -4.23 4.64 12.12
N GLU D 123 -4.01 3.53 11.43
CA GLU D 123 -4.71 2.31 11.77
C GLU D 123 -3.88 1.22 12.40
N PHE D 124 -4.56 0.38 13.18
CA PHE D 124 -3.95 -0.78 13.81
C PHE D 124 -4.82 -1.92 13.34
N ASP D 125 -4.57 -2.31 12.09
CA ASP D 125 -5.28 -3.36 11.36
C ASP D 125 -5.00 -4.74 11.94
N THR D 126 -6.04 -5.47 12.35
CA THR D 126 -5.84 -6.81 12.87
C THR D 126 -6.28 -7.88 11.90
N PHE D 127 -6.84 -7.45 10.77
CA PHE D 127 -7.31 -8.40 9.77
C PHE D 127 -6.83 -8.09 8.35
N GLN D 128 -6.32 -9.11 7.67
CA GLN D 128 -5.81 -8.96 6.32
C GLN D 128 -6.80 -9.06 5.17
N ASN D 129 -7.29 -7.91 4.71
CA ASN D 129 -8.21 -7.91 3.58
C ASN D 129 -7.39 -8.08 2.29
N THR D 130 -8.03 -7.87 1.15
CA THR D 130 -7.35 -8.02 -0.12
C THR D 130 -6.25 -6.98 -0.37
N TRP D 131 -6.38 -5.82 0.27
CA TRP D 131 -5.41 -4.74 0.09
C TRP D 131 -4.38 -4.65 1.22
N ASP D 132 -4.49 -5.52 2.21
CA ASP D 132 -3.58 -5.52 3.36
C ASP D 132 -2.39 -6.46 3.26
N PRO D 133 -1.31 -6.15 3.98
CA PRO D 133 -0.08 -6.92 4.06
C PRO D 133 -0.31 -7.79 5.31
N GLN D 134 0.69 -8.56 5.72
CA GLN D 134 0.54 -9.40 6.91
C GLN D 134 -0.06 -8.58 8.07
N VAL D 135 -0.82 -9.24 8.93
CA VAL D 135 -1.37 -8.52 10.09
C VAL D 135 -0.89 -9.16 11.38
N PRO D 136 -1.00 -8.44 12.50
CA PRO D 136 -1.54 -7.08 12.52
C PRO D 136 -0.48 -6.10 12.07
N HIS D 137 -0.89 -4.90 11.66
CA HIS D 137 0.06 -3.89 11.23
C HIS D 137 -0.35 -2.46 11.58
N ILE D 138 0.61 -1.55 11.54
CA ILE D 138 0.32 -0.16 11.79
C ILE D 138 0.23 0.41 10.41
N GLY D 139 -0.76 1.25 10.14
CA GLY D 139 -0.85 1.80 8.82
C GLY D 139 -1.15 3.28 8.84
N ILE D 140 -0.64 4.00 7.84
CA ILE D 140 -0.88 5.42 7.74
C ILE D 140 -1.79 5.59 6.57
N ASP D 141 -3.07 5.82 6.83
CA ASP D 141 -4.04 5.97 5.76
C ASP D 141 -4.31 7.40 5.37
N VAL D 142 -3.94 7.73 4.15
CA VAL D 142 -4.14 9.09 3.67
C VAL D 142 -5.17 9.05 2.55
N ASN D 143 -6.43 9.26 2.92
CA ASN D 143 -7.54 9.26 1.96
C ASN D 143 -7.83 7.92 1.29
N SER D 144 -7.51 6.83 1.99
CA SER D 144 -7.74 5.50 1.47
C SER D 144 -7.45 4.46 2.54
N ILE D 145 -8.14 3.32 2.54
CA ILE D 145 -7.84 2.30 3.56
C ILE D 145 -6.55 1.63 3.20
N VAL D 146 -6.05 1.91 1.98
CA VAL D 146 -4.78 1.34 1.56
C VAL D 146 -3.71 2.25 2.10
N SER D 147 -3.01 1.78 3.14
CA SER D 147 -1.97 2.57 3.80
C SER D 147 -0.83 2.92 2.87
N SER D 148 -0.33 4.15 2.99
CA SER D 148 0.77 4.57 2.15
C SER D 148 2.07 4.03 2.74
N LYS D 149 2.03 3.62 3.99
CA LYS D 149 3.19 3.04 4.68
C LYS D 149 2.64 2.12 5.77
N THR D 150 3.25 0.95 5.96
CA THR D 150 2.75 0.03 6.99
C THR D 150 3.87 -0.66 7.73
N LEU D 151 3.55 -1.16 8.92
CA LEU D 151 4.54 -1.86 9.74
C LEU D 151 3.94 -2.99 10.54
N HIS D 152 4.46 -4.19 10.34
CA HIS D 152 3.96 -5.35 11.05
C HIS D 152 4.42 -5.31 12.49
N PHE D 153 3.51 -5.58 13.41
CA PHE D 153 3.84 -5.59 14.83
C PHE D 153 3.16 -6.76 15.48
N GLN D 154 3.83 -7.37 16.45
CA GLN D 154 3.26 -8.51 17.16
C GLN D 154 2.39 -7.96 18.29
N LEU D 155 1.08 -8.25 18.24
CA LEU D 155 0.14 -7.77 19.25
C LEU D 155 0.20 -8.59 20.51
N GLU D 156 0.13 -7.92 21.65
CA GLU D 156 0.12 -8.61 22.93
C GLU D 156 -1.35 -8.73 23.27
N ASN D 157 -1.83 -9.97 23.28
CA ASN D 157 -3.22 -10.29 23.58
C ASN D 157 -3.64 -9.76 24.96
N GLY D 158 -4.63 -8.89 24.99
CA GLY D 158 -5.10 -8.40 26.28
C GLY D 158 -4.14 -7.49 27.04
N GLY D 159 -3.08 -7.04 26.38
CA GLY D 159 -2.12 -6.16 27.02
C GLY D 159 -2.41 -4.69 26.71
N VAL D 160 -1.86 -3.80 27.52
CA VAL D 160 -2.08 -2.36 27.32
C VAL D 160 -1.06 -1.78 26.35
N ALA D 161 -1.55 -1.20 25.27
CA ALA D 161 -0.70 -0.59 24.26
C ALA D 161 -0.63 0.92 24.47
N ASN D 162 0.55 1.49 24.21
CA ASN D 162 0.76 2.93 24.35
C ASN D 162 1.10 3.46 22.96
N VAL D 163 0.25 4.34 22.46
CA VAL D 163 0.44 4.89 21.13
C VAL D 163 0.80 6.36 21.16
N VAL D 164 1.63 6.77 20.21
CA VAL D 164 2.03 8.17 20.09
C VAL D 164 1.99 8.50 18.61
N ILE D 165 1.26 9.54 18.26
CA ILE D 165 1.19 9.95 16.86
C ILE D 165 1.60 11.41 16.87
N LYS D 166 2.77 11.70 16.31
CA LYS D 166 3.31 13.06 16.31
C LYS D 166 3.48 13.56 14.88
N TYR D 167 2.98 14.76 14.60
CA TYR D 167 3.11 15.34 13.27
C TYR D 167 3.76 16.73 13.35
N ASP D 168 4.86 16.93 12.62
CA ASP D 168 5.59 18.22 12.61
C ASP D 168 5.33 19.04 11.35
N SER D 169 4.47 20.04 11.44
CA SER D 169 4.14 20.91 10.29
C SER D 169 5.33 21.29 9.41
N PRO D 170 6.43 21.80 10.01
CA PRO D 170 7.61 22.20 9.25
C PRO D 170 8.28 21.12 8.40
N THR D 171 8.39 19.90 8.91
CA THR D 171 9.03 18.83 8.13
C THR D 171 7.99 17.90 7.49
N LYS D 172 6.72 18.13 7.80
CA LYS D 172 5.62 17.33 7.28
C LYS D 172 5.85 15.86 7.57
N ILE D 173 6.45 15.59 8.72
CA ILE D 173 6.75 14.23 9.12
C ILE D 173 5.73 13.65 10.09
N LEU D 174 5.00 12.63 9.65
CA LEU D 174 4.02 11.99 10.53
C LEU D 174 4.70 10.77 11.13
N ASN D 175 4.67 10.67 12.44
CA ASN D 175 5.29 9.56 13.11
C ASN D 175 4.34 8.82 14.03
N VAL D 176 4.50 7.51 14.09
CA VAL D 176 3.66 6.68 14.95
C VAL D 176 4.51 5.76 15.76
N VAL D 177 4.37 5.82 17.08
CA VAL D 177 5.12 4.95 17.95
C VAL D 177 4.13 4.12 18.72
N LEU D 178 4.28 2.80 18.61
CA LEU D 178 3.43 1.85 19.32
C LEU D 178 4.35 1.11 20.24
N ALA D 179 4.04 1.10 21.52
CA ALA D 179 4.89 0.39 22.45
C ALA D 179 4.06 -0.37 23.46
N PHE D 180 4.51 -1.58 23.76
CA PHE D 180 3.86 -2.43 24.76
C PHE D 180 4.89 -2.48 25.87
N HIS D 181 4.68 -1.68 26.89
CA HIS D 181 5.64 -1.61 27.98
C HIS D 181 5.78 -2.90 28.80
N SER D 182 4.66 -3.52 29.15
CA SER D 182 4.69 -4.75 29.93
C SER D 182 5.55 -5.86 29.33
N VAL D 183 6.05 -5.67 28.11
CA VAL D 183 6.87 -6.68 27.44
C VAL D 183 8.20 -6.16 26.92
N GLY D 184 8.30 -4.85 26.77
CA GLY D 184 9.54 -4.27 26.29
C GLY D 184 9.68 -4.18 24.79
N THR D 185 8.57 -3.91 24.11
CA THR D 185 8.59 -3.79 22.66
C THR D 185 8.19 -2.41 22.18
N VAL D 186 8.86 -1.95 21.13
CA VAL D 186 8.59 -0.63 20.58
C VAL D 186 8.53 -0.71 19.07
N TYR D 187 7.54 -0.05 18.50
CA TYR D 187 7.38 -0.04 17.06
C TYR D 187 7.30 1.40 16.61
N THR D 188 8.08 1.74 15.60
CA THR D 188 8.06 3.10 15.08
C THR D 188 7.93 3.12 13.56
N LEU D 189 6.93 3.85 13.08
CA LEU D 189 6.66 3.97 11.66
C LEU D 189 6.44 5.45 11.35
N SER D 190 7.11 5.95 10.33
CA SER D 190 6.95 7.36 9.97
C SER D 190 7.01 7.59 8.46
N ASN D 191 6.14 8.46 7.97
CA ASN D 191 6.09 8.79 6.56
C ASN D 191 5.73 10.26 6.39
N ILE D 192 5.99 10.81 5.21
CA ILE D 192 5.69 12.21 4.95
C ILE D 192 4.24 12.45 4.55
N VAL D 193 3.60 13.43 5.17
CA VAL D 193 2.20 13.73 4.88
C VAL D 193 1.95 15.22 4.85
N ASP D 194 1.41 15.72 3.74
CA ASP D 194 1.16 17.16 3.63
C ASP D 194 -0.26 17.54 4.02
N LEU D 195 -0.52 17.60 5.32
CA LEU D 195 -1.86 17.95 5.79
C LEU D 195 -2.65 19.01 5.05
N LYS D 196 -2.03 20.13 4.75
CA LYS D 196 -2.78 21.17 4.08
C LYS D 196 -3.28 20.66 2.75
N GLN D 197 -2.39 20.04 1.99
CA GLN D 197 -2.71 19.55 0.65
C GLN D 197 -3.70 18.40 0.65
N GLU D 198 -3.79 17.66 1.77
CA GLU D 198 -4.69 16.52 1.87
C GLU D 198 -6.07 16.81 2.46
N PHE D 199 -6.29 18.02 2.95
CA PHE D 199 -7.58 18.43 3.52
C PHE D 199 -7.87 19.86 3.05
N PRO D 200 -7.81 20.09 1.74
CA PRO D 200 -8.03 21.41 1.14
C PRO D 200 -9.44 21.98 1.19
N ASN D 201 -10.40 21.23 1.71
CA ASN D 201 -11.75 21.76 1.76
C ASN D 201 -12.18 22.26 3.12
N SER D 202 -11.40 21.93 4.15
CA SER D 202 -11.73 22.38 5.50
C SER D 202 -10.47 22.63 6.32
N GLU D 203 -10.34 23.87 6.81
CA GLU D 203 -9.20 24.25 7.65
C GLU D 203 -9.42 23.57 9.00
N TRP D 204 -10.62 23.05 9.18
CA TRP D 204 -11.02 22.38 10.41
C TRP D 204 -11.29 20.90 10.18
N VAL D 205 -11.02 20.08 11.20
CA VAL D 205 -11.26 18.65 11.13
C VAL D 205 -11.70 18.11 12.48
N ASN D 206 -12.49 17.05 12.46
CA ASN D 206 -12.94 16.42 13.70
C ASN D 206 -11.93 15.33 13.98
N VAL D 207 -11.59 15.16 15.25
CA VAL D 207 -10.60 14.15 15.62
C VAL D 207 -11.30 13.05 16.41
N GLY D 208 -10.95 11.80 16.15
CA GLY D 208 -11.60 10.73 16.89
C GLY D 208 -10.98 9.36 16.77
N LEU D 209 -11.46 8.43 17.60
CA LEU D 209 -11.00 7.06 17.58
C LEU D 209 -12.13 6.20 17.04
N SER D 210 -11.78 5.06 16.46
CA SER D 210 -12.77 4.16 15.88
C SER D 210 -12.31 2.71 15.83
N ALA D 211 -13.26 1.79 15.88
CA ALA D 211 -12.92 0.37 15.83
C ALA D 211 -14.07 -0.39 15.22
N THR D 212 -13.83 -1.65 14.81
CA THR D 212 -14.86 -2.49 14.20
C THR D 212 -14.56 -3.98 14.35
N THR D 213 -15.59 -4.81 14.44
CA THR D 213 -15.40 -6.26 14.56
C THR D 213 -15.85 -6.93 13.24
N GLY D 214 -15.41 -8.17 13.04
CA GLY D 214 -15.72 -8.92 11.83
C GLY D 214 -17.09 -8.95 11.18
N TYR D 215 -17.15 -9.55 9.99
CA TYR D 215 -18.38 -9.70 9.21
C TYR D 215 -19.00 -11.08 9.40
N GLN D 216 -18.25 -12.03 9.95
CA GLN D 216 -18.76 -13.38 10.17
C GLN D 216 -18.97 -13.48 11.68
N LYS D 217 -19.28 -14.67 12.21
CA LYS D 217 -19.50 -14.85 13.66
C LYS D 217 -18.22 -15.31 14.32
N ASN D 218 -17.90 -14.68 15.43
CA ASN D 218 -16.65 -14.95 16.15
C ASN D 218 -15.40 -14.28 15.56
N ALA D 219 -15.57 -13.54 14.48
CA ALA D 219 -14.44 -12.84 13.89
C ALA D 219 -14.54 -11.50 14.60
N VAL D 220 -14.37 -11.54 15.91
CA VAL D 220 -14.49 -10.35 16.74
C VAL D 220 -13.39 -10.23 17.80
N GLU D 221 -13.20 -9.02 18.31
CA GLU D 221 -12.21 -8.74 19.34
C GLU D 221 -12.67 -7.50 20.12
N THR D 222 -12.08 -7.30 21.28
CA THR D 222 -12.43 -6.15 22.10
C THR D 222 -11.62 -4.95 21.68
N HIS D 223 -12.24 -3.78 21.75
CA HIS D 223 -11.56 -2.54 21.41
C HIS D 223 -11.82 -1.50 22.49
N GLU D 224 -10.94 -1.47 23.48
CA GLU D 224 -11.06 -0.56 24.60
C GLU D 224 -9.97 0.51 24.62
N ILE D 225 -10.37 1.75 24.83
CA ILE D 225 -9.43 2.85 24.92
C ILE D 225 -9.38 3.21 26.40
N ILE D 226 -8.18 3.25 26.97
CA ILE D 226 -8.03 3.57 28.39
C ILE D 226 -7.82 5.04 28.67
N SER D 227 -7.02 5.71 27.85
CA SER D 227 -6.74 7.14 28.02
C SER D 227 -6.53 7.77 26.64
N TRP D 228 -6.53 9.09 26.56
CA TRP D 228 -6.35 9.74 25.26
C TRP D 228 -6.17 11.24 25.30
N SER D 229 -4.94 11.72 25.07
CA SER D 229 -4.67 13.15 25.06
C SER D 229 -4.33 13.64 23.66
N PHE D 230 -4.60 14.90 23.39
CA PHE D 230 -4.33 15.48 22.09
C PHE D 230 -3.87 16.91 22.28
N THR D 231 -3.22 17.46 21.25
CA THR D 231 -2.73 18.83 21.31
C THR D 231 -2.16 19.32 19.99
N SER D 232 -2.85 20.27 19.38
CA SER D 232 -2.40 20.85 18.13
C SER D 232 -1.74 22.16 18.55
N SER D 233 -0.92 22.71 17.66
CA SER D 233 -0.22 23.96 17.91
C SER D 233 -0.06 24.62 16.55
N LEU D 234 -0.90 25.61 16.28
CA LEU D 234 -0.84 26.32 15.01
C LEU D 234 -0.21 27.71 15.16
N GLN D 235 0.99 27.88 14.62
CA GLN D 235 1.70 29.16 14.72
C GLN D 235 1.21 30.22 13.74
N GLU D 236 1.56 31.48 14.02
CA GLU D 236 1.16 32.60 13.17
C GLU D 236 0.04 33.47 13.68
N GLU E 1 -27.96 -60.56 -12.57
CA GLU E 1 -29.29 -60.61 -13.26
C GLU E 1 -29.97 -59.25 -13.36
N THR E 2 -31.21 -59.16 -12.85
CA THR E 2 -31.96 -57.90 -12.89
C THR E 2 -32.40 -57.43 -11.51
N GLN E 3 -32.20 -56.13 -11.25
CA GLN E 3 -32.58 -55.53 -9.98
C GLN E 3 -33.46 -54.33 -10.30
N SER E 4 -34.61 -54.21 -9.65
CA SER E 4 -35.51 -53.09 -9.90
C SER E 4 -36.16 -52.59 -8.64
N PHE E 5 -36.73 -51.39 -8.75
CA PHE E 5 -37.47 -50.80 -7.65
C PHE E 5 -38.24 -49.61 -8.20
N ASN E 6 -39.44 -49.40 -7.68
CA ASN E 6 -40.28 -48.31 -8.14
C ASN E 6 -41.08 -47.68 -7.01
N PHE E 7 -41.09 -46.35 -7.00
CA PHE E 7 -41.81 -45.57 -6.00
C PHE E 7 -42.74 -44.60 -6.72
N ASP E 8 -43.99 -45.02 -6.89
CA ASP E 8 -45.05 -44.24 -7.55
C ASP E 8 -45.49 -43.16 -6.59
N HIS E 9 -44.87 -43.18 -5.41
CA HIS E 9 -45.13 -42.24 -4.33
C HIS E 9 -44.23 -42.71 -3.19
N PHE E 10 -44.05 -41.90 -2.15
CA PHE E 10 -43.22 -42.30 -1.03
C PHE E 10 -43.99 -42.55 0.26
N GLU E 11 -43.98 -43.80 0.74
CA GLU E 11 -44.69 -44.13 1.97
C GLU E 11 -43.73 -43.96 3.15
N GLU E 12 -44.25 -43.43 4.26
CA GLU E 12 -43.44 -43.21 5.45
C GLU E 12 -42.97 -44.54 6.05
N ASN E 13 -41.74 -44.54 6.56
CA ASN E 13 -41.14 -45.73 7.17
C ASN E 13 -41.04 -46.98 6.25
N SER E 14 -40.71 -46.77 4.98
CA SER E 14 -40.55 -47.88 4.04
C SER E 14 -39.24 -48.57 4.39
N LYS E 15 -39.19 -49.89 4.27
CA LYS E 15 -37.98 -50.63 4.59
C LYS E 15 -37.05 -50.72 3.37
N GLU E 16 -37.47 -50.11 2.26
CA GLU E 16 -36.68 -50.14 1.01
C GLU E 16 -35.77 -48.93 0.87
N LEU E 17 -36.17 -47.83 1.51
CA LEU E 17 -35.40 -46.60 1.45
C LEU E 17 -34.74 -46.28 2.79
N ASN E 18 -33.49 -45.85 2.69
CA ASN E 18 -32.67 -45.50 3.83
C ASN E 18 -32.43 -43.97 3.79
N LEU E 19 -33.10 -43.21 4.65
CA LEU E 19 -32.90 -41.76 4.69
C LEU E 19 -31.75 -41.29 5.58
N GLN E 20 -31.11 -40.18 5.20
CA GLN E 20 -29.99 -39.60 5.96
C GLN E 20 -30.13 -38.08 6.13
N ARG E 21 -29.64 -37.57 7.27
CA ARG E 21 -29.71 -36.15 7.60
C ARG E 21 -31.07 -35.50 7.35
N GLN E 22 -31.07 -34.20 7.07
CA GLN E 22 -32.30 -33.43 6.84
C GLN E 22 -33.42 -34.10 5.99
N ALA E 23 -33.08 -35.15 5.25
CA ALA E 23 -34.06 -35.83 4.40
C ALA E 23 -35.14 -36.56 5.18
N SER E 24 -36.40 -36.21 4.89
CA SER E 24 -37.55 -36.83 5.55
C SER E 24 -38.64 -37.09 4.51
N ILE E 25 -39.77 -37.62 4.94
CA ILE E 25 -40.87 -37.88 4.01
C ILE E 25 -42.15 -37.17 4.43
N LYS E 26 -42.59 -36.21 3.64
CA LYS E 26 -43.80 -35.49 3.98
C LYS E 26 -44.99 -36.46 3.99
N SER E 27 -46.13 -35.98 4.47
CA SER E 27 -47.36 -36.76 4.54
C SER E 27 -48.02 -36.87 3.17
N ASN E 28 -47.66 -35.92 2.30
CA ASN E 28 -48.16 -35.84 0.95
C ASN E 28 -47.68 -37.00 0.07
N GLY E 29 -46.82 -37.85 0.61
CA GLY E 29 -46.28 -38.97 -0.15
C GLY E 29 -45.14 -38.52 -1.04
N VAL E 30 -44.44 -37.49 -0.56
CA VAL E 30 -43.30 -36.90 -1.26
C VAL E 30 -42.03 -36.98 -0.43
N LEU E 31 -40.90 -37.16 -1.10
CA LEU E 31 -39.63 -37.23 -0.40
C LEU E 31 -39.03 -35.83 -0.39
N GLU E 32 -38.85 -35.26 0.79
CA GLU E 32 -38.28 -33.93 0.90
C GLU E 32 -36.82 -34.05 1.31
N LEU E 33 -35.92 -33.82 0.36
CA LEU E 33 -34.51 -33.94 0.64
C LEU E 33 -33.89 -32.88 1.55
N THR E 34 -34.34 -31.62 1.45
CA THR E 34 -33.78 -30.58 2.32
C THR E 34 -34.83 -29.65 2.89
N LYS E 35 -34.76 -29.43 4.20
CA LYS E 35 -35.67 -28.57 4.94
C LYS E 35 -35.41 -27.09 4.64
N LEU E 36 -36.49 -26.34 4.54
CA LEU E 36 -36.41 -24.91 4.24
C LEU E 36 -36.61 -24.14 5.56
N THR E 37 -37.24 -24.80 6.52
CA THR E 37 -37.53 -24.24 7.85
C THR E 37 -37.65 -25.38 8.88
N LYS E 38 -36.89 -25.33 9.98
CA LYS E 38 -36.98 -26.37 11.01
C LYS E 38 -37.43 -25.85 12.39
N ASN E 39 -38.69 -26.14 12.75
CA ASN E 39 -39.25 -25.70 14.01
C ASN E 39 -39.97 -24.37 13.92
N GLY E 40 -40.26 -23.91 12.69
CA GLY E 40 -40.93 -22.63 12.51
C GLY E 40 -40.00 -21.51 12.04
N VAL E 41 -38.71 -21.65 12.35
CA VAL E 41 -37.69 -20.66 11.99
C VAL E 41 -36.92 -21.10 10.73
N PRO E 42 -36.66 -20.17 9.78
CA PRO E 42 -35.94 -20.49 8.54
C PRO E 42 -34.48 -20.92 8.72
N VAL E 43 -34.03 -21.91 7.93
CA VAL E 43 -32.66 -22.41 7.99
C VAL E 43 -31.94 -22.55 6.65
N TRP E 44 -30.63 -22.82 6.74
CA TRP E 44 -29.77 -23.00 5.57
C TRP E 44 -28.73 -24.10 5.85
N LYS E 45 -27.77 -24.23 4.95
CA LYS E 45 -26.75 -25.25 5.07
C LYS E 45 -27.41 -26.59 5.37
N SER E 46 -28.51 -26.89 4.67
CA SER E 46 -29.27 -28.12 4.83
C SER E 46 -28.77 -29.17 3.84
N THR E 47 -28.74 -30.43 4.28
CA THR E 47 -28.27 -31.51 3.42
C THR E 47 -29.12 -32.76 3.60
N GLY E 48 -29.63 -33.30 2.50
CA GLY E 48 -30.45 -34.49 2.61
C GLY E 48 -30.12 -35.53 1.56
N ARG E 49 -29.94 -36.77 2.00
CA ARG E 49 -29.64 -37.87 1.10
C ARG E 49 -30.64 -38.97 1.32
N ALA E 50 -30.91 -39.78 0.29
CA ALA E 50 -31.85 -40.89 0.40
C ALA E 50 -31.34 -42.01 -0.47
N LEU E 51 -31.01 -43.15 0.14
CA LEU E 51 -30.49 -44.28 -0.62
C LEU E 51 -31.49 -45.41 -0.74
N TYR E 52 -31.15 -46.39 -1.55
CA TYR E 52 -32.00 -47.55 -1.70
C TYR E 52 -31.28 -48.63 -0.92
N ALA E 53 -32.01 -49.22 0.04
CA ALA E 53 -31.51 -50.26 0.94
C ALA E 53 -30.55 -51.32 0.38
N GLU E 54 -30.90 -51.93 -0.74
CA GLU E 54 -30.06 -52.97 -1.32
C GLU E 54 -29.00 -52.42 -2.29
N PRO E 55 -27.79 -52.98 -2.23
CA PRO E 55 -26.70 -52.55 -3.11
C PRO E 55 -26.97 -53.06 -4.51
N ILE E 56 -26.76 -52.21 -5.50
CA ILE E 56 -26.98 -52.59 -6.89
C ILE E 56 -25.63 -53.05 -7.48
N LYS E 57 -25.63 -54.18 -8.19
CA LYS E 57 -24.37 -54.70 -8.77
C LYS E 57 -24.16 -54.11 -10.15
N ILE E 58 -23.05 -53.40 -10.31
CA ILE E 58 -22.78 -52.76 -11.60
C ILE E 58 -21.86 -53.53 -12.53
N TRP E 59 -21.04 -54.43 -12.01
CA TRP E 59 -20.19 -55.24 -12.87
C TRP E 59 -19.75 -56.52 -12.20
N ASP E 60 -19.47 -57.55 -12.99
CA ASP E 60 -19.05 -58.85 -12.48
C ASP E 60 -17.57 -59.13 -12.68
N SER E 61 -16.87 -59.47 -11.59
CA SER E 61 -15.44 -59.78 -11.61
C SER E 61 -15.13 -61.03 -12.44
N THR E 62 -15.90 -62.11 -12.18
CA THR E 62 -15.75 -63.37 -12.89
C THR E 62 -16.11 -63.23 -14.39
N THR E 63 -17.24 -62.59 -14.67
CA THR E 63 -17.76 -62.38 -16.04
C THR E 63 -17.15 -61.20 -16.80
N GLY E 64 -16.71 -60.18 -16.06
CA GLY E 64 -16.10 -59.01 -16.67
C GLY E 64 -17.09 -58.07 -17.33
N ASN E 65 -18.39 -58.40 -17.21
CA ASN E 65 -19.48 -57.61 -17.79
C ASN E 65 -19.95 -56.46 -16.95
N VAL E 66 -20.28 -55.36 -17.59
CA VAL E 66 -20.76 -54.17 -16.92
C VAL E 66 -22.27 -54.10 -17.09
N ALA E 67 -22.96 -53.65 -16.05
CA ALA E 67 -24.41 -53.54 -16.08
C ALA E 67 -24.86 -52.36 -16.93
N SER E 68 -26.12 -52.38 -17.35
CA SER E 68 -26.72 -51.31 -18.16
C SER E 68 -27.98 -50.93 -17.34
N PHE E 69 -28.10 -49.68 -16.87
CA PHE E 69 -29.22 -49.32 -16.01
C PHE E 69 -29.93 -48.10 -16.53
N GLU E 70 -31.13 -47.89 -16.03
CA GLU E 70 -31.92 -46.75 -16.42
C GLU E 70 -32.71 -46.35 -15.20
N THR E 71 -32.70 -45.06 -14.88
CA THR E 71 -33.45 -44.60 -13.72
C THR E 71 -34.17 -43.32 -14.08
N ARG E 72 -35.40 -43.20 -13.57
CA ARG E 72 -36.23 -42.03 -13.83
C ARG E 72 -36.75 -41.49 -12.51
N PHE E 73 -37.00 -40.18 -12.44
CA PHE E 73 -37.55 -39.58 -11.25
C PHE E 73 -38.02 -38.18 -11.57
N SER E 74 -39.02 -37.72 -10.80
CA SER E 74 -39.58 -36.39 -10.97
C SER E 74 -39.18 -35.58 -9.76
N PHE E 75 -38.81 -34.33 -9.96
CA PHE E 75 -38.43 -33.51 -8.84
C PHE E 75 -39.03 -32.12 -9.00
N ASN E 76 -39.15 -31.42 -7.89
CA ASN E 76 -39.72 -30.09 -7.89
C ASN E 76 -38.82 -29.17 -7.08
N ILE E 77 -38.27 -28.19 -7.75
CA ILE E 77 -37.39 -27.22 -7.13
C ILE E 77 -38.05 -25.84 -7.20
N THR E 78 -38.25 -25.24 -6.02
CA THR E 78 -38.85 -23.93 -5.89
C THR E 78 -37.82 -23.02 -5.27
N GLN E 79 -37.57 -21.90 -5.93
CA GLN E 79 -36.63 -20.91 -5.42
C GLN E 79 -37.47 -19.67 -5.07
N PRO E 80 -37.78 -19.48 -3.78
CA PRO E 80 -38.58 -18.36 -3.26
C PRO E 80 -38.06 -16.95 -3.49
N TYR E 81 -36.79 -16.73 -3.18
CA TYR E 81 -36.20 -15.40 -3.30
C TYR E 81 -35.28 -15.19 -4.50
N ALA E 82 -34.97 -13.91 -4.79
CA ALA E 82 -34.09 -13.55 -5.91
C ALA E 82 -32.72 -13.09 -5.41
N TYR E 83 -32.67 -12.63 -4.16
CA TYR E 83 -31.44 -12.19 -3.51
C TYR E 83 -31.52 -12.57 -2.04
N PRO E 84 -30.44 -13.20 -1.54
CA PRO E 84 -29.29 -13.47 -2.41
C PRO E 84 -29.57 -14.65 -3.35
N GLU E 85 -28.62 -14.97 -4.22
CA GLU E 85 -28.81 -16.06 -5.17
C GLU E 85 -29.04 -17.39 -4.45
N PRO E 86 -29.93 -18.25 -4.99
CA PRO E 86 -30.28 -19.59 -4.46
C PRO E 86 -29.20 -20.65 -4.61
N ALA E 87 -29.27 -21.69 -3.78
CA ALA E 87 -28.28 -22.78 -3.82
C ALA E 87 -28.79 -24.01 -3.07
N ASP E 88 -28.21 -25.19 -3.28
CA ASP E 88 -27.07 -25.42 -4.17
C ASP E 88 -27.41 -26.32 -5.37
N GLY E 89 -28.18 -27.36 -5.11
CA GLY E 89 -28.51 -28.26 -6.19
C GLY E 89 -29.06 -29.59 -5.71
N LEU E 90 -29.40 -30.44 -6.67
CA LEU E 90 -29.97 -31.74 -6.42
C LEU E 90 -29.19 -32.73 -7.26
N THR E 91 -29.06 -33.98 -6.80
CA THR E 91 -28.29 -34.93 -7.60
C THR E 91 -28.51 -36.40 -7.36
N PHE E 92 -28.41 -37.18 -8.44
CA PHE E 92 -28.52 -38.63 -8.38
C PHE E 92 -27.06 -39.07 -8.24
N PHE E 93 -26.80 -40.14 -7.51
CA PHE E 93 -25.40 -40.55 -7.33
C PHE E 93 -25.23 -42.01 -6.98
N MET E 94 -24.04 -42.52 -7.23
CA MET E 94 -23.71 -43.90 -6.92
C MET E 94 -22.39 -43.91 -6.21
N VAL E 95 -22.35 -44.54 -5.04
CA VAL E 95 -21.10 -44.64 -4.28
C VAL E 95 -20.93 -46.08 -3.86
N PRO E 96 -19.71 -46.46 -3.44
CA PRO E 96 -19.50 -47.84 -2.99
C PRO E 96 -20.17 -47.99 -1.63
N PRO E 97 -20.44 -49.23 -1.20
CA PRO E 97 -21.09 -49.44 0.10
C PRO E 97 -20.16 -49.04 1.24
N ASN E 98 -20.75 -48.61 2.36
CA ASN E 98 -19.97 -48.19 3.53
C ASN E 98 -18.91 -47.15 3.15
N SER E 99 -19.38 -46.05 2.56
CA SER E 99 -18.51 -44.94 2.17
C SER E 99 -18.94 -43.69 2.92
N PRO E 100 -18.01 -42.77 3.14
CA PRO E 100 -18.28 -41.52 3.85
C PRO E 100 -19.26 -40.59 3.11
N GLN E 101 -19.84 -39.65 3.83
CA GLN E 101 -20.78 -38.69 3.25
C GLN E 101 -20.04 -37.45 2.73
N GLY E 102 -20.49 -36.90 1.61
CA GLY E 102 -19.85 -35.73 1.03
C GLY E 102 -20.14 -34.47 1.79
N GLU E 103 -19.51 -33.37 1.34
CA GLU E 103 -19.67 -32.06 1.96
C GLU E 103 -20.95 -31.31 1.59
N ASP E 104 -21.39 -30.49 2.55
CA ASP E 104 -22.61 -29.70 2.38
C ASP E 104 -22.49 -28.72 1.23
N GLY E 105 -23.60 -28.04 1.00
CA GLY E 105 -23.63 -27.03 -0.04
C GLY E 105 -23.14 -27.47 -1.41
N GLY E 106 -22.15 -26.75 -1.91
CA GLY E 106 -21.59 -27.03 -3.23
C GLY E 106 -21.26 -28.45 -3.63
N ASN E 107 -20.83 -29.29 -2.69
CA ASN E 107 -20.51 -30.66 -3.05
C ASN E 107 -21.76 -31.52 -3.08
N LEU E 108 -22.90 -30.87 -2.93
CA LEU E 108 -24.19 -31.54 -2.98
C LEU E 108 -24.31 -32.74 -2.04
N GLY E 109 -23.50 -32.73 -0.98
CA GLY E 109 -23.54 -33.84 -0.05
C GLY E 109 -23.09 -35.14 -0.68
N VAL E 110 -22.17 -35.05 -1.65
CA VAL E 110 -21.69 -36.25 -2.32
C VAL E 110 -20.18 -36.34 -2.35
N PHE E 111 -19.53 -35.27 -2.79
CA PHE E 111 -18.07 -35.25 -2.88
C PHE E 111 -17.38 -34.47 -1.74
N LYS E 112 -16.09 -34.77 -1.54
CA LYS E 112 -15.28 -34.09 -0.52
C LYS E 112 -14.06 -33.54 -1.26
N PRO E 113 -13.45 -32.46 -0.75
CA PRO E 113 -12.28 -31.83 -1.35
C PRO E 113 -11.06 -32.72 -1.58
N PRO E 114 -10.43 -33.24 -0.53
CA PRO E 114 -9.28 -34.10 -0.77
C PRO E 114 -9.74 -35.22 -1.68
N GLU E 115 -8.98 -35.52 -2.73
CA GLU E 115 -9.39 -36.57 -3.65
C GLU E 115 -9.54 -37.96 -3.07
N GLY E 116 -10.36 -38.10 -2.03
CA GLY E 116 -10.54 -39.40 -1.41
C GLY E 116 -11.78 -40.18 -1.79
N ASP E 117 -12.94 -39.52 -1.84
CA ASP E 117 -14.20 -40.19 -2.18
C ASP E 117 -14.27 -40.67 -3.62
N ASN E 118 -14.85 -41.85 -3.81
CA ASN E 118 -15.03 -42.47 -5.12
C ASN E 118 -16.53 -42.45 -5.40
N ALA E 119 -16.95 -41.62 -6.34
CA ALA E 119 -18.38 -41.51 -6.64
C ALA E 119 -18.70 -41.00 -8.04
N PHE E 120 -19.94 -41.22 -8.43
CA PHE E 120 -20.45 -40.79 -9.73
C PHE E 120 -21.78 -40.13 -9.44
N ALA E 121 -22.13 -39.10 -10.21
CA ALA E 121 -23.40 -38.45 -9.95
C ALA E 121 -23.84 -37.58 -11.09
N VAL E 122 -25.15 -37.53 -11.32
CA VAL E 122 -25.69 -36.66 -12.35
C VAL E 122 -26.27 -35.54 -11.52
N GLU E 123 -25.77 -34.33 -11.73
CA GLU E 123 -26.21 -33.20 -10.94
C GLU E 123 -27.06 -32.17 -11.65
N PHE E 124 -27.88 -31.49 -10.87
CA PHE E 124 -28.72 -30.41 -11.36
C PHE E 124 -28.34 -29.24 -10.46
N ASP E 125 -27.19 -28.67 -10.80
CA ASP E 125 -26.56 -27.56 -10.10
C ASP E 125 -27.34 -26.26 -10.25
N THR E 126 -27.76 -25.65 -9.14
CA THR E 126 -28.48 -24.39 -9.23
C THR E 126 -27.62 -23.21 -8.80
N PHE E 127 -26.41 -23.48 -8.37
CA PHE E 127 -25.51 -22.43 -7.93
C PHE E 127 -24.11 -22.50 -8.53
N GLN E 128 -23.63 -21.37 -9.03
CA GLN E 128 -22.32 -21.31 -9.68
C GLN E 128 -21.12 -21.09 -8.78
N ASN E 129 -20.45 -22.18 -8.39
CA ASN E 129 -19.25 -22.06 -7.57
C ASN E 129 -18.09 -21.66 -8.47
N THR E 130 -16.87 -21.74 -7.94
CA THR E 130 -15.70 -21.37 -8.73
C THR E 130 -15.40 -22.32 -9.89
N TRP E 131 -15.86 -23.56 -9.78
CA TRP E 131 -15.63 -24.56 -10.82
C TRP E 131 -16.82 -24.77 -11.76
N ASP E 132 -17.91 -24.06 -11.52
CA ASP E 132 -19.12 -24.18 -12.33
C ASP E 132 -19.26 -23.18 -13.47
N PRO E 133 -20.03 -23.56 -14.49
CA PRO E 133 -20.33 -22.75 -15.68
C PRO E 133 -21.66 -22.07 -15.30
N GLN E 134 -22.26 -21.28 -16.20
CA GLN E 134 -23.54 -20.61 -15.91
C GLN E 134 -24.52 -21.61 -15.30
N VAL E 135 -25.38 -21.19 -14.39
CA VAL E 135 -26.37 -22.10 -13.80
C VAL E 135 -27.78 -21.63 -14.12
N PRO E 136 -28.77 -22.52 -13.97
CA PRO E 136 -28.55 -23.88 -13.51
C PRO E 136 -28.07 -24.74 -14.66
N HIS E 137 -27.47 -25.90 -14.35
CA HIS E 137 -26.98 -26.78 -15.39
C HIS E 137 -27.09 -28.25 -15.02
N ILE E 138 -27.01 -29.11 -16.03
CA ILE E 138 -27.03 -30.53 -15.80
C ILE E 138 -25.57 -30.91 -15.86
N GLY E 139 -25.11 -31.74 -14.95
CA GLY E 139 -23.71 -32.10 -15.01
C GLY E 139 -23.50 -33.57 -14.80
N ILE E 140 -22.46 -34.11 -15.42
CA ILE E 140 -22.14 -35.51 -15.26
C ILE E 140 -20.87 -35.55 -14.46
N ASP E 141 -20.99 -35.88 -13.18
CA ASP E 141 -19.83 -35.90 -12.32
C ASP E 141 -19.22 -37.28 -12.16
N VAL E 142 -18.00 -37.42 -12.65
CA VAL E 142 -17.32 -38.69 -12.56
C VAL E 142 -16.13 -38.53 -11.63
N ASN E 143 -16.34 -38.85 -10.35
CA ASN E 143 -15.30 -38.76 -9.33
C ASN E 143 -14.81 -37.36 -9.02
N SER E 144 -15.67 -36.37 -9.22
CA SER E 144 -15.33 -34.97 -8.96
C SER E 144 -16.55 -34.10 -9.11
N ILE E 145 -16.62 -33.02 -8.33
CA ILE E 145 -17.74 -32.09 -8.44
C ILE E 145 -17.60 -31.26 -9.69
N VAL E 146 -16.49 -31.44 -10.40
CA VAL E 146 -16.27 -30.75 -11.66
C VAL E 146 -16.78 -31.68 -12.73
N SER E 147 -17.93 -31.35 -13.31
CA SER E 147 -18.56 -32.17 -14.33
C SER E 147 -17.70 -32.35 -15.58
N SER E 148 -17.68 -33.55 -16.12
CA SER E 148 -16.90 -33.79 -17.32
C SER E 148 -17.67 -33.29 -18.53
N LYS E 149 -18.97 -33.07 -18.36
CA LYS E 149 -19.83 -32.55 -19.43
C LYS E 149 -20.98 -31.83 -18.74
N THR E 150 -21.38 -30.67 -19.27
CA THR E 150 -22.49 -29.92 -18.64
C THR E 150 -23.42 -29.29 -19.65
N LEU E 151 -24.63 -28.99 -19.21
CA LEU E 151 -25.63 -28.39 -20.08
C LEU E 151 -26.51 -27.40 -19.35
N HIS E 152 -26.53 -26.16 -19.82
CA HIS E 152 -27.36 -25.15 -19.19
C HIS E 152 -28.81 -25.37 -19.55
N PHE E 153 -29.67 -25.28 -18.54
CA PHE E 153 -31.10 -25.47 -18.75
C PHE E 153 -31.87 -24.42 -17.95
N GLN E 154 -32.98 -23.91 -18.48
CA GLN E 154 -33.79 -22.93 -17.76
C GLN E 154 -34.76 -23.66 -16.86
N LEU E 155 -34.60 -23.45 -15.57
CA LEU E 155 -35.44 -24.11 -14.58
C LEU E 155 -36.80 -23.47 -14.49
N GLU E 156 -37.83 -24.30 -14.38
CA GLU E 156 -39.19 -23.81 -14.23
C GLU E 156 -39.39 -23.80 -12.74
N ASN E 157 -39.40 -22.62 -12.15
CA ASN E 157 -39.58 -22.62 -10.72
C ASN E 157 -40.90 -23.24 -10.31
N GLY E 158 -40.83 -24.05 -9.28
CA GLY E 158 -41.99 -24.73 -8.75
C GLY E 158 -42.69 -25.69 -9.70
N GLY E 159 -42.07 -26.00 -10.83
CA GLY E 159 -42.66 -26.93 -11.79
C GLY E 159 -42.13 -28.35 -11.60
N VAL E 160 -42.85 -29.33 -12.14
CA VAL E 160 -42.43 -30.71 -12.01
C VAL E 160 -41.49 -31.12 -13.15
N ALA E 161 -40.30 -31.55 -12.78
CA ALA E 161 -39.29 -31.97 -13.74
C ALA E 161 -39.30 -33.48 -13.88
N ASN E 162 -39.06 -33.96 -15.10
CA ASN E 162 -39.01 -35.40 -15.38
C ASN E 162 -37.60 -35.70 -15.86
N VAL E 163 -36.90 -36.54 -15.11
CA VAL E 163 -35.53 -36.88 -15.44
C VAL E 163 -35.40 -38.32 -15.88
N VAL E 164 -34.48 -38.55 -16.81
CA VAL E 164 -34.20 -39.89 -17.29
C VAL E 164 -32.69 -40.01 -17.39
N ILE E 165 -32.12 -41.03 -16.75
CA ILE E 165 -30.68 -41.23 -16.82
C ILE E 165 -30.52 -42.65 -17.31
N LYS E 166 -30.02 -42.80 -18.53
CA LYS E 166 -29.88 -44.13 -19.14
C LYS E 166 -28.42 -44.40 -19.46
N TYR E 167 -27.93 -45.57 -19.06
CA TYR E 167 -26.55 -45.96 -19.34
C TYR E 167 -26.48 -47.31 -20.05
N ASP E 168 -25.85 -47.35 -21.22
CA ASP E 168 -25.72 -48.58 -22.01
C ASP E 168 -24.33 -49.22 -21.91
N SER E 169 -24.20 -50.27 -21.10
CA SER E 169 -22.92 -50.98 -20.91
C SER E 169 -22.11 -51.18 -22.20
N PRO E 170 -22.72 -51.72 -23.26
CA PRO E 170 -22.02 -51.94 -24.52
C PRO E 170 -21.39 -50.73 -25.21
N THR E 171 -22.08 -49.60 -25.20
CA THR E 171 -21.53 -48.40 -25.83
C THR E 171 -20.93 -47.44 -24.81
N LYS E 172 -21.09 -47.76 -23.53
CA LYS E 172 -20.59 -46.94 -22.43
C LYS E 172 -21.10 -45.53 -22.55
N ILE E 173 -22.33 -45.39 -23.04
CA ILE E 173 -22.95 -44.09 -23.23
C ILE E 173 -23.90 -43.71 -22.10
N LEU E 174 -23.54 -42.67 -21.36
CA LEU E 174 -24.41 -42.21 -20.27
C LEU E 174 -25.22 -41.05 -20.83
N ASN E 175 -26.53 -41.15 -20.68
CA ASN E 175 -27.41 -40.12 -21.19
C ASN E 175 -28.34 -39.57 -20.13
N VAL E 176 -28.60 -38.28 -20.20
CA VAL E 176 -29.47 -37.62 -19.25
C VAL E 176 -30.50 -36.77 -19.98
N VAL E 177 -31.77 -37.04 -19.74
CA VAL E 177 -32.81 -36.26 -20.36
C VAL E 177 -33.60 -35.61 -19.26
N LEU E 178 -33.69 -34.28 -19.36
CA LEU E 178 -34.45 -33.48 -18.40
C LEU E 178 -35.54 -32.85 -19.20
N ALA E 179 -36.78 -33.04 -18.77
CA ALA E 179 -37.87 -32.44 -19.50
C ALA E 179 -38.90 -31.87 -18.56
N PHE E 180 -39.41 -30.68 -18.91
CA PHE E 180 -40.45 -30.01 -18.14
C PHE E 180 -41.64 -30.09 -19.06
N HIS E 181 -42.52 -31.05 -18.82
CA HIS E 181 -43.67 -31.22 -19.68
C HIS E 181 -44.68 -30.07 -19.68
N SER E 182 -45.00 -29.55 -18.51
CA SER E 182 -45.96 -28.45 -18.41
C SER E 182 -45.60 -27.23 -19.24
N VAL E 183 -44.42 -27.21 -19.85
CA VAL E 183 -43.98 -26.08 -20.66
C VAL E 183 -43.50 -26.46 -22.06
N GLY E 184 -43.18 -27.74 -22.25
CA GLY E 184 -42.74 -28.19 -23.55
C GLY E 184 -41.26 -28.06 -23.82
N THR E 185 -40.44 -28.26 -22.78
CA THR E 185 -39.00 -28.16 -22.93
C THR E 185 -38.31 -29.48 -22.65
N VAL E 186 -37.26 -29.76 -23.43
CA VAL E 186 -36.50 -31.00 -23.29
C VAL E 186 -35.02 -30.70 -23.35
N TYR E 187 -34.27 -31.31 -22.45
CA TYR E 187 -32.84 -31.12 -22.40
C TYR E 187 -32.19 -32.47 -22.44
N THR E 188 -31.21 -32.63 -23.31
CA THR E 188 -30.51 -33.90 -23.42
C THR E 188 -29.00 -33.71 -23.41
N LEU E 189 -28.34 -34.40 -22.49
CA LEU E 189 -26.89 -34.34 -22.36
C LEU E 189 -26.35 -35.75 -22.25
N SER E 190 -25.33 -36.06 -23.03
CA SER E 190 -24.77 -37.41 -22.98
C SER E 190 -23.25 -37.42 -23.17
N ASN E 191 -22.57 -38.26 -22.40
CA ASN E 191 -21.13 -38.37 -22.49
C ASN E 191 -20.74 -39.82 -22.22
N ILE E 192 -19.51 -40.18 -22.61
CA ILE E 192 -19.02 -41.54 -22.41
C ILE E 192 -18.46 -41.78 -21.01
N VAL E 193 -18.88 -42.86 -20.38
CA VAL E 193 -18.43 -43.18 -19.03
C VAL E 193 -18.16 -44.67 -18.88
N ASP E 194 -16.96 -45.03 -18.45
CA ASP E 194 -16.61 -46.44 -18.30
C ASP E 194 -16.82 -46.93 -16.87
N LEU E 195 -18.07 -47.19 -16.50
CA LEU E 195 -18.37 -47.66 -15.15
C LEU E 195 -17.40 -48.63 -14.48
N LYS E 196 -16.96 -49.69 -15.17
CA LYS E 196 -16.05 -50.69 -14.55
C LYS E 196 -14.72 -50.08 -14.18
N GLN E 197 -14.26 -49.19 -15.05
CA GLN E 197 -13.00 -48.53 -14.83
C GLN E 197 -13.07 -47.44 -13.77
N GLU E 198 -14.26 -46.88 -13.55
CA GLU E 198 -14.45 -45.80 -12.58
C GLU E 198 -14.87 -46.23 -11.17
N PHE E 199 -15.15 -47.52 -10.97
CA PHE E 199 -15.55 -48.06 -9.66
C PHE E 199 -14.86 -49.41 -9.51
N PRO E 200 -13.53 -49.44 -9.69
CA PRO E 200 -12.74 -50.67 -9.58
C PRO E 200 -12.59 -51.31 -8.21
N ASN E 201 -13.12 -50.69 -7.17
CA ASN E 201 -12.96 -51.27 -5.86
C ASN E 201 -14.20 -51.98 -5.35
N SER E 202 -15.33 -51.79 -6.03
CA SER E 202 -16.57 -52.42 -5.61
C SER E 202 -17.45 -52.76 -6.80
N GLU E 203 -17.77 -54.03 -6.96
CA GLU E 203 -18.65 -54.48 -8.04
C GLU E 203 -20.05 -54.02 -7.68
N TRP E 204 -20.20 -53.57 -6.43
CA TRP E 204 -21.47 -53.11 -5.91
C TRP E 204 -21.43 -51.62 -5.57
N VAL E 205 -22.57 -50.96 -5.71
CA VAL E 205 -22.68 -49.54 -5.40
C VAL E 205 -24.05 -49.21 -4.82
N ASN E 206 -24.11 -48.20 -3.96
CA ASN E 206 -25.37 -47.78 -3.38
C ASN E 206 -25.90 -46.70 -4.31
N VAL E 207 -27.21 -46.70 -4.53
CA VAL E 207 -27.81 -45.71 -5.41
C VAL E 207 -28.67 -44.77 -4.61
N GLY E 208 -28.62 -43.47 -4.90
CA GLY E 208 -29.45 -42.56 -4.13
C GLY E 208 -29.59 -41.16 -4.69
N LEU E 209 -30.49 -40.39 -4.08
CA LEU E 209 -30.71 -39.01 -4.48
C LEU E 209 -30.18 -38.12 -3.34
N SER E 210 -29.81 -36.90 -3.67
CA SER E 210 -29.29 -35.97 -2.68
C SER E 210 -29.48 -34.51 -3.07
N ALA E 211 -29.57 -33.65 -2.08
CA ALA E 211 -29.74 -32.22 -2.34
C ALA E 211 -29.14 -31.42 -1.19
N THR E 212 -28.94 -30.12 -1.40
CA THR E 212 -28.36 -29.25 -0.37
C THR E 212 -28.75 -27.78 -0.59
N THR E 213 -28.87 -27.01 0.50
CA THR E 213 -29.19 -25.59 0.41
C THR E 213 -27.97 -24.76 0.79
N GLY E 214 -27.98 -23.49 0.40
CA GLY E 214 -26.86 -22.59 0.64
C GLY E 214 -26.10 -22.53 1.96
N TYR E 215 -25.01 -21.76 1.96
CA TYR E 215 -24.15 -21.56 3.12
C TYR E 215 -24.50 -20.25 3.84
N GLN E 216 -25.45 -19.53 3.27
CA GLN E 216 -25.86 -18.20 3.71
C GLN E 216 -27.39 -18.02 3.81
N LYS E 217 -27.82 -17.20 4.76
CA LYS E 217 -29.26 -16.93 4.98
C LYS E 217 -30.02 -16.66 3.70
N ASN E 218 -31.03 -17.49 3.44
CA ASN E 218 -31.88 -17.30 2.26
C ASN E 218 -31.32 -17.81 0.94
N ALA E 219 -30.14 -18.38 0.98
CA ALA E 219 -29.56 -18.95 -0.24
C ALA E 219 -30.05 -20.38 -0.16
N VAL E 220 -31.36 -20.55 -0.27
CA VAL E 220 -31.95 -21.87 -0.20
C VAL E 220 -33.04 -22.08 -1.25
N GLU E 221 -33.49 -23.32 -1.32
CA GLU E 221 -34.56 -23.71 -2.24
C GLU E 221 -35.10 -25.06 -1.79
N THR E 222 -36.27 -25.40 -2.30
CA THR E 222 -36.89 -26.67 -1.93
C THR E 222 -36.38 -27.76 -2.84
N HIS E 223 -36.24 -28.95 -2.28
CA HIS E 223 -35.78 -30.09 -3.06
C HIS E 223 -36.68 -31.29 -2.75
N GLU E 224 -37.73 -31.44 -3.56
CA GLU E 224 -38.69 -32.51 -3.40
C GLU E 224 -38.66 -33.51 -4.54
N ILE E 225 -38.67 -34.79 -4.19
CA ILE E 225 -38.68 -35.84 -5.19
C ILE E 225 -40.09 -36.40 -5.14
N ILE E 226 -40.75 -36.48 -6.29
CA ILE E 226 -42.11 -37.00 -6.33
C ILE E 226 -42.22 -38.49 -6.61
N SER E 227 -41.37 -39.00 -7.50
CA SER E 227 -41.37 -40.42 -7.86
C SER E 227 -39.94 -40.83 -8.21
N TRP E 228 -39.67 -42.13 -8.29
CA TRP E 228 -38.32 -42.56 -8.62
C TRP E 228 -38.16 -44.06 -8.88
N SER E 229 -37.98 -44.43 -10.14
CA SER E 229 -37.78 -45.84 -10.49
C SER E 229 -36.37 -46.10 -10.97
N PHE E 230 -35.90 -47.33 -10.80
CA PHE E 230 -34.55 -47.69 -11.21
C PHE E 230 -34.59 -49.11 -11.74
N THR E 231 -33.56 -49.48 -12.49
CA THR E 231 -33.46 -50.82 -13.04
C THR E 231 -32.14 -51.09 -13.76
N SER E 232 -31.34 -51.97 -13.17
CA SER E 232 -30.06 -52.34 -13.75
C SER E 232 -30.36 -53.67 -14.45
N SER E 233 -29.48 -54.05 -15.38
CA SER E 233 -29.61 -55.28 -16.15
C SER E 233 -28.19 -55.74 -16.45
N LEU E 234 -27.72 -56.71 -15.67
CA LEU E 234 -26.37 -57.24 -15.88
C LEU E 234 -26.39 -58.59 -16.56
N GLN E 235 -25.93 -58.63 -17.82
CA GLN E 235 -25.91 -59.88 -18.58
C GLN E 235 -24.75 -60.82 -18.23
N GLU E 236 -24.88 -62.08 -18.62
CA GLU E 236 -23.85 -63.07 -18.37
C GLU E 236 -24.12 -64.07 -17.26
N GLU F 1 -17.35 -21.35 -37.81
CA GLU F 1 -18.20 -22.14 -38.75
C GLU F 1 -19.48 -22.70 -38.15
N THR F 2 -20.60 -21.99 -38.36
CA THR F 2 -21.92 -22.36 -37.87
C THR F 2 -23.01 -22.15 -38.92
N GLN F 3 -23.90 -23.13 -39.05
CA GLN F 3 -25.00 -23.08 -40.00
C GLN F 3 -26.28 -23.36 -39.23
N SER F 4 -27.30 -22.53 -39.40
CA SER F 4 -28.56 -22.72 -38.69
C SER F 4 -29.75 -22.40 -39.55
N PHE F 5 -30.91 -22.85 -39.08
CA PHE F 5 -32.16 -22.56 -39.73
C PHE F 5 -33.28 -22.95 -38.79
N ASN F 6 -34.36 -22.17 -38.81
CA ASN F 6 -35.48 -22.42 -37.92
C ASN F 6 -36.82 -22.11 -38.58
N PHE F 7 -37.77 -23.03 -38.41
CA PHE F 7 -39.11 -22.89 -38.97
C PHE F 7 -40.13 -23.06 -37.83
N ASP F 8 -40.62 -22.00 -37.19
CA ASP F 8 -41.61 -22.24 -36.12
C ASP F 8 -43.00 -22.44 -36.72
N HIS F 9 -43.01 -22.42 -38.05
CA HIS F 9 -44.20 -22.60 -38.87
C HIS F 9 -43.66 -22.63 -40.31
N PHE F 10 -44.43 -23.25 -41.21
CA PHE F 10 -44.00 -23.36 -42.61
C PHE F 10 -44.76 -22.43 -43.54
N GLU F 11 -44.04 -21.48 -44.16
CA GLU F 11 -44.66 -20.55 -45.08
C GLU F 11 -44.61 -21.13 -46.49
N GLU F 12 -45.68 -20.96 -47.26
CA GLU F 12 -45.75 -21.48 -48.62
C GLU F 12 -44.74 -20.78 -49.53
N ASN F 13 -44.15 -21.55 -50.44
CA ASN F 13 -43.15 -21.04 -51.39
C ASN F 13 -41.90 -20.40 -50.75
N SER F 14 -41.40 -21.00 -49.67
CA SER F 14 -40.19 -20.48 -49.02
C SER F 14 -39.01 -20.86 -49.90
N LYS F 15 -38.01 -19.99 -49.99
CA LYS F 15 -36.84 -20.27 -50.82
C LYS F 15 -35.79 -21.07 -50.06
N GLU F 16 -36.16 -21.56 -48.87
CA GLU F 16 -35.23 -22.33 -48.05
C GLU F 16 -35.56 -23.83 -48.01
N LEU F 17 -36.76 -24.18 -48.44
CA LEU F 17 -37.22 -25.57 -48.43
C LEU F 17 -37.44 -26.07 -49.87
N ASN F 18 -36.74 -27.13 -50.28
CA ASN F 18 -36.93 -27.70 -51.62
C ASN F 18 -37.76 -28.97 -51.50
N LEU F 19 -39.08 -28.83 -51.62
CA LEU F 19 -39.99 -29.97 -51.52
C LEU F 19 -39.92 -30.94 -52.69
N GLN F 20 -40.18 -32.24 -52.42
CA GLN F 20 -40.15 -33.29 -53.44
C GLN F 20 -41.37 -34.23 -53.34
N ARG F 21 -41.82 -34.71 -54.49
CA ARG F 21 -42.97 -35.61 -54.59
C ARG F 21 -44.19 -35.14 -53.78
N GLN F 22 -45.01 -36.09 -53.33
CA GLN F 22 -46.24 -35.82 -52.57
C GLN F 22 -46.17 -34.73 -51.48
N ALA F 23 -44.96 -34.35 -51.06
CA ALA F 23 -44.79 -33.34 -50.02
C ALA F 23 -45.21 -31.94 -50.44
N SER F 24 -46.13 -31.35 -49.68
CA SER F 24 -46.65 -30.02 -49.95
C SER F 24 -46.76 -29.25 -48.64
N ILE F 25 -47.25 -28.01 -48.70
CA ILE F 25 -47.42 -27.22 -47.48
C ILE F 25 -48.85 -26.75 -47.31
N LYS F 26 -49.47 -27.23 -46.25
CA LYS F 26 -50.84 -26.85 -45.98
C LYS F 26 -50.94 -25.33 -45.68
N SER F 27 -52.17 -24.80 -45.75
CA SER F 27 -52.41 -23.38 -45.48
C SER F 27 -52.26 -23.09 -43.99
N ASN F 28 -52.36 -24.17 -43.20
CA ASN F 28 -52.24 -24.16 -41.76
C ASN F 28 -50.83 -23.93 -41.27
N GLY F 29 -49.93 -23.65 -42.20
CA GLY F 29 -48.55 -23.39 -41.85
C GLY F 29 -47.86 -24.65 -41.38
N VAL F 30 -48.30 -25.78 -41.93
CA VAL F 30 -47.79 -27.10 -41.60
C VAL F 30 -47.23 -27.78 -42.85
N LEU F 31 -46.17 -28.56 -42.66
CA LEU F 31 -45.57 -29.29 -43.77
C LEU F 31 -46.19 -30.68 -43.80
N GLU F 32 -46.89 -31.00 -44.88
CA GLU F 32 -47.53 -32.30 -45.02
C GLU F 32 -46.67 -33.17 -45.93
N LEU F 33 -45.96 -34.12 -45.34
CA LEU F 33 -45.09 -34.99 -46.12
C LEU F 33 -45.78 -35.99 -47.05
N THR F 34 -46.89 -36.57 -46.62
CA THR F 34 -47.58 -37.53 -47.48
C THR F 34 -49.08 -37.36 -47.49
N LYS F 35 -49.61 -37.45 -48.70
CA LYS F 35 -51.03 -37.32 -48.95
C LYS F 35 -51.81 -38.52 -48.40
N LEU F 36 -53.02 -38.24 -47.96
CA LEU F 36 -53.87 -39.32 -47.52
C LEU F 36 -55.00 -39.51 -48.54
N THR F 37 -55.26 -38.43 -49.31
CA THR F 37 -56.29 -38.40 -50.35
C THR F 37 -55.93 -37.35 -51.41
N LYS F 38 -55.88 -37.77 -52.67
CA LYS F 38 -55.58 -36.86 -53.77
C LYS F 38 -56.75 -36.77 -54.73
N ASN F 39 -57.32 -35.56 -54.86
CA ASN F 39 -58.50 -35.25 -55.71
C ASN F 39 -59.86 -35.70 -55.11
N GLY F 40 -59.91 -35.91 -53.79
CA GLY F 40 -61.15 -36.37 -53.19
C GLY F 40 -61.21 -37.87 -52.95
N VAL F 41 -60.42 -38.63 -53.72
CA VAL F 41 -60.35 -40.09 -53.61
C VAL F 41 -59.13 -40.53 -52.79
N PRO F 42 -59.30 -41.51 -51.88
CA PRO F 42 -58.19 -42.00 -51.04
C PRO F 42 -57.04 -42.70 -51.79
N VAL F 43 -55.81 -42.46 -51.35
CA VAL F 43 -54.62 -43.06 -51.98
C VAL F 43 -53.60 -43.68 -51.02
N TRP F 44 -52.64 -44.39 -51.61
CA TRP F 44 -51.57 -45.06 -50.87
C TRP F 44 -50.25 -44.97 -51.67
N LYS F 45 -49.22 -45.69 -51.22
CA LYS F 45 -47.92 -45.63 -51.90
C LYS F 45 -47.52 -44.17 -52.09
N SER F 46 -47.74 -43.38 -51.04
CA SER F 46 -47.40 -41.97 -51.08
C SER F 46 -46.01 -41.75 -50.48
N THR F 47 -45.26 -40.83 -51.07
CA THR F 47 -43.90 -40.55 -50.61
C THR F 47 -43.61 -39.05 -50.64
N GLY F 48 -43.17 -38.51 -49.52
CA GLY F 48 -42.87 -37.09 -49.48
C GLY F 48 -41.58 -36.77 -48.78
N ARG F 49 -40.75 -35.95 -49.41
CA ARG F 49 -39.47 -35.56 -48.85
C ARG F 49 -39.39 -34.04 -48.84
N ALA F 50 -38.63 -33.47 -47.91
CA ALA F 50 -38.46 -32.02 -47.83
C ALA F 50 -37.05 -31.74 -47.36
N LEU F 51 -36.25 -31.08 -48.20
CA LEU F 51 -34.88 -30.79 -47.84
C LEU F 51 -34.65 -29.33 -47.54
N TYR F 52 -33.47 -29.01 -47.05
CA TYR F 52 -33.13 -27.64 -46.74
C TYR F 52 -32.20 -27.26 -47.88
N ALA F 53 -32.56 -26.18 -48.58
CA ALA F 53 -31.84 -25.67 -49.74
C ALA F 53 -30.31 -25.68 -49.71
N GLU F 54 -29.71 -25.20 -48.63
CA GLU F 54 -28.26 -25.16 -48.55
C GLU F 54 -27.65 -26.44 -47.96
N PRO F 55 -26.53 -26.89 -48.53
CA PRO F 55 -25.85 -28.09 -48.06
C PRO F 55 -25.16 -27.78 -46.74
N ILE F 56 -25.29 -28.68 -45.77
CA ILE F 56 -24.67 -28.52 -44.46
C ILE F 56 -23.30 -29.23 -44.47
N LYS F 57 -22.25 -28.57 -44.04
CA LYS F 57 -20.91 -29.19 -44.06
C LYS F 57 -20.69 -29.96 -42.76
N ILE F 58 -20.48 -31.27 -42.85
CA ILE F 58 -20.32 -32.12 -41.67
C ILE F 58 -18.88 -32.38 -41.24
N TRP F 59 -17.92 -32.24 -42.14
CA TRP F 59 -16.53 -32.41 -41.75
C TRP F 59 -15.59 -31.71 -42.73
N ASP F 60 -14.41 -31.33 -42.24
CA ASP F 60 -13.42 -30.62 -43.04
C ASP F 60 -12.24 -31.51 -43.42
N SER F 61 -11.92 -31.57 -44.70
CA SER F 61 -10.78 -32.37 -45.13
C SER F 61 -9.49 -31.65 -44.71
N THR F 62 -9.39 -30.37 -45.06
CA THR F 62 -8.19 -29.56 -44.76
C THR F 62 -7.77 -29.51 -43.31
N THR F 63 -8.72 -29.62 -42.37
CA THR F 63 -8.42 -29.56 -40.93
C THR F 63 -8.57 -30.93 -40.26
N GLY F 64 -9.53 -31.71 -40.75
CA GLY F 64 -9.79 -33.04 -40.22
C GLY F 64 -10.80 -33.06 -39.08
N ASN F 65 -11.77 -32.13 -39.08
CA ASN F 65 -12.75 -32.07 -38.01
C ASN F 65 -14.16 -32.46 -38.37
N VAL F 66 -14.86 -33.06 -37.41
CA VAL F 66 -16.23 -33.44 -37.68
C VAL F 66 -17.16 -32.47 -36.96
N ALA F 67 -18.26 -32.12 -37.61
CA ALA F 67 -19.23 -31.19 -37.05
C ALA F 67 -20.03 -31.84 -35.95
N SER F 68 -20.72 -31.01 -35.19
CA SER F 68 -21.60 -31.49 -34.15
C SER F 68 -22.86 -30.76 -34.51
N PHE F 69 -23.98 -31.45 -34.45
CA PHE F 69 -25.20 -30.76 -34.79
C PHE F 69 -26.32 -31.21 -33.89
N GLU F 70 -27.38 -30.43 -33.88
CA GLU F 70 -28.54 -30.74 -33.08
C GLU F 70 -29.73 -30.27 -33.88
N THR F 71 -30.74 -31.10 -34.00
CA THR F 71 -31.93 -30.71 -34.73
C THR F 71 -33.16 -31.16 -33.96
N ARG F 72 -34.19 -30.31 -33.97
CA ARG F 72 -35.43 -30.59 -33.27
C ARG F 72 -36.59 -30.37 -34.23
N PHE F 73 -37.69 -31.09 -34.02
CA PHE F 73 -38.86 -30.93 -34.84
C PHE F 73 -40.04 -31.62 -34.18
N SER F 74 -41.24 -31.12 -34.47
CA SER F 74 -42.47 -31.68 -33.93
C SER F 74 -43.21 -32.32 -35.08
N PHE F 75 -43.79 -33.49 -34.85
CA PHE F 75 -44.54 -34.14 -35.90
C PHE F 75 -45.82 -34.70 -35.35
N ASN F 76 -46.78 -34.93 -36.24
CA ASN F 76 -48.06 -35.46 -35.84
C ASN F 76 -48.43 -36.58 -36.79
N ILE F 77 -48.55 -37.77 -36.23
CA ILE F 77 -48.92 -38.96 -37.00
C ILE F 77 -50.25 -39.46 -36.51
N THR F 78 -51.23 -39.51 -37.40
CA THR F 78 -52.54 -40.01 -37.04
C THR F 78 -52.83 -41.22 -37.94
N GLN F 79 -53.18 -42.33 -37.30
CA GLN F 79 -53.48 -43.58 -37.97
C GLN F 79 -54.99 -43.80 -37.81
N PRO F 80 -55.77 -43.50 -38.87
CA PRO F 80 -57.23 -43.63 -38.90
C PRO F 80 -57.82 -45.01 -38.69
N TYR F 81 -57.30 -46.01 -39.40
CA TYR F 81 -57.83 -47.36 -39.32
C TYR F 81 -56.99 -48.36 -38.52
N ALA F 82 -57.59 -49.50 -38.19
CA ALA F 82 -56.93 -50.56 -37.43
C ALA F 82 -56.56 -51.76 -38.31
N TYR F 83 -57.29 -51.90 -39.42
CA TYR F 83 -57.06 -52.97 -40.41
C TYR F 83 -57.36 -52.37 -41.79
N PRO F 84 -56.42 -52.43 -42.74
CA PRO F 84 -55.12 -53.05 -42.55
C PRO F 84 -54.15 -52.25 -41.67
N GLU F 85 -53.14 -52.94 -41.14
CA GLU F 85 -52.12 -52.33 -40.28
C GLU F 85 -51.47 -51.19 -41.06
N PRO F 86 -51.36 -50.03 -40.42
CA PRO F 86 -50.81 -48.78 -40.97
C PRO F 86 -49.33 -48.81 -41.37
N ALA F 87 -48.93 -47.90 -42.24
CA ALA F 87 -47.55 -47.85 -42.69
C ALA F 87 -47.26 -46.50 -43.39
N ASP F 88 -45.99 -46.13 -43.58
CA ASP F 88 -44.81 -46.91 -43.19
C ASP F 88 -43.98 -46.26 -42.09
N GLY F 89 -43.80 -44.95 -42.19
CA GLY F 89 -43.02 -44.26 -41.20
C GLY F 89 -42.58 -42.87 -41.62
N LEU F 90 -41.85 -42.21 -40.75
CA LEU F 90 -41.37 -40.86 -40.96
C LEU F 90 -39.89 -40.86 -40.59
N THR F 91 -39.10 -40.00 -41.22
CA THR F 91 -37.68 -40.01 -40.90
C THR F 91 -36.85 -38.79 -41.26
N PHE F 92 -35.88 -38.50 -40.42
CA PHE F 92 -34.94 -37.41 -40.62
C PHE F 92 -33.78 -38.10 -41.32
N PHE F 93 -33.11 -37.41 -42.24
CA PHE F 93 -32.03 -38.07 -42.96
C PHE F 93 -31.01 -37.12 -43.56
N MET F 94 -29.83 -37.63 -43.84
CA MET F 94 -28.77 -36.85 -44.43
C MET F 94 -28.18 -37.64 -45.55
N VAL F 95 -28.11 -37.04 -46.73
CA VAL F 95 -27.55 -37.71 -47.90
C VAL F 95 -26.57 -36.76 -48.56
N PRO F 96 -25.71 -37.27 -49.43
CA PRO F 96 -24.75 -36.38 -50.10
C PRO F 96 -25.53 -35.58 -51.14
N PRO F 97 -24.98 -34.45 -51.62
CA PRO F 97 -25.67 -33.63 -52.61
C PRO F 97 -25.77 -34.36 -53.94
N ASN F 98 -26.83 -34.08 -54.70
CA ASN F 98 -27.06 -34.71 -56.00
C ASN F 98 -26.99 -36.24 -55.88
N SER F 99 -27.86 -36.77 -55.02
CA SER F 99 -27.95 -38.20 -54.74
C SER F 99 -29.38 -38.68 -55.07
N PRO F 100 -29.51 -39.91 -55.61
CA PRO F 100 -30.81 -40.48 -55.98
C PRO F 100 -31.81 -40.58 -54.82
N GLN F 101 -33.08 -40.75 -55.20
CA GLN F 101 -34.20 -40.90 -54.26
C GLN F 101 -34.44 -42.35 -53.78
N GLY F 102 -34.66 -42.54 -52.49
CA GLY F 102 -34.88 -43.89 -52.01
C GLY F 102 -36.22 -44.45 -52.47
N GLU F 103 -36.47 -45.74 -52.27
CA GLU F 103 -37.74 -46.34 -52.68
C GLU F 103 -38.88 -46.04 -51.70
N ASP F 104 -40.11 -46.12 -52.21
CA ASP F 104 -41.31 -45.84 -51.42
C ASP F 104 -41.52 -46.84 -50.29
N GLY F 105 -42.62 -46.64 -49.58
CA GLY F 105 -42.99 -47.49 -48.47
C GLY F 105 -41.90 -47.75 -47.46
N GLY F 106 -41.62 -49.04 -47.23
CA GLY F 106 -40.61 -49.46 -46.26
C GLY F 106 -39.26 -48.75 -46.20
N ASN F 107 -38.74 -48.32 -47.35
CA ASN F 107 -37.45 -47.65 -47.32
C ASN F 107 -37.60 -46.18 -46.97
N LEU F 108 -38.83 -45.80 -46.61
CA LEU F 108 -39.14 -44.44 -46.18
C LEU F 108 -38.69 -43.38 -47.17
N GLY F 109 -38.55 -43.77 -48.44
CA GLY F 109 -38.13 -42.82 -49.44
C GLY F 109 -36.72 -42.33 -49.19
N VAL F 110 -35.88 -43.19 -48.62
CA VAL F 110 -34.50 -42.81 -48.34
C VAL F 110 -33.49 -43.81 -48.87
N PHE F 111 -33.68 -45.09 -48.56
CA PHE F 111 -32.77 -46.12 -49.00
C PHE F 111 -33.27 -46.96 -50.18
N LYS F 112 -32.35 -47.62 -50.88
CA LYS F 112 -32.67 -48.48 -52.01
C LYS F 112 -32.04 -49.84 -51.70
N PRO F 113 -32.61 -50.93 -52.24
CA PRO F 113 -32.12 -52.29 -52.03
C PRO F 113 -30.66 -52.57 -52.36
N PRO F 114 -30.27 -52.46 -53.63
CA PRO F 114 -28.87 -52.71 -53.95
C PRO F 114 -28.05 -51.75 -53.10
N GLU F 115 -27.00 -52.26 -52.45
CA GLU F 115 -26.19 -51.40 -51.59
C GLU F 115 -25.51 -50.22 -52.26
N GLY F 116 -26.28 -49.37 -52.95
CA GLY F 116 -25.70 -48.23 -53.63
C GLY F 116 -25.77 -46.88 -52.94
N ASP F 117 -26.94 -46.56 -52.38
CA ASP F 117 -27.13 -45.26 -51.71
C ASP F 117 -26.33 -45.13 -50.42
N ASN F 118 -25.79 -43.93 -50.21
CA ASN F 118 -25.02 -43.60 -49.02
C ASN F 118 -25.86 -42.61 -48.22
N ALA F 119 -26.38 -43.05 -47.07
CA ALA F 119 -27.23 -42.18 -46.27
C ALA F 119 -27.31 -42.56 -44.80
N PHE F 120 -27.79 -41.60 -44.01
CA PHE F 120 -27.96 -41.76 -42.57
C PHE F 120 -29.35 -41.24 -42.27
N ALA F 121 -30.02 -41.83 -41.29
CA ALA F 121 -31.35 -41.36 -40.98
C ALA F 121 -31.84 -41.86 -39.65
N VAL F 122 -32.62 -41.03 -38.97
CA VAL F 122 -33.20 -41.43 -37.69
C VAL F 122 -34.63 -41.67 -38.10
N GLU F 123 -35.11 -42.89 -37.92
CA GLU F 123 -36.45 -43.23 -38.34
C GLU F 123 -37.45 -43.47 -37.23
N PHE F 124 -38.72 -43.25 -37.57
CA PHE F 124 -39.83 -43.49 -36.65
C PHE F 124 -40.72 -44.42 -37.46
N ASP F 125 -40.30 -45.68 -37.48
CA ASP F 125 -40.92 -46.78 -38.21
C ASP F 125 -42.27 -47.16 -37.60
N THR F 126 -43.35 -47.11 -38.40
CA THR F 126 -44.66 -47.49 -37.88
C THR F 126 -45.11 -48.83 -38.43
N PHE F 127 -44.30 -49.43 -39.30
CA PHE F 127 -44.65 -50.71 -39.88
C PHE F 127 -43.52 -51.74 -39.84
N GLN F 128 -43.84 -52.94 -39.39
CA GLN F 128 -42.85 -54.01 -39.26
C GLN F 128 -42.57 -54.85 -40.50
N ASN F 129 -41.54 -54.50 -41.25
CA ASN F 129 -41.17 -55.28 -42.42
C ASN F 129 -40.40 -56.52 -41.94
N THR F 130 -39.78 -57.22 -42.89
CA THR F 130 -39.05 -58.43 -42.54
C THR F 130 -37.79 -58.17 -41.70
N TRP F 131 -37.24 -56.96 -41.81
CA TRP F 131 -36.02 -56.61 -41.08
C TRP F 131 -36.29 -55.78 -39.82
N ASP F 132 -37.56 -55.49 -39.54
CA ASP F 132 -37.93 -54.69 -38.37
C ASP F 132 -38.33 -55.48 -37.13
N PRO F 133 -38.18 -54.85 -35.96
CA PRO F 133 -38.53 -55.42 -34.65
C PRO F 133 -39.96 -54.90 -34.43
N GLN F 134 -40.58 -55.20 -33.29
CA GLN F 134 -41.94 -54.70 -33.08
C GLN F 134 -42.00 -53.21 -33.45
N VAL F 135 -43.20 -52.75 -33.79
CA VAL F 135 -43.38 -51.32 -34.11
C VAL F 135 -44.46 -50.72 -33.23
N PRO F 136 -44.50 -49.40 -33.14
CA PRO F 136 -43.57 -48.51 -33.84
C PRO F 136 -42.26 -48.45 -33.06
N HIS F 137 -41.20 -48.02 -33.73
CA HIS F 137 -39.90 -47.91 -33.06
C HIS F 137 -39.06 -46.75 -33.57
N ILE F 138 -38.05 -46.39 -32.78
CA ILE F 138 -37.15 -45.33 -33.19
C ILE F 138 -35.96 -46.10 -33.71
N GLY F 139 -35.41 -45.68 -34.83
CA GLY F 139 -34.27 -46.42 -35.34
C GLY F 139 -33.17 -45.51 -35.81
N ILE F 140 -31.93 -45.98 -35.68
CA ILE F 140 -30.80 -45.19 -36.14
C ILE F 140 -30.27 -45.91 -37.34
N ASP F 141 -30.56 -45.39 -38.52
CA ASP F 141 -30.12 -46.03 -39.75
C ASP F 141 -28.83 -45.47 -40.30
N VAL F 142 -27.80 -46.31 -40.30
CA VAL F 142 -26.51 -45.89 -40.81
C VAL F 142 -26.21 -46.66 -42.07
N ASN F 143 -26.56 -46.08 -43.21
CA ASN F 143 -26.34 -46.69 -44.53
C ASN F 143 -27.13 -47.97 -44.80
N SER F 144 -28.29 -48.09 -44.16
CA SER F 144 -29.16 -49.26 -44.33
C SER F 144 -30.48 -49.03 -43.62
N ILE F 145 -31.60 -49.58 -44.11
CA ILE F 145 -32.87 -49.38 -43.39
C ILE F 145 -32.85 -50.26 -42.17
N VAL F 146 -31.86 -51.15 -42.09
CA VAL F 146 -31.77 -52.00 -40.92
C VAL F 146 -31.05 -51.17 -39.88
N SER F 147 -31.80 -50.71 -38.88
CA SER F 147 -31.26 -49.86 -37.83
C SER F 147 -30.18 -50.55 -37.02
N SER F 148 -29.12 -49.81 -36.68
CA SER F 148 -28.05 -50.39 -35.89
C SER F 148 -28.47 -50.41 -34.42
N LYS F 149 -29.48 -49.62 -34.08
CA LYS F 149 -30.01 -49.57 -32.72
C LYS F 149 -31.48 -49.15 -32.84
N THR F 150 -32.36 -49.77 -32.05
CA THR F 150 -33.78 -49.42 -32.13
C THR F 150 -34.44 -49.37 -30.77
N LEU F 151 -35.57 -48.66 -30.69
CA LEU F 151 -36.31 -48.54 -29.44
C LEU F 151 -37.81 -48.48 -29.67
N HIS F 152 -38.52 -49.41 -29.06
CA HIS F 152 -39.96 -49.43 -29.20
C HIS F 152 -40.59 -48.32 -28.37
N PHE F 153 -41.54 -47.61 -28.98
CA PHE F 153 -42.21 -46.53 -28.30
C PHE F 153 -43.69 -46.58 -28.62
N GLN F 154 -44.54 -46.23 -27.65
CA GLN F 154 -45.99 -46.20 -27.83
C GLN F 154 -46.37 -44.87 -28.49
N LEU F 155 -46.90 -44.95 -29.69
CA LEU F 155 -47.30 -43.74 -30.40
C LEU F 155 -48.63 -43.22 -29.89
N GLU F 156 -48.72 -41.89 -29.75
CA GLU F 156 -49.95 -41.26 -29.33
C GLU F 156 -50.62 -40.87 -30.63
N ASN F 157 -51.74 -41.52 -30.94
CA ASN F 157 -52.44 -41.26 -32.17
C ASN F 157 -52.91 -39.82 -32.25
N GLY F 158 -52.52 -39.13 -33.32
CA GLY F 158 -52.93 -37.75 -33.49
C GLY F 158 -52.38 -36.74 -32.49
N GLY F 159 -51.37 -37.16 -31.72
CA GLY F 159 -50.76 -36.26 -30.75
C GLY F 159 -49.50 -35.61 -31.31
N VAL F 160 -49.06 -34.52 -30.69
CA VAL F 160 -47.87 -33.82 -31.15
C VAL F 160 -46.61 -34.39 -30.49
N ALA F 161 -45.69 -34.86 -31.33
CA ALA F 161 -44.44 -35.44 -30.87
C ALA F 161 -43.32 -34.41 -30.94
N ASN F 162 -42.42 -34.45 -29.96
CA ASN F 162 -41.28 -33.53 -29.92
C ASN F 162 -40.03 -34.36 -30.03
N VAL F 163 -39.27 -34.14 -31.09
CA VAL F 163 -38.07 -34.91 -31.32
C VAL F 163 -36.81 -34.08 -31.17
N VAL F 164 -35.76 -34.72 -30.68
CA VAL F 164 -34.46 -34.06 -30.52
C VAL F 164 -33.42 -35.06 -30.99
N ILE F 165 -32.57 -34.64 -31.92
CA ILE F 165 -31.52 -35.51 -32.41
C ILE F 165 -30.24 -34.72 -32.21
N LYS F 166 -29.40 -35.16 -31.28
CA LYS F 166 -28.17 -34.44 -30.95
C LYS F 166 -26.97 -35.34 -31.22
N TYR F 167 -25.97 -34.79 -31.93
CA TYR F 167 -24.76 -35.53 -32.23
C TYR F 167 -23.52 -34.74 -31.77
N ASP F 168 -22.68 -35.37 -30.94
CA ASP F 168 -21.46 -34.73 -30.43
C ASP F 168 -20.19 -35.23 -31.10
N SER F 169 -19.65 -34.45 -32.05
CA SER F 169 -18.43 -34.83 -32.78
C SER F 169 -17.33 -35.47 -31.91
N PRO F 170 -16.97 -34.85 -30.77
CA PRO F 170 -15.93 -35.40 -29.90
C PRO F 170 -16.17 -36.79 -29.33
N THR F 171 -17.39 -37.11 -28.93
CA THR F 171 -17.67 -38.43 -28.38
C THR F 171 -18.33 -39.35 -29.42
N LYS F 172 -18.66 -38.78 -30.57
CA LYS F 172 -19.30 -39.52 -31.66
C LYS F 172 -20.58 -40.17 -31.17
N ILE F 173 -21.24 -39.50 -30.25
CA ILE F 173 -22.48 -40.00 -29.67
C ILE F 173 -23.74 -39.41 -30.33
N LEU F 174 -24.51 -40.25 -31.00
CA LEU F 174 -25.74 -39.79 -31.62
C LEU F 174 -26.87 -40.12 -30.65
N ASN F 175 -27.67 -39.11 -30.33
CA ASN F 175 -28.75 -39.30 -29.40
C ASN F 175 -30.07 -38.88 -29.98
N VAL F 176 -31.14 -39.60 -29.62
CA VAL F 176 -32.47 -39.28 -30.10
C VAL F 176 -33.44 -39.29 -28.94
N VAL F 177 -34.13 -38.16 -28.75
CA VAL F 177 -35.10 -38.09 -27.69
C VAL F 177 -36.44 -37.81 -28.33
N LEU F 178 -37.40 -38.68 -28.02
CA LEU F 178 -38.76 -38.54 -28.53
C LEU F 178 -39.60 -38.36 -27.30
N ALA F 179 -40.38 -37.29 -27.27
CA ALA F 179 -41.23 -37.07 -26.12
C ALA F 179 -42.60 -36.59 -26.55
N PHE F 180 -43.62 -37.12 -25.88
CA PHE F 180 -45.00 -36.73 -26.11
C PHE F 180 -45.36 -36.01 -24.85
N HIS F 181 -45.33 -34.68 -24.89
CA HIS F 181 -45.61 -33.90 -23.70
C HIS F 181 -47.05 -34.01 -23.17
N SER F 182 -48.03 -33.94 -24.07
CA SER F 182 -49.42 -34.02 -23.68
C SER F 182 -49.78 -35.26 -22.86
N VAL F 183 -48.83 -36.19 -22.72
CA VAL F 183 -49.08 -37.43 -21.98
C VAL F 183 -48.03 -37.74 -20.92
N GLY F 184 -46.87 -37.11 -21.04
CA GLY F 184 -45.82 -37.32 -20.06
C GLY F 184 -44.91 -38.50 -20.32
N THR F 185 -44.62 -38.75 -21.59
CA THR F 185 -43.75 -39.85 -21.96
C THR F 185 -42.48 -39.36 -22.66
N VAL F 186 -41.38 -40.02 -22.35
CA VAL F 186 -40.09 -39.67 -22.93
C VAL F 186 -39.35 -40.91 -23.36
N TYR F 187 -38.78 -40.86 -24.55
CA TYR F 187 -38.04 -41.99 -25.08
C TYR F 187 -36.66 -41.50 -25.47
N THR F 188 -35.64 -42.23 -25.03
CA THR F 188 -34.28 -41.85 -25.37
C THR F 188 -33.49 -43.03 -25.89
N LEU F 189 -32.90 -42.86 -27.07
CA LEU F 189 -32.11 -43.89 -27.71
C LEU F 189 -30.82 -43.27 -28.20
N SER F 190 -29.68 -43.88 -27.89
CA SER F 190 -28.41 -43.34 -28.34
C SER F 190 -27.40 -44.42 -28.70
N ASN F 191 -26.65 -44.18 -29.78
CA ASN F 191 -25.65 -45.12 -30.24
C ASN F 191 -24.48 -44.36 -30.83
N ILE F 192 -23.33 -45.02 -30.96
CA ILE F 192 -22.15 -44.37 -31.50
C ILE F 192 -22.10 -44.37 -33.03
N VAL F 193 -21.82 -43.21 -33.61
CA VAL F 193 -21.79 -43.08 -35.05
C VAL F 193 -20.63 -42.20 -35.50
N ASP F 194 -19.79 -42.72 -36.38
CA ASP F 194 -18.64 -41.96 -36.84
C ASP F 194 -18.90 -41.23 -38.15
N LEU F 195 -19.62 -40.11 -38.07
CA LEU F 195 -19.95 -39.34 -39.27
C LEU F 195 -18.90 -39.22 -40.36
N LYS F 196 -17.67 -38.91 -39.98
CA LYS F 196 -16.59 -38.74 -40.94
C LYS F 196 -16.34 -39.99 -41.75
N GLN F 197 -16.36 -41.12 -41.05
CA GLN F 197 -16.12 -42.43 -41.64
C GLN F 197 -17.30 -42.97 -42.43
N GLU F 198 -18.51 -42.49 -42.13
CA GLU F 198 -19.73 -42.94 -42.81
C GLU F 198 -20.17 -42.12 -44.01
N PHE F 199 -19.51 -40.99 -44.26
CA PHE F 199 -19.83 -40.11 -45.40
C PHE F 199 -18.51 -39.63 -45.99
N PRO F 200 -17.59 -40.56 -46.30
CA PRO F 200 -16.28 -40.24 -46.86
C PRO F 200 -16.20 -39.68 -48.27
N ASN F 201 -17.34 -39.55 -48.94
CA ASN F 201 -17.29 -39.03 -50.30
C ASN F 201 -17.73 -37.59 -50.42
N SER F 202 -18.33 -37.05 -49.36
CA SER F 202 -18.79 -35.68 -49.38
C SER F 202 -18.70 -35.04 -48.02
N GLU F 203 -17.94 -33.94 -47.93
CA GLU F 203 -17.78 -33.20 -46.67
C GLU F 203 -19.11 -32.48 -46.43
N TRP F 204 -19.94 -32.48 -47.47
CA TRP F 204 -21.24 -31.83 -47.44
C TRP F 204 -22.38 -32.83 -47.56
N VAL F 205 -23.51 -32.52 -46.92
CA VAL F 205 -24.69 -33.39 -46.98
C VAL F 205 -25.96 -32.56 -46.97
N ASN F 206 -27.01 -33.08 -47.60
CA ASN F 206 -28.29 -32.40 -47.62
C ASN F 206 -29.06 -32.93 -46.43
N VAL F 207 -29.79 -32.06 -45.76
CA VAL F 207 -30.54 -32.48 -44.59
C VAL F 207 -32.03 -32.40 -44.89
N GLY F 208 -32.81 -33.37 -44.45
CA GLY F 208 -34.23 -33.30 -44.74
C GLY F 208 -35.10 -34.28 -43.98
N LEU F 209 -36.41 -34.09 -44.12
CA LEU F 209 -37.39 -34.96 -43.49
C LEU F 209 -38.08 -35.75 -44.59
N SER F 210 -38.59 -36.92 -44.25
CA SER F 210 -39.26 -37.76 -45.22
C SER F 210 -40.28 -38.72 -44.59
N ALA F 211 -41.29 -39.09 -45.36
CA ALA F 211 -42.31 -39.99 -44.86
C ALA F 211 -42.90 -40.77 -46.03
N THR F 212 -43.62 -41.86 -45.73
CA THR F 212 -44.23 -42.70 -46.77
C THR F 212 -45.44 -43.48 -46.23
N THR F 213 -46.43 -43.74 -47.09
CA THR F 213 -47.60 -44.52 -46.68
C THR F 213 -47.56 -45.90 -47.36
N GLY F 214 -48.33 -46.85 -46.81
CA GLY F 214 -48.36 -48.22 -47.32
C GLY F 214 -48.38 -48.56 -48.80
N TYR F 215 -48.25 -49.86 -49.09
CA TYR F 215 -48.27 -50.41 -50.43
C TYR F 215 -49.65 -50.95 -50.80
N GLN F 216 -50.60 -50.88 -49.86
CA GLN F 216 -51.99 -51.33 -50.12
C GLN F 216 -53.01 -50.19 -49.90
N LYS F 217 -54.31 -50.49 -50.03
CA LYS F 217 -55.35 -49.50 -49.83
C LYS F 217 -55.80 -49.46 -48.38
N ASN F 218 -55.47 -48.36 -47.70
CA ASN F 218 -55.75 -48.12 -46.28
C ASN F 218 -54.58 -48.38 -45.32
N ALA F 219 -53.45 -48.80 -45.87
CA ALA F 219 -52.28 -49.01 -45.03
C ALA F 219 -51.60 -47.66 -45.13
N VAL F 220 -52.28 -46.66 -44.58
CA VAL F 220 -51.75 -45.32 -44.63
C VAL F 220 -51.95 -44.54 -43.32
N GLU F 221 -51.26 -43.41 -43.22
CA GLU F 221 -51.33 -42.55 -42.04
C GLU F 221 -50.87 -41.16 -42.44
N THR F 222 -51.17 -40.18 -41.60
CA THR F 222 -50.79 -38.81 -41.90
C THR F 222 -49.39 -38.55 -41.38
N HIS F 223 -48.66 -37.72 -42.12
CA HIS F 223 -47.30 -37.38 -41.73
C HIS F 223 -47.11 -35.88 -41.84
N GLU F 224 -47.38 -35.19 -40.74
CA GLU F 224 -47.28 -33.73 -40.69
C GLU F 224 -46.16 -33.25 -39.79
N ILE F 225 -45.38 -32.30 -40.29
CA ILE F 225 -44.31 -31.72 -39.51
C ILE F 225 -44.79 -30.34 -39.12
N ILE F 226 -44.75 -30.02 -37.84
CA ILE F 226 -45.22 -28.71 -37.38
C ILE F 226 -44.13 -27.65 -37.29
N SER F 227 -42.94 -28.03 -36.84
CA SER F 227 -41.82 -27.11 -36.72
C SER F 227 -40.52 -27.88 -36.95
N TRP F 228 -39.41 -27.18 -37.15
CA TRP F 228 -38.15 -27.88 -37.41
C TRP F 228 -36.91 -27.00 -37.42
N SER F 229 -36.09 -27.08 -36.38
CA SER F 229 -34.87 -26.27 -36.32
C SER F 229 -33.64 -27.16 -36.42
N PHE F 230 -32.55 -26.62 -36.92
CA PHE F 230 -31.30 -27.36 -37.08
C PHE F 230 -30.15 -26.44 -36.77
N THR F 231 -28.99 -27.04 -36.49
CA THR F 231 -27.79 -26.26 -36.21
C THR F 231 -26.54 -27.12 -36.06
N SER F 232 -25.63 -26.97 -37.02
CA SER F 232 -24.37 -27.69 -36.99
C SER F 232 -23.37 -26.67 -36.44
N SER F 233 -22.20 -27.15 -36.04
CA SER F 233 -21.18 -26.27 -35.47
C SER F 233 -19.85 -26.98 -35.61
N LEU F 234 -19.17 -26.61 -36.69
CA LEU F 234 -17.90 -27.22 -37.04
C LEU F 234 -16.71 -26.37 -36.59
N GLN F 235 -15.97 -26.87 -35.59
CA GLN F 235 -14.82 -26.15 -35.07
C GLN F 235 -13.56 -26.25 -35.95
N GLU F 236 -12.61 -25.35 -35.71
CA GLU F 236 -11.36 -25.34 -36.46
C GLU F 236 -11.22 -24.26 -37.53
N GLU G 1 10.32 -21.38 6.55
CA GLU G 1 10.48 -19.99 6.03
C GLU G 1 10.45 -19.84 4.51
N THR G 2 11.40 -20.46 3.83
CA THR G 2 11.51 -20.38 2.37
C THR G 2 12.27 -21.57 1.78
N GLN G 3 11.72 -22.13 0.70
CA GLN G 3 12.34 -23.26 0.00
C GLN G 3 12.46 -22.88 -1.46
N SER G 4 13.64 -23.06 -2.04
CA SER G 4 13.85 -22.71 -3.45
C SER G 4 14.72 -23.72 -4.17
N PHE G 5 14.69 -23.64 -5.48
CA PHE G 5 15.52 -24.48 -6.32
C PHE G 5 15.47 -23.93 -7.72
N ASN G 6 16.60 -24.01 -8.43
CA ASN G 6 16.68 -23.47 -9.77
C ASN G 6 17.57 -24.33 -10.67
N PHE G 7 17.08 -24.59 -11.88
CA PHE G 7 17.79 -25.39 -12.87
C PHE G 7 17.88 -24.58 -14.16
N ASP G 8 19.00 -23.86 -14.33
CA ASP G 8 19.28 -23.05 -15.51
C ASP G 8 19.41 -24.00 -16.72
N HIS G 9 19.81 -25.23 -16.41
CA HIS G 9 19.93 -26.35 -17.35
C HIS G 9 20.07 -27.61 -16.48
N PHE G 10 19.81 -28.77 -17.08
CA PHE G 10 19.76 -30.03 -16.34
C PHE G 10 21.02 -30.86 -16.43
N GLU G 11 21.69 -31.06 -15.29
CA GLU G 11 22.92 -31.85 -15.26
C GLU G 11 22.55 -33.31 -15.00
N GLU G 12 23.23 -34.24 -15.67
CA GLU G 12 22.97 -35.66 -15.50
C GLU G 12 23.33 -36.12 -14.09
N ASN G 13 22.54 -37.04 -13.55
CA ASN G 13 22.75 -37.59 -12.21
C ASN G 13 22.77 -36.56 -11.06
N SER G 14 21.88 -35.56 -11.13
CA SER G 14 21.79 -34.56 -10.07
C SER G 14 21.11 -35.23 -8.88
N LYS G 15 21.53 -34.88 -7.67
CA LYS G 15 20.95 -35.47 -6.48
C LYS G 15 19.69 -34.71 -6.04
N GLU G 16 19.16 -33.93 -6.96
CA GLU G 16 17.97 -33.14 -6.70
C GLU G 16 16.68 -33.63 -7.41
N LEU G 17 16.83 -34.30 -8.55
CA LEU G 17 15.70 -34.85 -9.32
C LEU G 17 15.67 -36.39 -9.18
N ASN G 18 14.52 -36.95 -8.81
CA ASN G 18 14.39 -38.41 -8.68
C ASN G 18 13.58 -38.93 -9.87
N LEU G 19 14.10 -38.74 -11.09
CA LEU G 19 13.40 -39.13 -12.32
C LEU G 19 12.64 -40.46 -12.24
N GLN G 20 11.52 -40.55 -12.97
CA GLN G 20 10.69 -41.76 -13.01
C GLN G 20 10.30 -42.16 -14.43
N ARG G 21 10.18 -43.48 -14.66
CA ARG G 21 9.82 -44.02 -15.97
C ARG G 21 10.61 -43.42 -17.15
N GLN G 22 9.99 -43.41 -18.32
CA GLN G 22 10.61 -42.89 -19.55
C GLN G 22 11.43 -41.59 -19.45
N ALA G 23 11.25 -40.85 -18.36
CA ALA G 23 11.97 -39.57 -18.17
C ALA G 23 13.46 -39.74 -17.97
N SER G 24 14.25 -39.09 -18.82
CA SER G 24 15.70 -39.14 -18.76
C SER G 24 16.26 -37.74 -19.00
N ILE G 25 17.59 -37.62 -19.00
CA ILE G 25 18.21 -36.31 -19.25
C ILE G 25 19.17 -36.36 -20.42
N LYS G 26 18.82 -35.62 -21.46
CA LYS G 26 19.64 -35.52 -22.66
C LYS G 26 21.02 -34.89 -22.35
N SER G 27 22.01 -35.17 -23.21
CA SER G 27 23.36 -34.63 -23.03
C SER G 27 23.37 -33.11 -23.24
N ASN G 28 22.36 -32.62 -23.97
CA ASN G 28 22.22 -31.19 -24.26
C ASN G 28 21.89 -30.37 -23.02
N GLY G 29 21.72 -31.03 -21.88
CA GLY G 29 21.37 -30.33 -20.65
C GLY G 29 19.89 -30.04 -20.57
N VAL G 30 19.11 -30.92 -21.20
CA VAL G 30 17.66 -30.81 -21.26
C VAL G 30 16.99 -32.03 -20.63
N LEU G 31 15.84 -31.80 -20.00
CA LEU G 31 15.10 -32.89 -19.38
C LEU G 31 14.08 -33.38 -20.39
N GLU G 32 14.20 -34.63 -20.81
CA GLU G 32 13.27 -35.20 -21.77
C GLU G 32 12.29 -36.08 -21.02
N LEU G 33 11.06 -35.59 -20.87
CA LEU G 33 10.04 -36.34 -20.14
C LEU G 33 9.52 -37.60 -20.82
N THR G 34 9.35 -37.60 -22.14
CA THR G 34 8.86 -38.80 -22.84
C THR G 34 9.60 -39.09 -24.12
N LYS G 35 10.00 -40.35 -24.25
CA LYS G 35 10.73 -40.82 -25.42
C LYS G 35 9.82 -40.91 -26.63
N LEU G 36 10.39 -40.61 -27.80
CA LEU G 36 9.67 -40.66 -29.05
C LEU G 36 10.07 -41.92 -29.82
N THR G 37 11.25 -42.44 -29.47
CA THR G 37 11.82 -43.65 -30.08
C THR G 37 12.78 -44.33 -29.08
N LYS G 38 12.49 -45.61 -28.79
CA LYS G 38 13.31 -46.40 -27.87
C LYS G 38 14.04 -47.56 -28.53
N ASN G 39 15.34 -47.37 -28.76
CA ASN G 39 16.14 -48.40 -29.38
C ASN G 39 16.14 -48.33 -30.90
N GLY G 40 15.96 -47.12 -31.46
CA GLY G 40 15.94 -46.94 -32.90
C GLY G 40 14.55 -47.07 -33.53
N VAL G 41 13.67 -47.82 -32.85
CA VAL G 41 12.29 -48.05 -33.31
C VAL G 41 11.31 -47.10 -32.60
N PRO G 42 10.36 -46.51 -33.35
CA PRO G 42 9.36 -45.59 -32.77
C PRO G 42 8.38 -46.21 -31.75
N VAL G 43 8.07 -45.46 -30.69
CA VAL G 43 7.15 -45.92 -29.64
C VAL G 43 6.06 -44.94 -29.22
N TRP G 44 5.12 -45.45 -28.43
CA TRP G 44 4.00 -44.68 -27.91
C TRP G 44 3.68 -45.10 -26.47
N LYS G 45 2.56 -44.62 -25.93
CA LYS G 45 2.18 -44.92 -24.55
C LYS G 45 3.39 -44.70 -23.65
N SER G 46 4.07 -43.58 -23.87
CA SER G 46 5.25 -43.20 -23.09
C SER G 46 4.82 -42.28 -21.94
N THR G 47 5.46 -42.45 -20.79
CA THR G 47 5.13 -41.64 -19.63
C THR G 47 6.38 -41.25 -18.86
N GLY G 48 6.57 -39.95 -18.61
CA GLY G 48 7.74 -39.52 -17.88
C GLY G 48 7.42 -38.50 -16.81
N ARG G 49 7.94 -38.72 -15.61
CA ARG G 49 7.73 -37.81 -14.50
C ARG G 49 9.09 -37.43 -13.92
N ALA G 50 9.18 -36.24 -13.33
CA ALA G 50 10.44 -35.77 -12.72
C ALA G 50 10.08 -34.95 -11.50
N LEU G 51 10.49 -35.41 -10.32
CA LEU G 51 10.17 -34.69 -9.10
C LEU G 51 11.39 -34.01 -8.50
N TYR G 52 11.15 -33.20 -7.48
CA TYR G 52 12.22 -32.52 -6.80
C TYR G 52 12.38 -33.29 -5.51
N ALA G 53 13.59 -33.78 -5.27
CA ALA G 53 13.95 -34.59 -4.11
C ALA G 53 13.33 -34.24 -2.75
N GLU G 54 13.39 -32.96 -2.38
CA GLU G 54 12.86 -32.56 -1.09
C GLU G 54 11.39 -32.16 -1.14
N PRO G 55 10.61 -32.56 -0.12
CA PRO G 55 9.19 -32.24 -0.05
C PRO G 55 9.03 -30.76 0.28
N ILE G 56 8.13 -30.10 -0.42
CA ILE G 56 7.86 -28.69 -0.20
C ILE G 56 6.68 -28.56 0.79
N LYS G 57 6.83 -27.72 1.81
CA LYS G 57 5.77 -27.54 2.81
C LYS G 57 4.78 -26.50 2.32
N ILE G 58 3.51 -26.87 2.16
CA ILE G 58 2.51 -25.93 1.67
C ILE G 58 1.66 -25.25 2.74
N TRP G 59 1.54 -25.87 3.91
CA TRP G 59 0.79 -25.23 5.00
C TRP G 59 1.20 -25.77 6.36
N ASP G 60 1.03 -24.95 7.40
CA ASP G 60 1.41 -25.33 8.76
C ASP G 60 0.19 -25.63 9.63
N SER G 61 0.17 -26.83 10.21
CA SER G 61 -0.98 -27.23 11.02
C SER G 61 -1.30 -26.43 12.31
N THR G 62 -0.33 -25.70 12.85
CA THR G 62 -0.57 -24.92 14.07
C THR G 62 -0.89 -23.45 13.81
N THR G 63 -0.28 -22.89 12.78
CA THR G 63 -0.49 -21.49 12.40
C THR G 63 -1.73 -21.44 11.51
N GLY G 64 -1.90 -22.50 10.72
CA GLY G 64 -3.01 -22.60 9.79
C GLY G 64 -2.62 -21.90 8.50
N ASN G 65 -1.44 -21.25 8.51
CA ASN G 65 -0.97 -20.52 7.35
C ASN G 65 -0.63 -21.38 6.16
N VAL G 66 -1.05 -20.89 5.00
CA VAL G 66 -0.83 -21.56 3.72
C VAL G 66 0.33 -20.85 3.01
N ALA G 67 1.15 -21.63 2.32
CA ALA G 67 2.29 -21.09 1.60
C ALA G 67 1.86 -20.39 0.34
N SER G 68 2.76 -19.57 -0.22
CA SER G 68 2.51 -18.85 -1.47
C SER G 68 3.71 -19.28 -2.26
N PHE G 69 3.53 -19.76 -3.49
CA PHE G 69 4.68 -20.19 -4.27
C PHE G 69 4.58 -19.70 -5.69
N GLU G 70 5.70 -19.75 -6.38
CA GLU G 70 5.76 -19.32 -7.76
C GLU G 70 6.76 -20.23 -8.43
N THR G 71 6.39 -20.77 -9.58
CA THR G 71 7.31 -21.63 -10.31
C THR G 71 7.27 -21.28 -11.78
N ARG G 72 8.44 -21.32 -12.41
CA ARG G 72 8.58 -21.00 -13.82
C ARG G 72 9.35 -22.11 -14.51
N PHE G 73 9.08 -22.32 -15.79
CA PHE G 73 9.79 -23.33 -16.55
C PHE G 73 9.53 -23.13 -18.03
N SER G 74 10.48 -23.56 -18.85
CA SER G 74 10.37 -23.45 -20.30
C SER G 74 10.23 -24.85 -20.84
N PHE G 75 9.36 -25.04 -21.82
CA PHE G 75 9.20 -26.36 -22.38
C PHE G 75 9.10 -26.27 -23.89
N ASN G 76 9.39 -27.36 -24.55
CA ASN G 76 9.34 -27.40 -26.00
C ASN G 76 8.59 -28.65 -26.44
N ILE G 77 7.48 -28.43 -27.10
CA ILE G 77 6.64 -29.51 -27.59
C ILE G 77 6.63 -29.47 -29.11
N THR G 78 7.10 -30.56 -29.74
CA THR G 78 7.13 -30.68 -31.20
C THR G 78 6.23 -31.85 -31.59
N GLN G 79 5.25 -31.55 -32.44
CA GLN G 79 4.31 -32.55 -32.93
C GLN G 79 4.66 -32.79 -34.40
N PRO G 80 5.39 -33.89 -34.69
CA PRO G 80 5.83 -34.27 -36.03
C PRO G 80 4.77 -34.54 -37.09
N TYR G 81 3.76 -35.32 -36.74
CA TYR G 81 2.72 -35.69 -37.69
C TYR G 81 1.37 -34.97 -37.50
N ALA G 82 0.51 -35.07 -38.53
CA ALA G 82 -0.82 -34.45 -38.50
C ALA G 82 -1.92 -35.49 -38.32
N TYR G 83 -1.61 -36.74 -38.68
CA TYR G 83 -2.54 -37.87 -38.55
C TYR G 83 -1.71 -39.11 -38.22
N PRO G 84 -2.12 -39.87 -37.19
CA PRO G 84 -3.31 -39.54 -36.43
C PRO G 84 -2.99 -38.50 -35.37
N GLU G 85 -3.96 -37.62 -35.07
CA GLU G 85 -3.79 -36.55 -34.08
C GLU G 85 -2.84 -36.91 -32.93
N PRO G 86 -2.05 -35.92 -32.46
CA PRO G 86 -1.05 -36.01 -31.39
C PRO G 86 -1.60 -36.06 -29.96
N ALA G 87 -0.80 -36.60 -29.05
CA ALA G 87 -1.22 -36.70 -27.64
C ALA G 87 0.00 -36.97 -26.74
N ASP G 88 -0.12 -36.78 -25.42
CA ASP G 88 -1.35 -36.34 -24.74
C ASP G 88 -1.22 -34.96 -24.10
N GLY G 89 -0.08 -34.70 -23.47
CA GLY G 89 0.11 -33.42 -22.83
C GLY G 89 1.27 -33.40 -21.86
N LEU G 90 1.47 -32.25 -21.24
CA LEU G 90 2.54 -32.02 -20.30
C LEU G 90 1.93 -31.34 -19.09
N THR G 91 2.49 -31.56 -17.91
CA THR G 91 1.89 -30.95 -16.73
C THR G 91 2.72 -30.81 -15.48
N PHE G 92 2.50 -29.72 -14.75
CA PHE G 92 3.16 -29.46 -13.49
C PHE G 92 2.19 -30.03 -12.48
N PHE G 93 2.69 -30.59 -11.38
CA PHE G 93 1.77 -31.18 -10.42
C PHE G 93 2.33 -31.29 -9.02
N MET G 94 1.43 -31.40 -8.05
CA MET G 94 1.83 -31.53 -6.65
C MET G 94 1.03 -32.67 -6.06
N VAL G 95 1.72 -33.62 -5.45
CA VAL G 95 1.05 -34.75 -4.83
C VAL G 95 1.63 -34.93 -3.43
N PRO G 96 0.94 -35.68 -2.57
CA PRO G 96 1.49 -35.90 -1.22
C PRO G 96 2.66 -36.87 -1.35
N PRO G 97 3.54 -36.92 -0.34
CA PRO G 97 4.69 -37.83 -0.40
C PRO G 97 4.24 -39.28 -0.34
N ASN G 98 5.02 -40.16 -0.97
CA ASN G 98 4.70 -41.59 -1.00
C ASN G 98 3.27 -41.84 -1.48
N SER G 99 2.99 -41.36 -2.69
CA SER G 99 1.68 -41.49 -3.31
C SER G 99 1.86 -42.21 -4.65
N PRO G 100 0.86 -43.01 -5.04
CA PRO G 100 0.89 -43.78 -6.30
C PRO G 100 1.02 -42.92 -7.55
N GLN G 101 1.39 -43.57 -8.65
CA GLN G 101 1.52 -42.83 -9.87
C GLN G 101 0.21 -42.85 -10.65
N GLY G 102 0.01 -41.82 -11.46
CA GLY G 102 -1.21 -41.75 -12.25
C GLY G 102 -1.13 -42.61 -13.49
N GLU G 103 -2.24 -42.87 -14.18
CA GLU G 103 -2.15 -43.71 -15.40
C GLU G 103 -1.75 -42.91 -16.65
N ASP G 104 -1.15 -43.63 -17.59
CA ASP G 104 -0.63 -43.05 -18.83
C ASP G 104 -1.55 -42.17 -19.62
N GLY G 105 -1.08 -41.83 -20.81
CA GLY G 105 -1.86 -41.05 -21.75
C GLY G 105 -2.66 -39.91 -21.16
N GLY G 106 -3.96 -39.95 -21.40
CA GLY G 106 -4.87 -38.90 -20.93
C GLY G 106 -4.75 -38.38 -19.50
N ASN G 107 -4.40 -39.24 -18.55
CA ASN G 107 -4.29 -38.78 -17.18
C ASN G 107 -2.93 -38.13 -16.92
N LEU G 108 -2.17 -37.97 -18.01
CA LEU G 108 -0.87 -37.32 -17.96
C LEU G 108 0.06 -37.90 -16.91
N GLY G 109 -0.17 -39.15 -16.54
CA GLY G 109 0.67 -39.78 -15.55
C GLY G 109 0.54 -39.12 -14.20
N VAL G 110 -0.64 -38.59 -13.90
CA VAL G 110 -0.87 -37.94 -12.62
C VAL G 110 -2.09 -38.45 -11.90
N PHE G 111 -3.23 -38.50 -12.59
CA PHE G 111 -4.47 -38.96 -11.98
C PHE G 111 -4.87 -40.38 -12.37
N LYS G 112 -5.73 -40.99 -11.55
CA LYS G 112 -6.24 -42.34 -11.80
C LYS G 112 -7.77 -42.23 -11.78
N PRO G 113 -8.46 -43.12 -12.49
CA PRO G 113 -9.93 -43.13 -12.56
C PRO G 113 -10.70 -43.19 -11.25
N PRO G 114 -10.57 -44.28 -10.49
CA PRO G 114 -11.30 -44.33 -9.22
C PRO G 114 -10.86 -43.11 -8.42
N GLU G 115 -11.81 -42.38 -7.85
CA GLU G 115 -11.46 -41.19 -7.09
C GLU G 115 -10.54 -41.39 -5.89
N GLY G 116 -9.39 -42.01 -6.09
CA GLY G 116 -8.49 -42.25 -4.98
C GLY G 116 -7.32 -41.30 -4.81
N ASP G 117 -6.64 -40.95 -5.91
CA ASP G 117 -5.48 -40.06 -5.85
C ASP G 117 -5.85 -38.62 -5.47
N ASN G 118 -4.99 -38.02 -4.65
CA ASN G 118 -5.14 -36.64 -4.19
C ASN G 118 -4.04 -35.84 -4.86
N ALA G 119 -4.39 -34.98 -5.81
CA ALA G 119 -3.38 -34.21 -6.52
C ALA G 119 -3.89 -32.91 -7.15
N PHE G 120 -2.95 -32.05 -7.48
CA PHE G 120 -3.22 -30.78 -8.11
C PHE G 120 -2.25 -30.68 -9.29
N ALA G 121 -2.67 -30.04 -10.37
CA ALA G 121 -1.76 -29.93 -11.50
C ALA G 121 -2.22 -28.90 -12.48
N VAL G 122 -1.26 -28.23 -13.10
CA VAL G 122 -1.57 -27.25 -14.13
C VAL G 122 -1.18 -28.01 -15.38
N GLU G 123 -2.14 -28.22 -16.27
CA GLU G 123 -1.88 -29.00 -17.46
C GLU G 123 -1.87 -28.24 -18.77
N PHE G 124 -1.13 -28.79 -19.72
CA PHE G 124 -1.04 -28.24 -21.07
C PHE G 124 -1.43 -29.42 -21.93
N ASP G 125 -2.75 -29.64 -21.97
CA ASP G 125 -3.41 -30.72 -22.69
C ASP G 125 -3.32 -30.55 -24.19
N THR G 126 -2.75 -31.53 -24.91
CA THR G 126 -2.67 -31.43 -26.36
C THR G 126 -3.64 -32.35 -27.05
N PHE G 127 -4.37 -33.14 -26.27
CA PHE G 127 -5.34 -34.08 -26.84
C PHE G 127 -6.72 -34.02 -26.18
N GLN G 128 -7.75 -33.96 -27.01
CA GLN G 128 -9.11 -33.86 -26.52
C GLN G 128 -9.84 -35.17 -26.18
N ASN G 129 -9.80 -35.56 -24.91
CA ASN G 129 -10.49 -36.77 -24.50
C ASN G 129 -11.98 -36.45 -24.37
N THR G 130 -12.74 -37.36 -23.77
CA THR G 130 -14.17 -37.16 -23.62
C THR G 130 -14.54 -36.02 -22.65
N TRP G 131 -13.63 -35.72 -21.73
CA TRP G 131 -13.87 -34.66 -20.73
C TRP G 131 -13.20 -33.34 -21.07
N ASP G 132 -12.47 -33.29 -22.18
CA ASP G 132 -11.76 -32.08 -22.60
C ASP G 132 -12.50 -31.18 -23.58
N PRO G 133 -12.14 -29.89 -23.58
CA PRO G 133 -12.70 -28.87 -24.47
C PRO G 133 -11.70 -28.85 -25.64
N GLN G 134 -11.87 -27.96 -26.62
CA GLN G 134 -10.92 -27.97 -27.74
C GLN G 134 -9.48 -27.90 -27.23
N VAL G 135 -8.59 -28.48 -28.00
CA VAL G 135 -7.18 -28.47 -27.62
C VAL G 135 -6.34 -27.74 -28.65
N PRO G 136 -5.12 -27.35 -28.26
CA PRO G 136 -4.58 -27.59 -26.91
C PRO G 136 -5.13 -26.55 -25.95
N HIS G 137 -5.06 -26.85 -24.66
CA HIS G 137 -5.55 -25.90 -23.67
C HIS G 137 -4.74 -25.92 -22.37
N ILE G 138 -4.90 -24.86 -21.59
CA ILE G 138 -4.24 -24.80 -20.30
C ILE G 138 -5.32 -25.20 -19.34
N GLY G 139 -5.01 -26.03 -18.38
CA GLY G 139 -6.05 -26.43 -17.45
C GLY G 139 -5.57 -26.42 -16.03
N ILE G 140 -6.49 -26.13 -15.11
CA ILE G 140 -6.15 -26.12 -13.70
C ILE G 140 -6.84 -27.32 -13.10
N ASP G 141 -6.09 -28.38 -12.84
CA ASP G 141 -6.69 -29.59 -12.30
C ASP G 141 -6.59 -29.69 -10.81
N VAL G 142 -7.75 -29.66 -10.16
CA VAL G 142 -7.80 -29.75 -8.73
C VAL G 142 -8.44 -31.06 -8.33
N ASN G 143 -7.62 -32.09 -8.12
CA ASN G 143 -8.09 -33.42 -7.73
C ASN G 143 -8.91 -34.15 -8.79
N SER G 144 -8.66 -33.84 -10.06
CA SER G 144 -9.36 -34.48 -11.16
C SER G 144 -8.75 -34.05 -12.48
N ILE G 145 -8.80 -34.93 -13.47
CA ILE G 145 -8.25 -34.62 -14.78
C ILE G 145 -9.13 -33.56 -15.41
N VAL G 146 -10.35 -33.42 -14.89
CA VAL G 146 -11.32 -32.48 -15.43
C VAL G 146 -10.99 -31.13 -14.82
N SER G 147 -10.41 -30.26 -15.62
CA SER G 147 -10.00 -28.93 -15.16
C SER G 147 -11.16 -28.09 -14.67
N SER G 148 -10.94 -27.37 -13.58
CA SER G 148 -11.99 -26.51 -13.05
C SER G 148 -12.05 -25.22 -13.86
N LYS G 149 -10.98 -24.95 -14.61
CA LYS G 149 -10.93 -23.76 -15.46
C LYS G 149 -9.97 -24.10 -16.60
N THR G 150 -10.29 -23.70 -17.83
CA THR G 150 -9.41 -24.00 -18.97
C THR G 150 -9.28 -22.85 -19.94
N LEU G 151 -8.22 -22.87 -20.73
CA LEU G 151 -8.00 -21.82 -21.71
C LEU G 151 -7.34 -22.35 -22.97
N HIS G 152 -8.00 -22.15 -24.11
CA HIS G 152 -7.44 -22.61 -25.36
C HIS G 152 -6.30 -21.71 -25.80
N PHE G 153 -5.20 -22.33 -26.23
CA PHE G 153 -4.05 -21.57 -26.68
C PHE G 153 -3.47 -22.22 -27.92
N GLN G 154 -2.97 -21.40 -28.83
CA GLN G 154 -2.38 -21.89 -30.07
C GLN G 154 -0.93 -22.28 -29.80
N LEU G 155 -0.61 -23.57 -29.94
CA LEU G 155 0.75 -24.04 -29.69
C LEU G 155 1.66 -23.74 -30.85
N GLU G 156 2.88 -23.31 -30.53
CA GLU G 156 3.88 -23.04 -31.56
C GLU G 156 4.66 -24.33 -31.63
N ASN G 157 4.53 -25.05 -32.74
CA ASN G 157 5.21 -26.33 -32.90
C ASN G 157 6.72 -26.17 -32.87
N GLY G 158 7.36 -26.88 -31.95
CA GLY G 158 8.81 -26.81 -31.82
C GLY G 158 9.37 -25.50 -31.28
N GLY G 159 8.49 -24.64 -30.75
CA GLY G 159 8.95 -23.38 -30.19
C GLY G 159 9.13 -23.48 -28.67
N VAL G 160 9.88 -22.53 -28.11
CA VAL G 160 10.12 -22.53 -26.67
C VAL G 160 9.02 -21.77 -25.92
N ALA G 161 8.35 -22.48 -25.00
CA ALA G 161 7.29 -21.88 -24.22
C ALA G 161 7.81 -21.46 -22.85
N ASN G 162 7.29 -20.34 -22.34
CA ASN G 162 7.68 -19.83 -21.03
C ASN G 162 6.44 -19.85 -20.16
N VAL G 163 6.50 -20.63 -19.08
CA VAL G 163 5.37 -20.77 -18.20
C VAL G 163 5.62 -20.15 -16.84
N VAL G 164 4.56 -19.60 -16.25
CA VAL G 164 4.64 -19.01 -14.93
C VAL G 164 3.40 -19.45 -14.18
N ILE G 165 3.59 -20.04 -13.01
CA ILE G 165 2.45 -20.47 -12.22
C ILE G 165 2.66 -19.81 -10.87
N LYS G 166 1.81 -18.85 -10.54
CA LYS G 166 1.94 -18.09 -9.29
C LYS G 166 0.70 -18.30 -8.43
N TYR G 167 0.91 -18.61 -7.16
CA TYR G 167 -0.19 -18.80 -6.22
C TYR G 167 -0.02 -17.91 -4.98
N ASP G 168 -1.03 -17.08 -4.70
CA ASP G 168 -0.98 -16.17 -3.54
C ASP G 168 -1.85 -16.65 -2.36
N SER G 169 -1.21 -17.24 -1.34
CA SER G 169 -1.92 -17.74 -0.17
C SER G 169 -3.04 -16.83 0.35
N PRO G 170 -2.77 -15.53 0.55
CA PRO G 170 -3.79 -14.59 1.04
C PRO G 170 -5.05 -14.44 0.20
N THR G 171 -4.92 -14.41 -1.12
CA THR G 171 -6.11 -14.27 -1.97
C THR G 171 -6.55 -15.61 -2.57
N LYS G 172 -5.75 -16.64 -2.33
CA LYS G 172 -6.02 -17.99 -2.83
C LYS G 172 -6.19 -17.96 -4.34
N ILE G 173 -5.43 -17.09 -4.99
CA ILE G 173 -5.50 -16.93 -6.43
C ILE G 173 -4.40 -17.69 -7.16
N LEU G 174 -4.76 -18.70 -7.94
CA LEU G 174 -3.78 -19.45 -8.70
C LEU G 174 -3.78 -18.87 -10.12
N ASN G 175 -2.61 -18.50 -10.59
CA ASN G 175 -2.49 -17.91 -11.90
C ASN G 175 -1.50 -18.65 -12.77
N VAL G 176 -1.81 -18.72 -14.06
CA VAL G 176 -0.95 -19.40 -15.01
C VAL G 176 -0.73 -18.52 -16.22
N VAL G 177 0.53 -18.23 -16.52
CA VAL G 177 0.84 -17.42 -17.68
C VAL G 177 1.69 -18.26 -18.59
N LEU G 178 1.22 -18.39 -19.83
CA LEU G 178 1.94 -19.14 -20.85
C LEU G 178 2.27 -18.13 -21.91
N ALA G 179 3.53 -18.03 -22.27
CA ALA G 179 3.90 -17.08 -23.29
C ALA G 179 4.93 -17.66 -24.24
N PHE G 180 4.75 -17.38 -25.52
CA PHE G 180 5.67 -17.82 -26.55
C PHE G 180 6.29 -16.53 -27.01
N HIS G 181 7.49 -16.25 -26.52
CA HIS G 181 8.16 -15.01 -26.88
C HIS G 181 8.53 -14.86 -28.34
N SER G 182 9.09 -15.91 -28.93
CA SER G 182 9.51 -15.86 -30.32
C SER G 182 8.39 -15.45 -31.29
N VAL G 183 7.16 -15.35 -30.81
CA VAL G 183 6.03 -14.99 -31.66
C VAL G 183 5.20 -13.81 -31.14
N GLY G 184 5.34 -13.52 -29.85
CA GLY G 184 4.62 -12.40 -29.28
C GLY G 184 3.22 -12.74 -28.76
N THR G 185 3.06 -13.94 -28.22
CA THR G 185 1.77 -14.36 -27.69
C THR G 185 1.83 -14.61 -26.19
N VAL G 186 0.74 -14.24 -25.51
CA VAL G 186 0.65 -14.41 -24.07
C VAL G 186 -0.71 -14.95 -23.70
N TYR G 187 -0.71 -15.93 -22.82
CA TYR G 187 -1.96 -16.54 -22.39
C TYR G 187 -1.99 -16.48 -20.88
N THR G 188 -3.10 -16.01 -20.33
CA THR G 188 -3.24 -15.93 -18.88
C THR G 188 -4.55 -16.53 -18.40
N LEU G 189 -4.46 -17.48 -17.49
CA LEU G 189 -5.62 -18.15 -16.92
C LEU G 189 -5.47 -18.18 -15.42
N SER G 190 -6.52 -17.78 -14.70
CA SER G 190 -6.45 -17.78 -13.24
C SER G 190 -7.78 -18.16 -12.59
N ASN G 191 -7.70 -18.95 -11.53
CA ASN G 191 -8.88 -19.38 -10.81
C ASN G 191 -8.56 -19.48 -9.33
N ILE G 192 -9.57 -19.52 -8.48
CA ILE G 192 -9.37 -19.62 -7.04
C ILE G 192 -9.17 -21.05 -6.56
N VAL G 193 -8.14 -21.27 -5.76
CA VAL G 193 -7.83 -22.59 -5.25
C VAL G 193 -7.43 -22.55 -3.79
N ASP G 194 -8.10 -23.31 -2.95
CA ASP G 194 -7.79 -23.31 -1.52
C ASP G 194 -6.83 -24.44 -1.14
N LEU G 195 -5.54 -24.27 -1.43
CA LEU G 195 -4.55 -25.29 -1.11
C LEU G 195 -4.70 -26.07 0.20
N LYS G 196 -4.91 -25.33 1.29
CA LYS G 196 -5.05 -25.88 2.64
C LYS G 196 -6.27 -26.83 2.82
N GLN G 197 -7.31 -26.59 2.02
CA GLN G 197 -8.52 -27.39 1.99
C GLN G 197 -8.45 -28.55 0.99
N GLU G 198 -7.59 -28.41 -0.02
CA GLU G 198 -7.45 -29.43 -1.06
C GLU G 198 -6.34 -30.48 -0.83
N PHE G 199 -5.54 -30.30 0.21
CA PHE G 199 -4.46 -31.24 0.55
C PHE G 199 -4.45 -31.38 2.07
N PRO G 200 -5.60 -31.70 2.67
CA PRO G 200 -5.75 -31.85 4.12
C PRO G 200 -5.06 -33.03 4.78
N ASN G 201 -4.43 -33.90 4.01
CA ASN G 201 -3.79 -35.04 4.63
C ASN G 201 -2.28 -34.92 4.75
N SER G 202 -1.71 -33.93 4.07
CA SER G 202 -0.26 -33.72 4.13
C SER G 202 0.10 -32.26 4.02
N GLU G 203 0.79 -31.74 5.04
CA GLU G 203 1.23 -30.34 5.06
C GLU G 203 2.36 -30.24 4.04
N TRP G 204 2.83 -31.41 3.60
CA TRP G 204 3.92 -31.51 2.65
C TRP G 204 3.45 -32.12 1.32
N VAL G 205 4.09 -31.70 0.24
CA VAL G 205 3.76 -32.22 -1.09
C VAL G 205 5.01 -32.31 -1.96
N ASN G 206 5.03 -33.26 -2.88
CA ASN G 206 6.15 -33.39 -3.80
C ASN G 206 5.79 -32.56 -5.02
N VAL G 207 6.77 -31.88 -5.58
CA VAL G 207 6.52 -31.06 -6.74
C VAL G 207 7.20 -31.65 -7.95
N GLY G 208 6.55 -31.64 -9.11
CA GLY G 208 7.20 -32.20 -10.27
C GLY G 208 6.55 -31.92 -11.60
N LEU G 209 7.24 -32.30 -12.67
CA LEU G 209 6.73 -32.12 -14.02
C LEU G 209 6.44 -33.51 -14.58
N SER G 210 5.52 -33.58 -15.53
CA SER G 210 5.15 -34.85 -16.13
C SER G 210 4.58 -34.71 -17.54
N ALA G 211 4.74 -35.74 -18.34
CA ALA G 211 4.23 -35.72 -19.71
C ALA G 211 3.90 -37.14 -20.16
N THR G 212 3.15 -37.27 -21.24
CA THR G 212 2.77 -38.59 -21.77
C THR G 212 2.44 -38.53 -23.27
N THR G 213 2.70 -39.63 -23.99
CA THR G 213 2.38 -39.69 -25.42
C THR G 213 1.21 -40.65 -25.63
N GLY G 214 0.56 -40.54 -26.80
CA GLY G 214 -0.61 -41.35 -27.13
C GLY G 214 -0.71 -42.83 -26.84
N TYR G 215 -1.91 -43.37 -27.06
CA TYR G 215 -2.22 -44.79 -26.87
C TYR G 215 -2.14 -45.56 -28.17
N GLN G 216 -2.07 -44.83 -29.28
CA GLN G 216 -2.01 -45.40 -30.62
C GLN G 216 -0.71 -44.97 -31.33
N LYS G 217 -0.21 -45.79 -32.24
CA LYS G 217 1.03 -45.45 -32.94
C LYS G 217 0.98 -44.10 -33.62
N ASN G 218 2.06 -43.32 -33.46
CA ASN G 218 2.19 -41.98 -34.03
C ASN G 218 1.37 -40.88 -33.35
N ALA G 219 0.63 -41.24 -32.32
CA ALA G 219 -0.14 -40.24 -31.58
C ALA G 219 0.86 -39.86 -30.50
N VAL G 220 1.99 -39.31 -30.94
CA VAL G 220 3.08 -38.93 -30.03
C VAL G 220 3.66 -37.56 -30.35
N GLU G 221 4.33 -36.98 -29.34
CA GLU G 221 4.98 -35.67 -29.46
C GLU G 221 6.14 -35.63 -28.47
N THR G 222 7.02 -34.66 -28.67
CA THR G 222 8.17 -34.52 -27.78
C THR G 222 7.79 -33.67 -26.59
N HIS G 223 8.36 -34.00 -25.44
CA HIS G 223 8.10 -33.25 -24.22
C HIS G 223 9.42 -32.96 -23.52
N GLU G 224 10.00 -31.83 -23.86
CA GLU G 224 11.28 -31.40 -23.30
C GLU G 224 11.16 -30.18 -22.40
N ILE G 225 11.81 -30.25 -21.24
CA ILE G 225 11.81 -29.15 -20.31
C ILE G 225 13.22 -28.56 -20.40
N ILE G 226 13.31 -27.27 -20.63
CA ILE G 226 14.61 -26.62 -20.75
C ILE G 226 15.16 -26.05 -19.46
N SER G 227 14.28 -25.45 -18.64
CA SER G 227 14.67 -24.85 -17.37
C SER G 227 13.51 -24.98 -16.39
N TRP G 228 13.75 -24.75 -15.11
CA TRP G 228 12.66 -24.87 -14.14
C TRP G 228 12.99 -24.41 -12.73
N SER G 229 12.46 -23.25 -12.33
CA SER G 229 12.70 -22.73 -10.99
C SER G 229 11.43 -22.76 -10.15
N PHE G 230 11.59 -22.86 -8.84
CA PHE G 230 10.44 -22.91 -7.94
C PHE G 230 10.79 -22.15 -6.68
N THR G 231 9.78 -21.76 -5.92
CA THR G 231 9.98 -21.05 -4.67
C THR G 231 8.70 -20.83 -3.88
N SER G 232 8.62 -21.49 -2.74
CA SER G 232 7.48 -21.35 -1.85
C SER G 232 7.93 -20.36 -0.79
N SER G 233 6.99 -19.78 -0.05
CA SER G 233 7.28 -18.77 0.99
C SER G 233 6.18 -18.84 2.05
N LEU G 234 6.40 -19.65 3.07
CA LEU G 234 5.41 -19.84 4.11
C LEU G 234 5.66 -18.96 5.32
N GLN G 235 4.79 -17.98 5.52
CA GLN G 235 4.93 -17.05 6.65
C GLN G 235 4.47 -17.62 7.99
N GLU G 236 4.89 -16.96 9.08
CA GLU G 236 4.53 -17.40 10.43
C GLU G 236 5.61 -18.11 11.23
N GLU H 1 -24.65 -9.07 -23.94
CA GLU H 1 -24.03 -8.01 -24.80
C GLU H 1 -22.52 -8.13 -24.96
N THR H 2 -21.90 -7.14 -25.60
CA THR H 2 -20.46 -7.09 -25.84
C THR H 2 -20.02 -5.78 -26.50
N GLN H 3 -18.94 -5.20 -25.99
CA GLN H 3 -18.39 -3.95 -26.53
C GLN H 3 -16.92 -4.20 -26.81
N SER H 4 -16.46 -3.84 -28.01
CA SER H 4 -15.06 -4.04 -28.37
C SER H 4 -14.51 -2.90 -29.18
N PHE H 5 -13.18 -2.88 -29.27
CA PHE H 5 -12.49 -1.89 -30.07
C PHE H 5 -11.05 -2.32 -30.19
N ASN H 6 -10.47 -2.07 -31.37
CA ASN H 6 -9.09 -2.48 -31.62
C ASN H 6 -8.34 -1.46 -32.48
N PHE H 7 -7.12 -1.15 -32.05
CA PHE H 7 -6.25 -0.21 -32.75
C PHE H 7 -4.91 -0.88 -33.04
N ASP H 8 -4.72 -1.37 -34.27
CA ASP H 8 -3.46 -2.01 -34.64
C ASP H 8 -2.42 -0.90 -34.90
N HIS H 9 -2.93 0.25 -35.33
CA HIS H 9 -2.13 1.44 -35.62
C HIS H 9 -3.04 2.64 -35.38
N PHE H 10 -2.51 3.70 -34.75
CA PHE H 10 -3.34 4.89 -34.47
C PHE H 10 -3.42 5.86 -35.64
N GLU H 11 -4.62 6.03 -36.18
CA GLU H 11 -4.82 6.94 -37.31
C GLU H 11 -5.16 8.32 -36.75
N GLU H 12 -4.62 9.37 -37.39
CA GLU H 12 -4.87 10.74 -36.95
C GLU H 12 -6.33 11.12 -37.15
N ASN H 13 -6.87 11.90 -36.20
CA ASN H 13 -8.26 12.35 -36.25
C ASN H 13 -9.33 11.24 -36.27
N SER H 14 -9.11 10.16 -35.52
CA SER H 14 -10.07 9.07 -35.46
C SER H 14 -11.25 9.56 -34.62
N LYS H 15 -12.45 9.15 -34.97
CA LYS H 15 -13.64 9.58 -34.23
C LYS H 15 -13.91 8.66 -33.04
N GLU H 16 -12.93 7.79 -32.77
CA GLU H 16 -13.00 6.87 -31.66
C GLU H 16 -12.23 7.41 -30.46
N LEU H 17 -10.89 7.45 -30.55
CA LEU H 17 -10.08 7.98 -29.45
C LEU H 17 -10.38 9.48 -29.24
N ASN H 18 -10.49 9.88 -27.98
CA ASN H 18 -10.77 11.26 -27.61
C ASN H 18 -9.54 11.73 -26.83
N LEU H 19 -8.66 12.48 -27.47
CA LEU H 19 -7.41 12.90 -26.82
C LEU H 19 -7.52 14.13 -25.91
N GLN H 20 -6.69 14.17 -24.86
CA GLN H 20 -6.68 15.29 -23.89
C GLN H 20 -5.25 15.77 -23.58
N ARG H 21 -5.11 17.06 -23.34
CA ARG H 21 -3.82 17.67 -23.03
C ARG H 21 -2.68 17.26 -23.97
N GLN H 22 -1.45 17.29 -23.46
CA GLN H 22 -0.24 16.94 -24.24
C GLN H 22 -0.34 15.73 -25.19
N ALA H 23 -1.34 14.87 -25.00
CA ALA H 23 -1.50 13.67 -25.83
C ALA H 23 -1.86 13.98 -27.28
N SER H 24 -1.03 13.49 -28.20
CA SER H 24 -1.23 13.69 -29.64
C SER H 24 -0.94 12.39 -30.36
N ILE H 25 -1.06 12.40 -31.69
CA ILE H 25 -0.76 11.19 -32.47
C ILE H 25 0.32 11.44 -33.51
N LYS H 26 1.49 10.82 -33.33
CA LYS H 26 2.59 10.98 -34.29
C LYS H 26 2.18 10.41 -35.66
N SER H 27 2.91 10.79 -36.70
CA SER H 27 2.65 10.37 -38.07
C SER H 27 2.96 8.89 -38.29
N ASN H 28 3.85 8.32 -37.48
CA ASN H 28 4.17 6.92 -37.67
C ASN H 28 2.96 6.00 -37.40
N GLY H 29 1.92 6.55 -36.74
CA GLY H 29 0.77 5.72 -36.40
C GLY H 29 0.87 5.26 -34.95
N VAL H 30 1.48 6.11 -34.13
CA VAL H 30 1.69 5.86 -32.71
C VAL H 30 1.04 6.93 -31.86
N LEU H 31 0.53 6.54 -30.70
CA LEU H 31 -0.10 7.49 -29.79
C LEU H 31 0.96 7.95 -28.80
N GLU H 32 1.27 9.23 -28.82
CA GLU H 32 2.27 9.78 -27.92
C GLU H 32 1.55 10.49 -26.77
N LEU H 33 1.55 9.87 -25.60
CA LEU H 33 0.87 10.44 -24.46
C LEU H 33 1.51 11.69 -23.86
N THR H 34 2.83 11.76 -23.80
CA THR H 34 3.47 12.96 -23.23
C THR H 34 4.66 13.44 -24.05
N LYS H 35 4.66 14.75 -24.35
CA LYS H 35 5.72 15.37 -25.13
C LYS H 35 6.99 15.59 -24.32
N LEU H 36 8.12 15.33 -24.96
CA LEU H 36 9.44 15.42 -24.34
C LEU H 36 10.06 16.77 -24.65
N THR H 37 9.58 17.39 -25.74
CA THR H 37 10.04 18.69 -26.23
C THR H 37 8.92 19.37 -27.01
N LYS H 38 8.63 20.61 -26.60
CA LYS H 38 7.60 21.46 -27.19
C LYS H 38 8.21 22.68 -27.92
N ASN H 39 8.09 22.70 -29.25
CA ASN H 39 8.63 23.80 -30.04
C ASN H 39 10.15 23.83 -30.19
N GLY H 40 10.78 22.67 -30.05
CA GLY H 40 12.23 22.62 -30.16
C GLY H 40 12.97 22.66 -28.83
N VAL H 41 12.32 23.24 -27.82
CA VAL H 41 12.89 23.35 -26.46
C VAL H 41 12.34 22.26 -25.54
N PRO H 42 13.21 21.64 -24.71
CA PRO H 42 12.80 20.58 -23.78
C PRO H 42 11.83 21.00 -22.66
N VAL H 43 10.85 20.14 -22.35
CA VAL H 43 9.86 20.42 -21.31
C VAL H 43 9.62 19.29 -20.30
N TRP H 44 8.87 19.62 -19.25
CA TRP H 44 8.52 18.70 -18.18
C TRP H 44 7.09 18.97 -17.70
N LYS H 45 6.69 18.32 -16.60
CA LYS H 45 5.34 18.46 -16.07
C LYS H 45 4.34 18.30 -17.22
N SER H 46 4.59 17.28 -18.04
CA SER H 46 3.72 16.97 -19.18
C SER H 46 2.70 15.92 -18.77
N THR H 47 1.48 16.05 -19.28
CA THR H 47 0.42 15.12 -18.94
C THR H 47 -0.44 14.81 -20.17
N GLY H 48 -0.61 13.52 -20.47
CA GLY H 48 -1.41 13.16 -21.63
C GLY H 48 -2.35 12.03 -21.34
N ARG H 49 -3.61 12.20 -21.73
CA ARG H 49 -4.63 11.17 -21.53
C ARG H 49 -5.30 10.90 -22.87
N ALA H 50 -5.81 9.68 -23.05
CA ALA H 50 -6.49 9.30 -24.29
C ALA H 50 -7.62 8.35 -23.93
N LEU H 51 -8.85 8.75 -24.18
CA LEU H 51 -9.98 7.90 -23.86
C LEU H 51 -10.64 7.31 -25.09
N TYR H 52 -11.58 6.40 -24.86
CA TYR H 52 -12.29 5.78 -25.95
C TYR H 52 -13.65 6.46 -25.90
N ALA H 53 -14.03 7.06 -27.03
CA ALA H 53 -15.28 7.79 -27.19
C ALA H 53 -16.55 7.26 -26.51
N GLU H 54 -16.84 5.98 -26.69
CA GLU H 54 -18.04 5.41 -26.09
C GLU H 54 -17.82 4.86 -24.68
N PRO H 55 -18.80 5.09 -23.79
CA PRO H 55 -18.71 4.62 -22.41
C PRO H 55 -18.92 3.12 -22.40
N ILE H 56 -18.09 2.42 -21.63
CA ILE H 56 -18.18 0.98 -21.50
C ILE H 56 -19.05 0.64 -20.27
N LYS H 57 -20.04 -0.21 -20.44
CA LYS H 57 -20.90 -0.59 -19.33
C LYS H 57 -20.20 -1.70 -18.52
N ILE H 58 -20.00 -1.48 -17.21
CA ILE H 58 -19.35 -2.48 -16.36
C ILE H 58 -20.28 -3.32 -15.51
N TRP H 59 -21.48 -2.83 -15.23
CA TRP H 59 -22.44 -3.63 -14.46
C TRP H 59 -23.88 -3.16 -14.69
N ASP H 60 -24.83 -4.08 -14.53
CA ASP H 60 -26.24 -3.78 -14.75
C ASP H 60 -27.02 -3.68 -13.44
N SER H 61 -27.71 -2.55 -13.29
CA SER H 61 -28.51 -2.22 -12.11
C SER H 61 -29.75 -3.10 -11.88
N THR H 62 -30.31 -3.64 -12.96
CA THR H 62 -31.50 -4.48 -12.87
C THR H 62 -31.15 -5.95 -12.79
N THR H 63 -30.15 -6.38 -13.56
CA THR H 63 -29.74 -7.78 -13.54
C THR H 63 -28.98 -8.10 -12.24
N GLY H 64 -27.97 -7.28 -11.92
CA GLY H 64 -27.18 -7.50 -10.74
C GLY H 64 -25.86 -8.17 -11.10
N ASN H 65 -25.52 -8.08 -12.38
CA ASN H 65 -24.31 -8.68 -12.91
C ASN H 65 -23.22 -7.67 -13.23
N VAL H 66 -21.96 -8.13 -13.13
CA VAL H 66 -20.76 -7.34 -13.38
C VAL H 66 -20.10 -7.85 -14.66
N ALA H 67 -19.56 -6.94 -15.46
CA ALA H 67 -18.90 -7.29 -16.71
C ALA H 67 -17.55 -7.93 -16.45
N SER H 68 -17.02 -8.58 -17.47
CA SER H 68 -15.69 -9.18 -17.37
C SER H 68 -15.05 -8.63 -18.63
N PHE H 69 -13.86 -8.06 -18.50
CA PHE H 69 -13.22 -7.45 -19.65
C PHE H 69 -11.77 -7.84 -19.71
N GLU H 70 -11.18 -7.61 -20.88
CA GLU H 70 -9.79 -7.91 -21.10
C GLU H 70 -9.28 -6.85 -22.04
N THR H 71 -8.14 -6.26 -21.72
CA THR H 71 -7.58 -5.25 -22.59
C THR H 71 -6.08 -5.48 -22.71
N ARG H 72 -5.57 -5.26 -23.92
CA ARG H 72 -4.15 -5.45 -24.20
C ARG H 72 -3.63 -4.20 -24.89
N PHE H 73 -2.34 -3.92 -24.71
CA PHE H 73 -1.72 -2.78 -25.37
C PHE H 73 -0.22 -2.88 -25.25
N SER H 74 0.48 -2.30 -26.21
CA SER H 74 1.94 -2.30 -26.24
C SER H 74 2.38 -0.87 -25.99
N PHE H 75 3.42 -0.70 -25.19
CA PHE H 75 3.90 0.64 -24.92
C PHE H 75 5.41 0.66 -24.96
N ASN H 76 5.96 1.84 -25.17
CA ASN H 76 7.39 1.99 -25.24
C ASN H 76 7.81 3.18 -24.40
N ILE H 77 8.59 2.90 -23.37
CA ILE H 77 9.07 3.92 -22.47
C ILE H 77 10.58 4.01 -22.59
N THR H 78 11.07 5.19 -22.96
CA THR H 78 12.49 5.41 -23.07
C THR H 78 12.88 6.51 -22.09
N GLN H 79 13.87 6.20 -21.26
CA GLN H 79 14.37 7.13 -20.25
C GLN H 79 15.79 7.53 -20.70
N PRO H 80 15.92 8.72 -21.32
CA PRO H 80 17.18 9.26 -21.83
C PRO H 80 18.31 9.50 -20.83
N TYR H 81 18.00 10.15 -19.72
CA TYR H 81 19.02 10.47 -18.73
C TYR H 81 19.00 9.60 -17.46
N ALA H 82 20.08 9.70 -16.68
CA ALA H 82 20.24 8.94 -15.43
C ALA H 82 20.07 9.84 -14.20
N TYR H 83 20.31 11.13 -14.40
CA TYR H 83 20.19 12.15 -13.34
C TYR H 83 19.70 13.44 -14.01
N PRO H 84 18.66 14.09 -13.51
CA PRO H 84 17.85 13.76 -12.34
C PRO H 84 17.10 12.48 -12.69
N GLU H 85 16.66 11.74 -11.69
CA GLU H 85 15.91 10.52 -11.93
C GLU H 85 14.71 10.79 -12.85
N PRO H 86 14.23 9.75 -13.53
CA PRO H 86 13.07 9.87 -14.44
C PRO H 86 11.70 9.75 -13.77
N ALA H 87 10.68 10.28 -14.42
CA ALA H 87 9.32 10.24 -13.89
C ALA H 87 8.30 10.55 -14.98
N ASP H 88 7.00 10.24 -14.78
CA ASP H 88 6.47 9.62 -13.56
C ASP H 88 5.93 8.21 -13.78
N GLY H 89 5.23 8.02 -14.89
CA GLY H 89 4.67 6.72 -15.17
C GLY H 89 3.59 6.74 -16.24
N LEU H 90 3.05 5.56 -16.51
CA LEU H 90 2.03 5.38 -17.53
C LEU H 90 0.93 4.54 -16.88
N THR H 91 -0.32 4.72 -17.32
CA THR H 91 -1.38 3.95 -16.70
C THR H 91 -2.70 3.81 -17.45
N PHE H 92 -3.31 2.63 -17.28
CA PHE H 92 -4.61 2.34 -17.87
C PHE H 92 -5.56 2.71 -16.75
N PHE H 93 -6.74 3.23 -17.09
CA PHE H 93 -7.66 3.64 -16.04
C PHE H 93 -9.12 3.69 -16.46
N MET H 94 -10.01 3.63 -15.48
CA MET H 94 -11.43 3.69 -15.74
C MET H 94 -12.03 4.68 -14.78
N VAL H 95 -12.75 5.65 -15.30
CA VAL H 95 -13.40 6.64 -14.47
C VAL H 95 -14.85 6.78 -14.90
N PRO H 96 -15.71 7.38 -14.06
CA PRO H 96 -17.10 7.53 -14.47
C PRO H 96 -17.16 8.63 -15.54
N PRO H 97 -18.25 8.68 -16.32
CA PRO H 97 -18.36 9.71 -17.36
C PRO H 97 -18.48 11.10 -16.75
N ASN H 98 -18.00 12.11 -17.47
CA ASN H 98 -18.04 13.50 -17.00
C ASN H 98 -17.44 13.62 -15.59
N SER H 99 -16.18 13.23 -15.48
CA SER H 99 -15.47 13.31 -14.22
C SER H 99 -14.25 14.19 -14.43
N PRO H 100 -13.77 14.82 -13.36
CA PRO H 100 -12.60 15.69 -13.41
C PRO H 100 -11.29 14.98 -13.75
N GLN H 101 -10.29 15.75 -14.17
CA GLN H 101 -8.98 15.19 -14.52
C GLN H 101 -8.10 15.12 -13.27
N GLY H 102 -7.24 14.10 -13.20
CA GLY H 102 -6.35 13.95 -12.06
C GLY H 102 -5.18 14.92 -12.14
N GLU H 103 -4.44 15.09 -11.05
CA GLU H 103 -3.29 15.99 -11.05
C GLU H 103 -2.16 15.39 -11.86
N ASP H 104 -1.19 16.23 -12.23
CA ASP H 104 -0.04 15.81 -13.04
C ASP H 104 0.97 14.96 -12.27
N GLY H 105 2.13 14.76 -12.89
CA GLY H 105 3.20 13.99 -12.28
C GLY H 105 2.78 12.72 -11.56
N GLY H 106 3.13 12.64 -10.28
CA GLY H 106 2.82 11.47 -9.47
C GLY H 106 1.44 10.85 -9.52
N ASN H 107 0.40 11.66 -9.70
CA ASN H 107 -0.94 11.10 -9.75
C ASN H 107 -1.27 10.57 -11.13
N LEU H 108 -0.25 10.59 -12.00
CA LEU H 108 -0.38 10.07 -13.35
C LEU H 108 -1.54 10.66 -14.12
N GLY H 109 -1.97 11.85 -13.73
CA GLY H 109 -3.09 12.48 -14.41
C GLY H 109 -4.38 11.70 -14.24
N VAL H 110 -4.52 11.02 -13.10
CA VAL H 110 -5.72 10.24 -12.85
C VAL H 110 -6.38 10.56 -11.52
N PHE H 111 -5.58 10.55 -10.45
CA PHE H 111 -6.11 10.82 -9.12
C PHE H 111 -5.80 12.22 -8.59
N LYS H 112 -6.57 12.67 -7.60
CA LYS H 112 -6.38 13.97 -6.97
C LYS H 112 -6.25 13.70 -5.47
N PRO H 113 -5.54 14.57 -4.74
CA PRO H 113 -5.33 14.43 -3.29
C PRO H 113 -6.57 14.30 -2.41
N PRO H 114 -7.41 15.32 -2.35
CA PRO H 114 -8.61 15.19 -1.52
C PRO H 114 -9.36 13.97 -2.02
N GLU H 115 -9.79 13.10 -1.12
CA GLU H 115 -10.50 11.90 -1.54
C GLU H 115 -11.79 12.09 -2.32
N GLY H 116 -11.73 12.84 -3.42
CA GLY H 116 -12.93 13.09 -4.19
C GLY H 116 -13.14 12.25 -5.44
N ASP H 117 -12.09 12.07 -6.24
CA ASP H 117 -12.18 11.31 -7.48
C ASP H 117 -12.42 9.81 -7.25
N ASN H 118 -13.27 9.23 -8.11
CA ASN H 118 -13.60 7.81 -8.06
C ASN H 118 -12.99 7.20 -9.32
N ALA H 119 -11.94 6.38 -9.13
CA ALA H 119 -11.28 5.78 -10.27
C ALA H 119 -10.52 4.50 -9.97
N PHE H 120 -10.21 3.77 -11.03
CA PHE H 120 -9.47 2.53 -10.96
C PHE H 120 -8.38 2.62 -12.02
N ALA H 121 -7.22 2.04 -11.77
CA ALA H 121 -6.17 2.12 -12.77
C ALA H 121 -5.08 1.14 -12.52
N VAL H 122 -4.49 0.63 -13.58
CA VAL H 122 -3.37 -0.29 -13.47
C VAL H 122 -2.22 0.60 -13.88
N GLU H 123 -1.28 0.79 -12.97
CA GLU H 123 -0.17 1.69 -13.25
C GLU H 123 1.18 1.04 -13.45
N PHE H 124 2.02 1.74 -14.22
CA PHE H 124 3.39 1.32 -14.46
C PHE H 124 4.21 2.51 -14.01
N ASP H 125 4.34 2.60 -12.70
CA ASP H 125 5.03 3.66 -11.98
C ASP H 125 6.54 3.62 -12.21
N THR H 126 7.12 4.71 -12.72
CA THR H 126 8.58 4.74 -12.93
C THR H 126 9.28 5.61 -11.92
N PHE H 127 8.50 6.25 -11.05
CA PHE H 127 9.09 7.12 -10.04
C PHE H 127 8.56 6.87 -8.62
N GLN H 128 9.48 6.77 -7.67
CA GLN H 128 9.13 6.49 -6.29
C GLN H 128 8.76 7.68 -5.40
N ASN H 129 7.47 7.97 -5.28
CA ASN H 129 7.03 9.06 -4.43
C ASN H 129 7.06 8.57 -2.99
N THR H 130 6.47 9.36 -2.09
CA THR H 130 6.47 8.98 -0.67
C THR H 130 5.62 7.75 -0.36
N TRP H 131 4.65 7.45 -1.21
CA TRP H 131 3.75 6.31 -1.01
C TRP H 131 4.13 5.08 -1.86
N ASP H 132 5.18 5.21 -2.67
CA ASP H 132 5.61 4.13 -3.54
C ASP H 132 6.71 3.23 -2.99
N PRO H 133 6.79 1.99 -3.49
CA PRO H 133 7.79 0.99 -3.12
C PRO H 133 8.86 1.18 -4.21
N GLN H 134 9.90 0.35 -4.23
CA GLN H 134 10.95 0.54 -5.25
C GLN H 134 10.31 0.61 -6.62
N VAL H 135 10.96 1.33 -7.54
CA VAL H 135 10.44 1.44 -8.90
C VAL H 135 11.43 0.89 -9.91
N PRO H 136 10.97 0.60 -11.12
CA PRO H 136 9.58 0.79 -11.52
C PRO H 136 8.74 -0.38 -11.01
N HIS H 137 7.43 -0.19 -10.95
CA HIS H 137 6.56 -1.26 -10.49
C HIS H 137 5.19 -1.27 -11.16
N ILE H 138 4.50 -2.39 -11.06
CA ILE H 138 3.18 -2.50 -11.62
C ILE H 138 2.29 -2.30 -10.41
N GLY H 139 1.24 -1.51 -10.56
CA GLY H 139 0.39 -1.30 -9.41
C GLY H 139 -1.07 -1.37 -9.76
N ILE H 140 -1.87 -1.84 -8.81
CA ILE H 140 -3.31 -1.92 -9.04
C ILE H 140 -3.92 -0.87 -8.17
N ASP H 141 -4.32 0.24 -8.77
CA ASP H 141 -4.89 1.33 -8.00
C ASP H 141 -6.40 1.32 -7.97
N VAL H 142 -6.93 1.11 -6.77
CA VAL H 142 -8.36 1.08 -6.59
C VAL H 142 -8.79 2.29 -5.76
N ASN H 143 -9.15 3.36 -6.46
CA ASN H 143 -9.59 4.60 -5.80
C ASN H 143 -8.52 5.34 -5.00
N SER H 144 -7.26 5.16 -5.39
CA SER H 144 -6.14 5.80 -4.72
C SER H 144 -4.86 5.55 -5.47
N ILE H 145 -3.94 6.51 -5.42
CA ILE H 145 -2.66 6.35 -6.11
C ILE H 145 -1.82 5.33 -5.33
N VAL H 146 -2.28 4.96 -4.15
CA VAL H 146 -1.58 3.97 -3.34
C VAL H 146 -2.12 2.62 -3.78
N SER H 147 -1.30 1.88 -4.51
CA SER H 147 -1.70 0.57 -5.03
C SER H 147 -2.03 -0.43 -3.94
N SER H 148 -3.08 -1.21 -4.15
CA SER H 148 -3.45 -2.21 -3.17
C SER H 148 -2.55 -3.42 -3.31
N LYS H 149 -1.88 -3.53 -4.46
CA LYS H 149 -0.94 -4.62 -4.72
C LYS H 149 0.07 -4.10 -5.73
N THR H 150 1.35 -4.43 -5.55
CA THR H 150 2.37 -3.94 -6.48
C THR H 150 3.42 -4.98 -6.81
N LEU H 151 4.10 -4.78 -7.93
CA LEU H 151 5.14 -5.72 -8.35
C LEU H 151 6.29 -5.02 -9.05
N HIS H 152 7.48 -5.19 -8.52
CA HIS H 152 8.66 -4.57 -9.11
C HIS H 152 9.05 -5.31 -10.38
N PHE H 153 9.33 -4.55 -11.43
CA PHE H 153 9.72 -5.13 -12.70
C PHE H 153 10.86 -4.34 -13.29
N GLN H 154 11.77 -5.03 -13.98
CA GLN H 154 12.94 -4.41 -14.60
C GLN H 154 12.55 -3.87 -15.99
N LEU H 155 12.50 -2.55 -16.14
CA LEU H 155 12.10 -1.94 -17.41
C LEU H 155 13.19 -2.06 -18.46
N GLU H 156 12.79 -2.37 -19.69
CA GLU H 156 13.74 -2.45 -20.78
C GLU H 156 13.64 -1.09 -21.42
N ASN H 157 14.69 -0.29 -21.28
CA ASN H 157 14.67 1.05 -21.83
C ASN H 157 14.51 1.00 -23.35
N GLY H 158 13.54 1.76 -23.84
CA GLY H 158 13.28 1.83 -25.27
C GLY H 158 12.78 0.55 -25.92
N GLY H 159 12.40 -0.44 -25.11
CA GLY H 159 11.89 -1.70 -25.65
C GLY H 159 10.37 -1.71 -25.69
N VAL H 160 9.80 -2.61 -26.50
CA VAL H 160 8.35 -2.70 -26.61
C VAL H 160 7.77 -3.63 -25.55
N ALA H 161 6.86 -3.08 -24.75
CA ALA H 161 6.23 -3.84 -23.68
C ALA H 161 4.85 -4.32 -24.13
N ASN H 162 4.48 -5.52 -23.71
CA ASN H 162 3.17 -6.11 -24.04
C ASN H 162 2.42 -6.28 -22.74
N VAL H 163 1.29 -5.59 -22.63
CA VAL H 163 0.50 -5.65 -21.41
C VAL H 163 -0.82 -6.35 -21.61
N VAL H 164 -1.26 -7.06 -20.59
CA VAL H 164 -2.54 -7.74 -20.62
C VAL H 164 -3.20 -7.50 -19.28
N ILE H 165 -4.43 -6.99 -19.30
CA ILE H 165 -5.15 -6.75 -18.07
C ILE H 165 -6.46 -7.49 -18.23
N LYS H 166 -6.63 -8.56 -17.47
CA LYS H 166 -7.83 -9.39 -17.57
C LYS H 166 -8.60 -9.40 -16.27
N TYR H 167 -9.90 -9.18 -16.33
CA TYR H 167 -10.75 -9.18 -15.14
C TYR H 167 -11.92 -10.15 -15.31
N ASP H 168 -12.05 -11.10 -14.38
CA ASP H 168 -13.14 -12.09 -14.43
C ASP H 168 -14.27 -11.81 -13.43
N SER H 169 -15.38 -11.25 -13.91
CA SER H 169 -16.52 -10.92 -13.05
C SER H 169 -16.86 -11.98 -11.99
N PRO H 170 -16.99 -13.25 -12.39
CA PRO H 170 -17.32 -14.32 -11.45
C PRO H 170 -16.36 -14.54 -10.28
N THR H 171 -15.05 -14.46 -10.52
CA THR H 171 -14.09 -14.64 -9.45
C THR H 171 -13.56 -13.32 -8.91
N LYS H 172 -13.94 -12.22 -9.57
CA LYS H 172 -13.52 -10.88 -9.18
C LYS H 172 -12.00 -10.80 -9.14
N ILE H 173 -11.36 -11.53 -10.03
CA ILE H 173 -9.91 -11.57 -10.11
C ILE H 173 -9.34 -10.65 -11.18
N LEU H 174 -8.61 -9.62 -10.76
CA LEU H 174 -7.98 -8.71 -11.71
C LEU H 174 -6.55 -9.17 -11.89
N ASN H 175 -6.17 -9.37 -13.14
CA ASN H 175 -4.84 -9.84 -13.43
C ASN H 175 -4.10 -8.93 -14.40
N VAL H 176 -2.80 -8.78 -14.19
CA VAL H 176 -1.99 -7.94 -15.05
C VAL H 176 -0.75 -8.69 -15.47
N VAL H 177 -0.54 -8.81 -16.77
CA VAL H 177 0.64 -9.49 -17.26
C VAL H 177 1.41 -8.49 -18.09
N LEU H 178 2.68 -8.31 -17.72
CA LEU H 178 3.57 -7.41 -18.42
C LEU H 178 4.67 -8.28 -18.93
N ALA H 179 4.91 -8.23 -20.24
CA ALA H 179 5.97 -9.04 -20.80
C ALA H 179 6.76 -8.27 -21.82
N PHE H 180 8.07 -8.46 -21.79
CA PHE H 180 8.99 -7.85 -22.73
C PHE H 180 9.49 -9.02 -23.53
N HIS H 181 8.92 -9.21 -24.71
CA HIS H 181 9.29 -10.35 -25.53
C HIS H 181 10.72 -10.34 -26.05
N SER H 182 11.18 -9.18 -26.53
CA SER H 182 12.53 -9.07 -27.06
C SER H 182 13.62 -9.51 -26.08
N VAL H 183 13.26 -9.79 -24.84
CA VAL H 183 14.24 -10.19 -23.82
C VAL H 183 13.88 -11.48 -23.09
N GLY H 184 12.61 -11.87 -23.17
CA GLY H 184 12.18 -13.09 -22.52
C GLY H 184 11.78 -12.96 -21.06
N THR H 185 11.17 -11.83 -20.72
CA THR H 185 10.73 -11.60 -19.35
C THR H 185 9.22 -11.47 -19.25
N VAL H 186 8.67 -12.01 -18.18
CA VAL H 186 7.23 -11.96 -17.95
C VAL H 186 6.96 -11.60 -16.50
N TYR H 187 6.00 -10.70 -16.31
CA TYR H 187 5.64 -10.27 -14.98
C TYR H 187 4.14 -10.45 -14.83
N THR H 188 3.74 -11.08 -13.73
CA THR H 188 2.32 -11.29 -13.49
C THR H 188 1.93 -10.88 -12.08
N LEU H 189 0.93 -10.01 -11.99
CA LEU H 189 0.42 -9.51 -10.71
C LEU H 189 -1.08 -9.60 -10.73
N SER H 190 -1.67 -10.16 -9.68
CA SER H 190 -3.12 -10.26 -9.64
C SER H 190 -3.68 -10.08 -8.22
N ASN H 191 -4.80 -9.38 -8.13
CA ASN H 191 -5.43 -9.14 -6.84
C ASN H 191 -6.94 -9.12 -7.04
N ILE H 192 -7.69 -9.27 -5.95
CA ILE H 192 -9.14 -9.27 -6.02
C ILE H 192 -9.75 -7.86 -6.03
N VAL H 193 -10.66 -7.60 -6.95
CA VAL H 193 -11.29 -6.29 -7.06
C VAL H 193 -12.77 -6.43 -7.35
N ASP H 194 -13.61 -5.81 -6.52
CA ASP H 194 -15.05 -5.90 -6.72
C ASP H 194 -15.60 -4.70 -7.51
N LEU H 195 -15.42 -4.72 -8.83
CA LEU H 195 -15.89 -3.62 -9.67
C LEU H 195 -17.22 -2.98 -9.33
N LYS H 196 -18.25 -3.81 -9.11
CA LYS H 196 -19.56 -3.30 -8.80
C LYS H 196 -19.52 -2.40 -7.57
N GLN H 197 -18.86 -2.90 -6.53
CA GLN H 197 -18.75 -2.21 -5.25
C GLN H 197 -17.85 -0.98 -5.28
N GLU H 198 -16.92 -0.94 -6.23
CA GLU H 198 -15.98 0.17 -6.34
C GLU H 198 -16.39 1.30 -7.28
N PHE H 199 -17.48 1.12 -8.03
CA PHE H 199 -17.99 2.15 -8.96
C PHE H 199 -19.51 2.16 -8.82
N PRO H 200 -20.02 2.30 -7.60
CA PRO H 200 -21.46 2.31 -7.32
C PRO H 200 -22.27 3.50 -7.81
N ASN H 201 -21.62 4.49 -8.40
CA ASN H 201 -22.37 5.64 -8.86
C ASN H 201 -22.62 5.67 -10.36
N SER H 202 -21.93 4.80 -11.09
CA SER H 202 -22.10 4.75 -12.54
C SER H 202 -21.93 3.33 -13.07
N GLU H 203 -22.96 2.82 -13.73
CA GLU H 203 -22.91 1.48 -14.32
C GLU H 203 -22.00 1.59 -15.53
N TRP H 204 -21.69 2.83 -15.90
CA TRP H 204 -20.86 3.13 -17.05
C TRP H 204 -19.54 3.78 -16.63
N VAL H 205 -18.49 3.53 -17.40
CA VAL H 205 -17.18 4.12 -17.13
C VAL H 205 -16.44 4.40 -18.43
N ASN H 206 -15.59 5.42 -18.41
CA ASN H 206 -14.79 5.76 -19.58
C ASN H 206 -13.49 4.99 -19.42
N VAL H 207 -12.97 4.46 -20.52
CA VAL H 207 -11.73 3.71 -20.45
C VAL H 207 -10.64 4.48 -21.16
N GLY H 208 -9.43 4.51 -20.61
CA GLY H 208 -8.38 5.23 -21.29
C GLY H 208 -6.97 4.98 -20.78
N LEU H 209 -6.00 5.51 -21.52
CA LEU H 209 -4.60 5.39 -21.14
C LEU H 209 -4.13 6.79 -20.74
N SER H 210 -3.10 6.85 -19.90
CA SER H 210 -2.56 8.12 -19.44
C SER H 210 -1.10 8.02 -19.01
N ALA H 211 -0.39 9.14 -19.12
CA ALA H 211 1.01 9.17 -18.73
C ALA H 211 1.38 10.58 -18.30
N THR H 212 2.53 10.73 -17.62
CA THR H 212 2.99 12.03 -17.13
C THR H 212 4.51 12.06 -16.94
N THR H 213 5.12 13.23 -17.13
CA THR H 213 6.55 13.39 -16.92
C THR H 213 6.81 14.22 -15.67
N GLY H 214 8.03 14.15 -15.14
CA GLY H 214 8.41 14.85 -13.92
C GLY H 214 8.02 16.29 -13.64
N TYR H 215 8.32 16.72 -12.40
CA TYR H 215 8.05 18.07 -11.93
C TYR H 215 9.29 18.96 -12.00
N GLN H 216 10.45 18.30 -12.05
CA GLN H 216 11.73 18.99 -12.11
C GLN H 216 12.02 19.09 -13.60
N LYS H 217 13.27 19.33 -13.96
CA LYS H 217 13.60 19.38 -15.37
C LYS H 217 14.28 18.05 -15.61
N ASN H 218 14.32 17.61 -16.86
CA ASN H 218 14.96 16.34 -17.19
C ASN H 218 14.44 15.11 -16.45
N ALA H 219 13.46 15.31 -15.58
CA ALA H 219 12.87 14.18 -14.88
C ALA H 219 11.72 13.80 -15.81
N VAL H 220 12.07 13.32 -17.00
CA VAL H 220 11.03 12.97 -17.94
C VAL H 220 11.41 11.69 -18.65
N GLU H 221 10.47 11.22 -19.48
CA GLU H 221 10.64 10.02 -20.29
C GLU H 221 9.55 10.01 -21.36
N THR H 222 9.73 9.16 -22.36
CA THR H 222 8.76 9.07 -23.43
C THR H 222 7.67 8.09 -23.05
N HIS H 223 6.45 8.38 -23.50
CA HIS H 223 5.32 7.51 -23.21
C HIS H 223 4.52 7.31 -24.49
N GLU H 224 4.89 6.26 -25.24
CA GLU H 224 4.25 5.94 -26.50
C GLU H 224 3.46 4.64 -26.45
N ILE H 225 2.25 4.69 -26.98
CA ILE H 225 1.40 3.50 -27.03
C ILE H 225 1.40 3.09 -28.49
N ILE H 226 1.72 1.82 -28.75
CA ILE H 226 1.77 1.33 -30.13
C ILE H 226 0.46 0.71 -30.61
N SER H 227 -0.20 -0.04 -29.75
CA SER H 227 -1.47 -0.68 -30.10
C SER H 227 -2.34 -0.77 -28.86
N TRP H 228 -3.62 -1.07 -29.01
CA TRP H 228 -4.49 -1.15 -27.84
C TRP H 228 -5.89 -1.69 -28.10
N SER H 229 -6.16 -2.93 -27.68
CA SER H 229 -7.48 -3.52 -27.86
C SER H 229 -8.19 -3.69 -26.52
N PHE H 230 -9.51 -3.69 -26.57
CA PHE H 230 -10.31 -3.84 -25.35
C PHE H 230 -11.54 -4.67 -25.69
N THR H 231 -12.17 -5.21 -24.66
CA THR H 231 -13.37 -6.01 -24.83
C THR H 231 -14.03 -6.42 -23.52
N SER H 232 -15.21 -5.87 -23.27
CA SER H 232 -15.97 -6.20 -22.08
C SER H 232 -16.98 -7.22 -22.56
N SER H 233 -17.55 -7.98 -21.62
CA SER H 233 -18.54 -8.99 -21.92
C SER H 233 -19.50 -9.11 -20.73
N LEU H 234 -20.63 -8.40 -20.81
CA LEU H 234 -21.59 -8.40 -19.72
C LEU H 234 -22.74 -9.35 -19.96
N GLN H 235 -22.80 -10.45 -19.19
CA GLN H 235 -23.86 -11.44 -19.34
C GLN H 235 -25.20 -11.03 -18.71
N GLU H 236 -26.26 -11.72 -19.12
CA GLU H 236 -27.60 -11.45 -18.60
C GLU H 236 -28.54 -10.70 -19.52
#